data_7BEN
#
_entry.id   7BEN
#
_cell.length_a   93.188
_cell.length_b   149.794
_cell.length_c   229.099
_cell.angle_alpha   90.000
_cell.angle_beta   90.000
_cell.angle_gamma   90.000
#
_symmetry.space_group_name_H-M   'P 21 21 21'
#
loop_
_entity.id
_entity.type
_entity.pdbx_description
1 polymer 'Spike glycoprotein'
2 polymer 'COVOX-253 heavy chain'
3 polymer 'COVOX-253 light chain'
4 polymer 'COVOX-75 heavy chain'
5 polymer 'COVOX-75 light chain'
6 branched 2-acetamido-2-deoxy-beta-D-glucopyranose-(1-4)-[alpha-L-fucopyranose-(1-6)]2-acetamido-2-deoxy-beta-D-glucopyranose
7 non-polymer IMIDAZOLE
8 non-polymer GLYCEROL
9 non-polymer 'BROMIDE ION'
10 non-polymer 1-(2-METHOXY-ETHOXY)-2-{2-[2-(2-METHOXY-ETHOXY]-ETHOXY}-ETHANE
11 non-polymer DI(HYDROXYETHYL)ETHER
12 non-polymer 'IODIDE ION'
13 water water
#
loop_
_entity_poly.entity_id
_entity_poly.type
_entity_poly.pdbx_seq_one_letter_code
_entity_poly.pdbx_strand_id
1 'polypeptide(L)'
;ETGHHHHHHTNLCPFGEVFNATRFASVYAWNRKRISNCVADYSVLYNSASFSTFKCYGVSPTKLNDLCFTNVYADSFVIR
GDEVRQIAPGQTGKIADYNYKLPDDFTGCVIAWNSNNLDSKVGGNYNYLYRLFRKSNLKPFERDISTEIYQAGSTPCNGV
EGFNCYFPLQSYGFQPTNGVGYQPYRVVVLSFELLHAPATVCGKK
;
E,C
2 'polypeptide(L)'
;QVQLVQSGPEVKKPGTSVKVSCKASGFTFTTSAVQWVRQARGQRLEWIGWIVVGSGNTNYAQKFQERVTITRDMSTTTAY
MELSSLRSEDTAVYFCAAPHCNSTSCYDAFDIWGQGTMVTVSSASTKGPSVFPLAPSSKSTSGGTAALGCLVKDYFPEPV
TVSWNSGALTSGVHTFPAVLQSSGLYSLSSVVTVPSSSLGTQTYICNVNHKPSNTKVDKKVEPKSCDK
;
H,D
3 'polypeptide(L)'
;DIQMTQSPGTLSLSPGEGATLSCRASQSVSSSYLAWYQQKPGQAPRLLIYGASSGATGIPDRFSGSGSGTDFTLTISRLE
PEDFAVYYCQQYGSSPYTFGQGTKVEIKRTVAAPSVFIFPPSDEQLKSGTASVVCLLNNFYPREAKVQWKVDNALQSGNS
QESVTEQDSKDSTYSLSSTLTLSKADYEKHKVYACEVTHQGLSSPVTKSFNRGEC
;
L,F
4 'polypeptide(L)'
;QVQLVESGGGVVQPGRSLRLSCAASGFTFNNYPLHWVRQAPGKGPEWVAVISQDGGNKYYVDSVKGRFTISRDNSKNTLY
LQMNNLRAEDTALYYCARDVVVVVAARNHYYNGMDVWGQGTTVTVSSASTKGPSVFPLAPSSKSTSGGTAALGCLVKDYF
PEPVTVSWNSGALTSGVHTFPAVLQSSGLYSLSSVVTVPSSSLGTQTYICNVNHKPSNTKVDKKVEPKSCDK
;
A,G
5 'polypeptide(L)'
;DIQLTQSPSSVSASVGDRVTITCRASQGISSWLAWYQQKPGKAPKLLIYAVSSLQSGVPSRFSGSGSGTDFTLTISSLQP
EDFATYYCQQAKSFPFTFGPGTKVEIKRTVAAPSVFIFPPSDEQLKSGTASVVCLLNNFYPREAKVQWKVDNALQSGNSQ
ESVTEQDSKDSTYSLSSTLTLSKADYEKHKVYACEVTHQGLSSPVTKSFNRGEC
;
B,I
#
loop_
_chem_comp.id
_chem_comp.type
_chem_comp.name
_chem_comp.formula
BR non-polymer 'BROMIDE ION' 'Br -1'
FUC L-saccharide, alpha linking alpha-L-fucopyranose 'C6 H12 O5'
GOL non-polymer GLYCEROL 'C3 H8 O3'
IMD non-polymer IMIDAZOLE 'C3 H5 N2 1'
IOD non-polymer 'IODIDE ION' 'I -1'
NAG D-saccharide, beta linking 2-acetamido-2-deoxy-beta-D-glucopyranose 'C8 H15 N O6'
PEG non-polymer DI(HYDROXYETHYL)ETHER 'C4 H10 O3'
PG6 non-polymer 1-(2-METHOXY-ETHOXY)-2-{2-[2-(2-METHOXY-ETHOXY]-ETHOXY}-ETHANE 'C12 H26 O6'
#
# COMPACT_ATOMS: atom_id res chain seq x y z
N PRO A 14 32.68 9.23 22.68
CA PRO A 14 31.90 10.43 22.36
C PRO A 14 30.48 10.35 22.91
N PHE A 15 30.13 9.18 23.45
CA PHE A 15 28.81 8.96 24.02
C PHE A 15 28.52 9.88 25.20
N GLY A 16 29.54 10.44 25.83
CA GLY A 16 29.33 11.26 27.02
C GLY A 16 28.39 12.43 26.77
N GLU A 17 28.53 13.11 25.63
CA GLU A 17 27.67 14.24 25.32
C GLU A 17 26.35 13.84 24.69
N VAL A 18 26.17 12.57 24.35
CA VAL A 18 24.92 12.10 23.76
C VAL A 18 23.97 11.58 24.83
N PHE A 19 24.49 10.85 25.82
CA PHE A 19 23.66 10.32 26.89
C PHE A 19 23.40 11.36 27.96
N ASN A 20 24.45 12.00 28.47
CA ASN A 20 24.33 12.97 29.55
C ASN A 20 24.09 14.38 29.03
N ALA A 21 23.39 14.53 27.90
CA ALA A 21 23.09 15.84 27.38
C ALA A 21 22.15 16.59 28.31
N THR A 22 22.22 17.92 28.25
CA THR A 22 21.40 18.76 29.12
C THR A 22 19.93 18.65 28.75
N ARG A 23 19.61 18.68 27.46
CA ARG A 23 18.24 18.60 26.98
C ARG A 23 18.13 17.68 25.78
N PHE A 24 17.10 16.84 25.77
CA PHE A 24 16.82 15.94 24.67
C PHE A 24 15.73 16.53 23.78
N ALA A 25 15.51 15.86 22.65
CA ALA A 25 14.51 16.29 21.68
C ALA A 25 13.18 15.59 21.92
N SER A 26 12.11 16.20 21.41
CA SER A 26 10.81 15.55 21.42
C SER A 26 10.83 14.35 20.48
N VAL A 27 9.95 13.39 20.76
CA VAL A 27 9.97 12.14 19.99
C VAL A 27 9.55 12.40 18.55
N TYR A 28 8.62 13.34 18.31
CA TYR A 28 8.24 13.63 16.94
C TYR A 28 9.36 14.33 16.19
N ALA A 29 10.18 15.12 16.89
CA ALA A 29 11.32 15.76 16.25
C ALA A 29 12.62 15.14 16.73
N TRP A 30 12.74 13.82 16.60
CA TRP A 30 13.89 13.11 17.16
C TRP A 30 15.18 13.51 16.46
N ASN A 31 16.24 13.64 17.24
CA ASN A 31 17.53 14.11 16.78
C ASN A 31 18.42 12.92 16.45
N ARG A 32 19.25 13.06 15.41
CA ARG A 32 20.16 12.02 14.99
C ARG A 32 21.58 12.54 15.01
N LYS A 33 22.43 11.89 15.80
CA LYS A 33 23.87 12.15 15.82
C LYS A 33 24.59 11.04 15.06
N ARG A 34 25.55 11.42 14.24
CA ARG A 34 26.27 10.46 13.40
C ARG A 34 27.63 10.20 14.03
N ILE A 35 27.95 8.93 14.23
CA ILE A 35 29.21 8.53 14.87
C ILE A 35 29.89 7.51 13.96
N SER A 36 31.00 7.92 13.34
CA SER A 36 31.75 7.05 12.44
C SER A 36 33.17 6.88 12.96
N ASN A 37 33.53 5.63 13.28
CA ASN A 37 34.90 5.24 13.57
C ASN A 37 35.51 5.99 14.75
N CYS A 38 35.21 5.59 15.98
CA CYS A 38 35.86 6.23 17.14
C CYS A 38 36.01 5.20 18.25
N VAL A 39 36.19 5.68 19.48
CA VAL A 39 36.36 4.84 20.66
C VAL A 39 34.98 4.50 21.22
N ALA A 40 34.81 3.26 21.64
CA ALA A 40 33.52 2.82 22.19
C ALA A 40 33.74 1.62 23.12
N ASP A 41 32.95 1.57 24.20
CA ASP A 41 33.02 0.46 25.15
C ASP A 41 31.61 0.28 25.73
N TYR A 42 30.79 -0.53 25.05
CA TYR A 42 29.43 -0.77 25.51
C TYR A 42 29.36 -1.76 26.66
N SER A 43 30.46 -2.00 27.36
CA SER A 43 30.46 -2.91 28.49
C SER A 43 30.09 -2.20 29.78
N VAL A 44 30.48 -0.93 29.92
CA VAL A 44 30.13 -0.16 31.10
C VAL A 44 28.70 0.34 31.06
N LEU A 45 28.03 0.24 29.91
CA LEU A 45 26.62 0.61 29.81
C LEU A 45 25.68 -0.56 30.11
N TYR A 46 26.03 -1.77 29.65
CA TYR A 46 25.23 -2.95 29.97
C TYR A 46 25.28 -3.28 31.45
N ASN A 47 26.39 -2.99 32.11
CA ASN A 47 26.58 -3.29 33.53
C ASN A 47 25.94 -2.24 34.43
N SER A 48 25.24 -1.26 33.86
CA SER A 48 24.75 -0.12 34.63
C SER A 48 23.26 -0.29 34.91
N ALA A 49 22.91 -0.27 36.19
CA ALA A 49 21.51 -0.25 36.58
C ALA A 49 20.84 1.08 36.29
N SER A 50 21.62 2.12 35.99
CA SER A 50 21.05 3.40 35.61
C SER A 50 20.16 3.28 34.38
N PHE A 51 20.55 2.44 33.43
CA PHE A 51 19.79 2.26 32.20
C PHE A 51 18.67 1.27 32.44
N SER A 52 17.43 1.76 32.45
CA SER A 52 16.28 0.90 32.65
C SER A 52 16.07 -0.08 31.49
N THR A 53 16.66 0.20 30.33
CA THR A 53 16.49 -0.64 29.15
C THR A 53 17.79 -0.67 28.37
N PHE A 54 18.28 -1.87 28.07
CA PHE A 54 19.43 -2.06 27.19
C PHE A 54 19.15 -3.34 26.41
N LYS A 55 18.58 -3.20 25.22
CA LYS A 55 18.17 -4.31 24.40
C LYS A 55 18.72 -4.12 23.00
N CYS A 56 19.38 -5.16 22.47
CA CYS A 56 19.99 -5.11 21.15
C CYS A 56 19.30 -6.12 20.23
N TYR A 57 19.28 -5.78 18.94
CA TYR A 57 18.58 -6.57 17.93
C TYR A 57 19.53 -6.83 16.78
N GLY A 58 19.58 -8.08 16.32
CA GLY A 58 20.52 -8.51 15.30
C GLY A 58 21.94 -8.72 15.78
N VAL A 59 22.26 -8.32 17.01
CA VAL A 59 23.59 -8.50 17.57
C VAL A 59 23.43 -8.68 19.08
N SER A 60 24.22 -9.59 19.66
CA SER A 60 23.97 -9.81 21.08
C SER A 60 24.83 -8.90 21.95
N PRO A 61 24.25 -8.29 23.00
CA PRO A 61 24.99 -7.48 23.98
C PRO A 61 25.75 -8.35 24.98
N ASN A 65 29.97 -8.24 21.39
CA ASN A 65 30.09 -6.97 22.09
C ASN A 65 31.00 -6.00 21.35
N ASP A 66 32.22 -6.43 21.06
CA ASP A 66 33.21 -5.60 20.37
C ASP A 66 33.37 -6.08 18.94
N LEU A 67 32.32 -5.80 18.15
CA LEU A 67 32.28 -6.07 16.72
C LEU A 67 32.63 -4.79 15.97
N CYS A 68 32.55 -4.84 14.64
CA CYS A 68 32.90 -3.69 13.82
C CYS A 68 31.87 -3.48 12.72
N PHE A 69 31.40 -2.23 12.61
CA PHE A 69 30.52 -1.77 11.54
C PHE A 69 31.05 -0.43 11.04
N THR A 70 30.64 -0.05 9.82
CA THR A 70 31.21 1.14 9.19
C THR A 70 30.73 2.42 9.88
N ASN A 71 29.46 2.46 10.32
CA ASN A 71 28.91 3.69 10.87
C ASN A 71 28.00 3.37 12.05
N VAL A 72 27.79 4.37 12.90
CA VAL A 72 26.88 4.30 14.03
C VAL A 72 26.04 5.57 14.06
N TYR A 73 24.73 5.42 14.15
CA TYR A 73 23.80 6.53 14.30
C TYR A 73 23.24 6.51 15.72
N ALA A 74 23.12 7.70 16.32
CA ALA A 74 22.59 7.85 17.67
C ALA A 74 21.32 8.71 17.59
N ASP A 75 20.16 8.06 17.60
CA ASP A 75 18.89 8.75 17.65
C ASP A 75 18.45 8.87 19.10
N SER A 76 18.08 10.08 19.51
CA SER A 76 17.71 10.34 20.90
C SER A 76 16.42 11.15 20.95
N PHE A 77 15.62 10.88 21.97
CA PHE A 77 14.33 11.55 22.18
C PHE A 77 13.83 11.17 23.56
N VAL A 78 12.69 11.73 23.95
CA VAL A 78 12.08 11.47 25.25
C VAL A 78 10.65 10.98 25.04
N ILE A 79 10.30 9.89 25.72
CA ILE A 79 8.93 9.39 25.77
C ILE A 79 8.61 9.06 27.22
N ARG A 80 7.47 8.42 27.47
CA ARG A 80 7.16 7.98 28.82
C ARG A 80 7.38 6.48 28.96
N GLY A 81 7.48 6.02 30.20
CA GLY A 81 7.93 4.67 30.47
C GLY A 81 7.09 3.60 29.79
N ASP A 82 5.77 3.81 29.75
CA ASP A 82 4.88 2.84 29.11
C ASP A 82 5.16 2.68 27.62
N GLU A 83 5.82 3.66 27.00
CA GLU A 83 6.04 3.66 25.56
C GLU A 83 7.41 3.11 25.15
N VAL A 84 8.31 2.84 26.10
CA VAL A 84 9.64 2.36 25.75
C VAL A 84 9.56 0.99 25.08
N ARG A 85 8.53 0.21 25.38
CA ARG A 85 8.36 -1.07 24.70
C ARG A 85 8.07 -0.92 23.21
N GLN A 86 7.64 0.28 22.77
CA GLN A 86 7.37 0.49 21.36
C GLN A 86 8.64 0.74 20.55
N ILE A 87 9.74 1.10 21.20
CA ILE A 87 10.99 1.33 20.50
C ILE A 87 11.66 -0.03 20.26
N ALA A 88 11.06 -0.81 19.36
CA ALA A 88 11.55 -2.15 19.03
C ALA A 88 10.94 -2.54 17.70
N PRO A 89 11.58 -3.44 16.94
CA PRO A 89 11.02 -3.84 15.65
C PRO A 89 9.68 -4.53 15.82
N GLY A 90 8.78 -4.28 14.87
CA GLY A 90 7.48 -4.94 14.86
C GLY A 90 6.52 -4.50 15.94
N GLN A 91 6.62 -3.24 16.38
CA GLN A 91 5.75 -2.72 17.41
C GLN A 91 4.75 -1.72 16.84
N THR A 92 3.64 -1.56 17.53
CA THR A 92 2.59 -0.63 17.15
C THR A 92 2.19 0.21 18.35
N GLY A 93 1.66 1.39 18.07
CA GLY A 93 1.29 2.34 19.12
C GLY A 93 1.53 3.77 18.71
N LYS A 94 1.25 4.72 19.60
CA LYS A 94 1.44 6.13 19.30
C LYS A 94 2.85 6.43 18.81
N ILE A 95 3.85 5.91 19.52
CA ILE A 95 5.23 6.23 19.18
C ILE A 95 5.67 5.49 17.92
N ALA A 96 5.42 4.18 17.87
CA ALA A 96 5.88 3.39 16.74
C ALA A 96 5.20 3.81 15.45
N ASP A 97 3.93 4.18 15.51
CA ASP A 97 3.17 4.48 14.29
C ASP A 97 3.30 5.94 13.87
N TYR A 98 3.34 6.87 14.82
CA TYR A 98 3.28 8.29 14.49
C TYR A 98 4.53 9.07 14.85
N ASN A 99 5.52 8.47 15.50
CA ASN A 99 6.65 9.25 15.99
C ASN A 99 8.00 8.67 15.57
N TYR A 100 8.20 7.37 15.80
CA TYR A 100 9.50 6.75 15.55
C TYR A 100 9.29 5.28 15.29
N LYS A 101 9.58 4.83 14.07
CA LYS A 101 9.41 3.44 13.66
C LYS A 101 10.77 2.80 13.42
N LEU A 102 11.00 1.64 14.05
CA LEU A 102 12.19 0.85 13.78
C LEU A 102 11.85 -0.25 12.78
N PRO A 103 12.67 -0.46 11.76
CA PRO A 103 12.37 -1.48 10.77
C PRO A 103 12.46 -2.88 11.36
N ASP A 104 11.86 -3.84 10.65
CA ASP A 104 11.86 -5.22 11.12
C ASP A 104 13.28 -5.79 11.15
N ASP A 105 14.10 -5.43 10.16
CA ASP A 105 15.48 -5.89 10.09
C ASP A 105 16.45 -4.94 10.78
N PHE A 106 15.98 -4.21 11.79
CA PHE A 106 16.84 -3.28 12.51
C PHE A 106 18.00 -4.02 13.17
N THR A 107 19.20 -3.50 12.98
CA THR A 107 20.42 -4.05 13.59
C THR A 107 21.03 -2.96 14.45
N GLY A 108 20.81 -3.05 15.76
CA GLY A 108 21.35 -2.06 16.67
C GLY A 108 20.86 -2.30 18.07
N CYS A 109 20.90 -1.25 18.88
CA CYS A 109 20.51 -1.34 20.28
C CYS A 109 19.64 -0.15 20.65
N VAL A 110 18.77 -0.36 21.65
CA VAL A 110 17.92 0.68 22.20
C VAL A 110 18.22 0.80 23.68
N ILE A 111 18.53 2.02 24.13
CA ILE A 111 18.92 2.28 25.51
C ILE A 111 18.01 3.36 26.08
N ALA A 112 17.54 3.15 27.30
CA ALA A 112 16.63 4.11 27.94
C ALA A 112 16.92 4.16 29.43
N TRP A 113 16.65 5.32 30.03
CA TRP A 113 16.77 5.50 31.47
C TRP A 113 15.75 6.53 31.93
N ASN A 114 15.32 6.40 33.18
CA ASN A 114 14.34 7.30 33.75
C ASN A 114 14.93 8.70 33.91
N SER A 115 14.31 9.69 33.29
CA SER A 115 14.76 11.08 33.36
C SER A 115 13.71 11.95 34.06
N ASN A 116 13.11 11.43 35.12
CA ASN A 116 12.09 12.19 35.84
C ASN A 116 12.69 13.43 36.50
N ASN A 117 13.89 13.29 37.08
CA ASN A 117 14.50 14.39 37.80
C ASN A 117 14.88 15.56 36.89
N LEU A 118 14.98 15.34 35.59
CA LEU A 118 15.37 16.38 34.65
C LEU A 118 14.20 16.92 33.84
N ASP A 119 13.35 16.05 33.32
CA ASP A 119 12.35 16.44 32.33
C ASP A 119 10.95 16.56 32.90
N SER A 120 10.77 16.37 34.20
CA SER A 120 9.46 16.51 34.84
C SER A 120 9.43 17.80 35.62
N LYS A 121 8.27 18.47 35.60
CA LYS A 121 8.07 19.73 36.27
C LYS A 121 6.78 19.65 37.08
N VAL A 122 6.78 20.26 38.26
CA VAL A 122 5.56 20.33 39.04
C VAL A 122 4.56 21.21 38.28
N GLY A 123 3.37 20.67 38.05
CA GLY A 123 2.40 21.34 37.21
C GLY A 123 2.44 20.92 35.76
N GLY A 124 3.47 20.17 35.34
CA GLY A 124 3.55 19.66 33.99
C GLY A 124 4.56 20.37 33.11
N ASN A 125 5.38 19.60 32.41
CA ASN A 125 6.34 20.15 31.46
C ASN A 125 5.68 20.27 30.09
N TYR A 126 5.97 21.38 29.41
CA TYR A 126 5.36 21.70 28.13
C TYR A 126 6.34 21.59 26.96
N ASN A 127 7.54 21.09 27.20
CA ASN A 127 8.59 21.10 26.20
C ASN A 127 8.67 19.83 25.36
N TYR A 128 8.19 18.71 25.87
CA TYR A 128 8.23 17.44 25.16
C TYR A 128 6.86 17.16 24.57
N LEU A 129 6.81 16.94 23.26
CA LEU A 129 5.58 16.71 22.52
C LEU A 129 5.63 15.35 21.84
N TYR A 130 4.46 14.88 21.42
CA TYR A 130 4.36 13.65 20.64
C TYR A 130 3.21 13.80 19.66
N ARG A 131 3.38 13.23 18.47
CA ARG A 131 2.34 13.32 17.45
C ARG A 131 1.15 12.45 17.84
N LEU A 132 -0.04 13.04 17.84
CA LEU A 132 -1.25 12.36 18.26
C LEU A 132 -2.08 11.82 17.11
N PHE A 133 -2.09 12.50 15.96
CA PHE A 133 -2.84 12.06 14.80
C PHE A 133 -1.95 12.04 13.56
N ARG A 134 -2.22 11.08 12.68
CA ARG A 134 -1.57 11.02 11.38
C ARG A 134 -2.38 10.06 10.51
N LYS A 135 -2.53 10.42 9.22
CA LYS A 135 -3.38 9.62 8.35
C LYS A 135 -2.74 8.29 7.96
N SER A 136 -1.40 8.24 7.92
CA SER A 136 -0.70 7.01 7.60
C SER A 136 0.47 6.83 8.55
N ASN A 137 0.95 5.59 8.64
CA ASN A 137 2.04 5.26 9.55
C ASN A 137 3.38 5.68 8.97
N LEU A 138 4.33 5.94 9.86
CA LEU A 138 5.67 6.34 9.43
C LEU A 138 6.43 5.15 8.85
N LYS A 139 7.20 5.43 7.80
CA LYS A 139 8.19 4.46 7.34
C LYS A 139 9.32 4.38 8.37
N PRO A 140 10.09 3.30 8.35
CA PRO A 140 11.21 3.18 9.29
C PRO A 140 12.16 4.37 9.18
N PHE A 141 12.48 4.95 10.34
CA PHE A 141 13.39 6.10 10.44
C PHE A 141 12.85 7.32 9.70
N GLU A 142 11.53 7.46 9.62
CA GLU A 142 10.92 8.65 9.06
C GLU A 142 10.70 9.67 10.16
N ARG A 143 10.86 10.95 9.82
CA ARG A 143 10.79 12.04 10.79
C ARG A 143 9.76 13.05 10.31
N ASP A 144 8.69 13.21 11.09
CA ASP A 144 7.58 14.09 10.73
C ASP A 144 7.44 15.17 11.80
N ILE A 145 7.60 16.43 11.39
CA ILE A 145 7.55 17.55 12.31
C ILE A 145 6.53 18.57 11.82
N SER A 146 5.67 18.15 10.88
CA SER A 146 4.67 19.04 10.33
C SER A 146 3.60 19.34 11.37
N THR A 147 3.12 20.58 11.37
CA THR A 147 2.09 21.02 12.30
C THR A 147 0.78 21.31 11.59
N GLU A 148 0.52 20.61 10.49
CA GLU A 148 -0.74 20.79 9.77
C GLU A 148 -1.91 20.29 10.59
N ILE A 149 -3.03 21.01 10.53
CA ILE A 149 -4.21 20.63 11.28
C ILE A 149 -4.75 19.31 10.75
N TYR A 150 -4.97 18.35 11.64
CA TYR A 150 -5.41 17.02 11.25
C TYR A 150 -6.90 17.05 10.93
N GLN A 151 -7.25 16.73 9.68
CA GLN A 151 -8.64 16.65 9.26
C GLN A 151 -9.15 15.24 9.54
N ALA A 152 -9.94 15.11 10.61
CA ALA A 152 -10.50 13.82 10.97
C ALA A 152 -11.82 13.51 10.28
N GLY A 153 -12.52 14.53 9.78
CA GLY A 153 -13.75 14.35 9.06
C GLY A 153 -13.60 14.56 7.57
N SER A 154 -14.74 14.63 6.89
CA SER A 154 -14.74 14.93 5.47
C SER A 154 -14.62 16.42 5.20
N THR A 155 -15.16 17.24 6.09
CA THR A 155 -15.11 18.68 5.87
C THR A 155 -13.67 19.18 6.03
N PRO A 156 -13.18 20.00 5.10
CA PRO A 156 -11.78 20.45 5.19
C PRO A 156 -11.60 21.51 6.27
N CYS A 157 -10.59 21.31 7.10
CA CYS A 157 -10.17 22.37 8.00
C CYS A 157 -9.40 23.42 7.19
N ASN A 158 -9.62 24.69 7.52
CA ASN A 158 -8.94 25.76 6.80
C ASN A 158 -7.93 26.44 7.72
N GLY A 159 -7.13 25.64 8.41
CA GLY A 159 -6.16 26.14 9.37
C GLY A 159 -6.71 26.39 10.76
N VAL A 160 -8.01 26.24 10.96
CA VAL A 160 -8.66 26.50 12.24
C VAL A 160 -9.07 25.17 12.85
N GLU A 161 -8.82 25.01 14.15
CA GLU A 161 -9.21 23.81 14.87
C GLU A 161 -10.69 23.84 15.22
N GLY A 162 -11.24 22.66 15.48
CA GLY A 162 -12.63 22.55 15.86
C GLY A 162 -13.08 21.10 15.88
N PHE A 163 -14.37 20.91 15.62
CA PHE A 163 -14.93 19.56 15.51
C PHE A 163 -14.28 18.84 14.34
N ASN A 164 -13.68 17.67 14.62
CA ASN A 164 -12.95 16.86 13.65
C ASN A 164 -11.76 17.60 13.05
N CYS A 165 -11.28 18.64 13.71
CA CYS A 165 -10.11 19.40 13.27
C CYS A 165 -9.23 19.62 14.49
N TYR A 166 -8.23 18.78 14.68
CA TYR A 166 -7.44 18.76 15.90
C TYR A 166 -5.97 19.04 15.59
N PHE A 167 -5.30 19.64 16.56
CA PHE A 167 -3.86 19.85 16.44
C PHE A 167 -3.15 18.50 16.53
N PRO A 168 -2.18 18.22 15.65
CA PRO A 168 -1.61 16.87 15.59
C PRO A 168 -0.65 16.55 16.72
N LEU A 169 -0.10 17.54 17.40
CA LEU A 169 0.84 17.31 18.49
C LEU A 169 0.16 17.53 19.83
N GLN A 170 0.55 16.73 20.82
CA GLN A 170 0.07 16.90 22.18
C GLN A 170 1.25 16.84 23.15
N SER A 171 1.11 17.55 24.27
CA SER A 171 2.15 17.63 25.27
C SER A 171 2.02 16.49 26.27
N TYR A 172 3.17 15.99 26.73
CA TYR A 172 3.16 14.93 27.73
C TYR A 172 2.72 15.45 29.09
N GLY A 173 3.11 16.68 29.44
CA GLY A 173 2.83 17.24 30.74
C GLY A 173 3.46 16.45 31.87
N PHE A 174 4.77 16.24 31.77
CA PHE A 174 5.48 15.41 32.74
C PHE A 174 5.48 16.07 34.11
N GLN A 175 5.09 15.29 35.13
CA GLN A 175 5.06 15.71 36.52
C GLN A 175 5.86 14.74 37.37
N PRO A 176 6.53 15.22 38.41
CA PRO A 176 7.29 14.31 39.27
C PRO A 176 6.40 13.34 40.04
N THR A 177 5.16 13.71 40.32
CA THR A 177 4.24 12.85 41.03
C THR A 177 3.59 11.80 40.14
N ASN A 178 3.83 11.85 38.83
CA ASN A 178 3.25 10.87 37.92
C ASN A 178 3.71 9.46 38.27
N GLY A 179 2.90 8.49 37.88
CA GLY A 179 3.35 7.11 37.93
C GLY A 179 4.57 6.89 37.07
N VAL A 180 5.41 5.94 37.48
CA VAL A 180 6.66 5.69 36.78
C VAL A 180 6.41 5.32 35.32
N GLY A 181 5.26 4.72 35.02
CA GLY A 181 4.90 4.45 33.64
C GLY A 181 4.63 5.69 32.83
N TYR A 182 4.25 6.79 33.49
CA TYR A 182 3.97 8.06 32.83
C TYR A 182 5.08 9.08 33.03
N GLN A 183 6.19 8.68 33.66
CA GLN A 183 7.31 9.58 33.86
C GLN A 183 8.16 9.67 32.60
N PRO A 184 8.94 10.73 32.44
CA PRO A 184 9.75 10.86 31.23
C PRO A 184 10.92 9.88 31.22
N TYR A 185 11.22 9.38 30.02
CA TYR A 185 12.35 8.49 29.81
C TYR A 185 13.13 8.96 28.60
N ARG A 186 14.44 9.13 28.76
CA ARG A 186 15.30 9.50 27.64
C ARG A 186 15.78 8.23 26.95
N VAL A 187 15.58 8.15 25.63
CA VAL A 187 15.87 6.96 24.85
C VAL A 187 16.97 7.29 23.85
N VAL A 188 17.94 6.38 23.73
CA VAL A 188 19.01 6.48 22.75
C VAL A 188 18.99 5.20 21.91
N VAL A 189 18.88 5.36 20.60
CA VAL A 189 18.80 4.23 19.66
C VAL A 189 20.08 4.23 18.83
N LEU A 190 20.92 3.22 19.04
CA LEU A 190 22.14 3.04 18.27
C LEU A 190 21.86 2.07 17.14
N SER A 191 22.13 2.50 15.91
CA SER A 191 22.03 1.65 14.73
C SER A 191 23.40 1.51 14.08
N PHE A 192 23.71 0.30 13.63
CA PHE A 192 24.98 0.01 12.99
C PHE A 192 24.73 -0.46 11.57
N GLU A 193 25.35 0.20 10.61
CA GLU A 193 25.16 -0.14 9.19
C GLU A 193 26.45 -0.68 8.58
N GLN B 1 -22.38 -3.17 16.79
CA GLN B 1 -23.05 -2.58 17.95
C GLN B 1 -22.33 -1.30 18.35
N VAL B 2 -22.44 -0.28 17.50
CA VAL B 2 -21.88 1.04 17.77
C VAL B 2 -22.72 1.72 18.85
N GLN B 3 -22.29 1.60 20.10
CA GLN B 3 -23.11 1.91 21.26
C GLN B 3 -22.47 3.01 22.09
N LEU B 4 -23.30 3.65 22.92
CA LEU B 4 -22.85 4.67 23.86
C LEU B 4 -23.75 4.51 25.09
N VAL B 5 -23.22 3.90 26.15
CA VAL B 5 -24.01 3.55 27.33
C VAL B 5 -23.63 4.47 28.48
N GLN B 6 -24.64 4.94 29.20
CA GLN B 6 -24.46 5.89 30.29
C GLN B 6 -24.75 5.22 31.63
N SER B 7 -24.48 5.97 32.70
CA SER B 7 -24.70 5.49 34.06
C SER B 7 -26.20 5.36 34.34
N GLY B 8 -26.52 4.80 35.50
CA GLY B 8 -27.89 4.69 35.94
C GLY B 8 -28.37 5.96 36.60
N PRO B 9 -29.63 5.93 37.05
CA PRO B 9 -30.21 7.13 37.67
C PRO B 9 -29.50 7.48 38.97
N GLU B 10 -29.42 8.78 39.23
CA GLU B 10 -28.73 9.30 40.40
C GLU B 10 -29.67 10.19 41.22
N VAL B 11 -29.56 10.08 42.54
CA VAL B 11 -30.34 10.88 43.48
C VAL B 11 -29.38 11.36 44.56
N LYS B 12 -29.02 12.65 44.51
CA LYS B 12 -28.06 13.23 45.44
C LYS B 12 -28.68 14.40 46.18
N LYS B 13 -28.12 14.68 47.35
CA LYS B 13 -28.52 15.83 48.16
C LYS B 13 -27.89 17.10 47.62
N PRO B 14 -28.51 18.26 47.89
CA PRO B 14 -27.92 19.52 47.46
C PRO B 14 -26.55 19.74 48.08
N GLY B 15 -25.63 20.29 47.28
CA GLY B 15 -24.29 20.56 47.75
C GLY B 15 -23.28 19.46 47.54
N THR B 16 -23.70 18.33 46.97
CA THR B 16 -22.81 17.21 46.71
C THR B 16 -22.39 17.23 45.24
N SER B 17 -21.74 16.15 44.79
CA SER B 17 -21.27 16.03 43.42
C SER B 17 -21.75 14.71 42.83
N VAL B 18 -21.98 14.72 41.53
CA VAL B 18 -22.32 13.52 40.78
C VAL B 18 -21.35 13.39 39.61
N LYS B 19 -20.99 12.15 39.29
CA LYS B 19 -20.11 11.87 38.16
C LYS B 19 -20.82 10.84 37.27
N VAL B 20 -21.29 11.29 36.12
CA VAL B 20 -22.00 10.43 35.18
C VAL B 20 -21.00 9.83 34.20
N SER B 21 -21.12 8.53 33.99
CA SER B 21 -20.24 7.80 33.07
C SER B 21 -20.91 7.64 31.71
N CYS B 22 -20.06 7.44 30.68
CA CYS B 22 -20.51 7.25 29.31
C CYS B 22 -19.46 6.40 28.61
N LYS B 23 -19.80 5.14 28.32
CA LYS B 23 -18.85 4.18 27.78
C LYS B 23 -19.12 3.95 26.30
N ALA B 24 -18.06 3.91 25.50
CA ALA B 24 -18.15 3.72 24.07
C ALA B 24 -17.98 2.25 23.70
N SER B 25 -18.45 1.90 22.51
CA SER B 25 -18.36 0.54 21.98
C SER B 25 -18.64 0.58 20.49
N GLY B 26 -18.05 -0.37 19.77
CA GLY B 26 -18.27 -0.48 18.34
C GLY B 26 -17.23 0.28 17.53
N PHE B 27 -17.11 1.57 17.78
CA PHE B 27 -16.10 2.39 17.13
C PHE B 27 -14.86 2.51 18.01
N THR B 28 -13.80 3.07 17.43
CA THR B 28 -12.54 3.29 18.14
C THR B 28 -12.63 4.63 18.88
N PHE B 29 -12.80 4.54 20.20
CA PHE B 29 -12.95 5.73 21.05
C PHE B 29 -11.83 6.74 20.83
N THR B 30 -10.60 6.26 20.63
CA THR B 30 -9.40 7.10 20.76
C THR B 30 -9.38 8.33 19.86
N THR B 31 -10.18 8.35 18.79
CA THR B 31 -10.07 9.43 17.81
C THR B 31 -11.35 10.23 17.65
N SER B 32 -12.32 10.10 18.56
CA SER B 32 -13.57 10.80 18.45
C SER B 32 -13.64 11.89 19.51
N ALA B 33 -14.83 12.47 19.68
CA ALA B 33 -15.09 13.46 20.70
C ALA B 33 -16.45 13.17 21.32
N VAL B 34 -16.66 13.69 22.53
CA VAL B 34 -17.89 13.43 23.27
C VAL B 34 -18.41 14.75 23.80
N GLN B 35 -19.62 15.13 23.40
CA GLN B 35 -20.29 16.30 23.94
C GLN B 35 -21.34 15.85 24.96
N TRP B 36 -21.65 16.76 25.88
CA TRP B 36 -22.63 16.51 26.94
C TRP B 36 -23.74 17.54 26.83
N VAL B 37 -24.98 17.06 26.89
CA VAL B 37 -26.17 17.90 26.77
C VAL B 37 -27.13 17.53 27.88
N ARG B 38 -27.70 18.54 28.53
CA ARG B 38 -28.72 18.29 29.56
C ARG B 38 -30.08 18.75 29.07
N GLN B 39 -31.12 18.13 29.62
CA GLN B 39 -32.50 18.44 29.28
C GLN B 39 -33.33 18.34 30.53
N ALA B 40 -33.85 19.46 31.01
CA ALA B 40 -34.77 19.44 32.14
C ALA B 40 -36.15 18.97 31.66
N ARG B 41 -36.91 18.38 32.59
CA ARG B 41 -38.18 17.75 32.26
C ARG B 41 -39.10 18.72 31.51
N GLY B 42 -39.30 18.48 30.22
CA GLY B 42 -40.14 19.32 29.41
C GLY B 42 -39.49 20.56 28.84
N GLN B 43 -38.17 20.64 28.89
CA GLN B 43 -37.43 21.80 28.41
C GLN B 43 -36.59 21.42 27.18
N ARG B 44 -35.84 22.38 26.67
CA ARG B 44 -35.06 22.19 25.46
C ARG B 44 -33.72 21.53 25.78
N LEU B 45 -32.90 21.35 24.74
CA LEU B 45 -31.59 20.76 24.88
C LEU B 45 -30.57 21.86 25.15
N GLU B 46 -29.74 21.65 26.18
CA GLU B 46 -28.73 22.62 26.60
C GLU B 46 -27.36 21.99 26.46
N TRP B 47 -26.51 22.59 25.63
CA TRP B 47 -25.16 22.09 25.43
C TRP B 47 -24.30 22.46 26.63
N ILE B 48 -23.69 21.46 27.26
CA ILE B 48 -22.82 21.68 28.41
C ILE B 48 -21.38 21.87 27.99
N GLY B 49 -20.88 20.96 27.15
CA GLY B 49 -19.48 20.98 26.76
C GLY B 49 -19.10 19.70 26.06
N TRP B 50 -17.91 19.73 25.46
CA TRP B 50 -17.38 18.58 24.74
C TRP B 50 -15.91 18.40 25.08
N ILE B 51 -15.41 17.21 24.75
CA ILE B 51 -14.02 16.86 25.00
C ILE B 51 -13.52 16.03 23.82
N VAL B 52 -12.27 16.29 23.42
CA VAL B 52 -11.61 15.49 22.38
C VAL B 52 -10.93 14.32 23.08
N VAL B 53 -11.30 13.10 22.68
CA VAL B 53 -10.90 11.92 23.43
C VAL B 53 -9.39 11.73 23.41
N GLY B 54 -8.75 12.02 22.28
CA GLY B 54 -7.33 11.77 22.17
C GLY B 54 -6.49 12.70 23.03
N SER B 55 -6.81 13.99 23.01
CA SER B 55 -6.03 14.97 23.77
C SER B 55 -6.60 15.25 25.15
N GLY B 56 -7.92 15.15 25.31
CA GLY B 56 -8.54 15.56 26.56
C GLY B 56 -8.86 17.04 26.65
N ASN B 57 -8.72 17.77 25.54
CA ASN B 57 -9.02 19.20 25.56
C ASN B 57 -10.52 19.41 25.62
N THR B 58 -10.95 20.39 26.42
CA THR B 58 -12.35 20.62 26.71
C THR B 58 -12.76 22.04 26.34
N ASN B 59 -14.05 22.17 26.00
CA ASN B 59 -14.71 23.47 25.84
C ASN B 59 -16.05 23.37 26.56
N TYR B 60 -16.33 24.34 27.43
CA TYR B 60 -17.57 24.36 28.19
C TYR B 60 -18.41 25.56 27.81
N ALA B 61 -19.70 25.47 28.10
CA ALA B 61 -20.60 26.61 28.00
C ALA B 61 -20.39 27.56 29.16
N GLN B 62 -20.76 28.83 28.93
CA GLN B 62 -20.61 29.85 29.96
C GLN B 62 -21.29 29.45 31.27
N LYS B 63 -22.47 28.84 31.18
CA LYS B 63 -23.27 28.57 32.37
C LYS B 63 -22.83 27.31 33.11
N PHE B 64 -21.90 26.54 32.56
CA PHE B 64 -21.37 25.35 33.23
C PHE B 64 -19.88 25.46 33.50
N GLN B 65 -19.26 26.61 33.17
CA GLN B 65 -17.85 26.83 33.39
C GLN B 65 -17.46 26.66 34.85
N GLU B 66 -18.41 26.80 35.77
CA GLU B 66 -18.14 26.92 37.20
C GLU B 66 -18.32 25.62 37.98
N ARG B 67 -19.05 24.64 37.45
CA ARG B 67 -19.37 23.46 38.24
C ARG B 67 -19.30 22.15 37.47
N VAL B 68 -18.92 22.15 36.21
CA VAL B 68 -18.81 20.94 35.41
C VAL B 68 -17.38 20.81 34.90
N THR B 69 -16.85 19.59 34.99
CA THR B 69 -15.57 19.24 34.39
C THR B 69 -15.72 17.91 33.67
N ILE B 70 -15.34 17.88 32.39
CA ILE B 70 -15.49 16.71 31.55
C ILE B 70 -14.13 16.04 31.39
N THR B 71 -14.11 14.72 31.58
CA THR B 71 -12.89 13.92 31.46
C THR B 71 -13.18 12.68 30.62
N ARG B 72 -12.12 11.92 30.32
CA ARG B 72 -12.27 10.66 29.62
C ARG B 72 -11.13 9.75 30.06
N ASP B 73 -11.30 8.46 29.80
CA ASP B 73 -10.29 7.46 30.12
C ASP B 73 -10.25 6.47 28.96
N MET B 74 -9.26 6.65 28.08
CA MET B 74 -9.17 5.83 26.88
C MET B 74 -8.94 4.36 27.19
N SER B 75 -8.38 4.04 28.37
CA SER B 75 -8.20 2.64 28.73
C SER B 75 -9.54 1.94 28.93
N THR B 76 -10.46 2.59 29.65
CA THR B 76 -11.79 2.05 29.87
C THR B 76 -12.82 2.57 28.87
N THR B 77 -12.36 3.18 27.78
CA THR B 77 -13.20 3.73 26.69
C THR B 77 -14.45 4.41 27.23
N THR B 78 -14.25 5.27 28.23
CA THR B 78 -15.34 5.92 28.93
C THR B 78 -15.05 7.40 29.10
N ALA B 79 -16.10 8.21 28.97
CA ALA B 79 -16.04 9.65 29.22
C ALA B 79 -16.94 9.97 30.41
N TYR B 80 -16.55 10.98 31.17
CA TYR B 80 -17.23 11.32 32.42
C TYR B 80 -17.67 12.78 32.42
N MET B 81 -18.61 13.09 33.30
CA MET B 81 -19.11 14.45 33.49
C MET B 81 -19.29 14.67 34.98
N GLU B 82 -18.39 15.44 35.58
CA GLU B 82 -18.44 15.72 37.02
C GLU B 82 -19.20 17.02 37.25
N LEU B 83 -20.18 16.98 38.15
CA LEU B 83 -21.06 18.11 38.43
C LEU B 83 -21.02 18.41 39.92
N SER B 84 -20.29 19.44 40.31
CA SER B 84 -20.07 19.76 41.71
C SER B 84 -21.11 20.75 42.22
N SER B 85 -21.31 20.72 43.54
CA SER B 85 -22.21 21.63 44.25
C SER B 85 -23.62 21.59 43.64
N LEU B 86 -24.25 20.44 43.82
CA LEU B 86 -25.55 20.20 43.21
C LEU B 86 -26.65 21.03 43.88
N ARG B 87 -27.67 21.36 43.09
CA ARG B 87 -28.83 22.10 43.58
C ARG B 87 -30.04 21.65 42.77
N SER B 88 -31.22 22.03 43.27
CA SER B 88 -32.48 21.61 42.64
C SER B 88 -32.50 21.94 41.16
N GLU B 89 -31.96 23.10 40.78
CA GLU B 89 -31.93 23.52 39.38
C GLU B 89 -31.19 22.52 38.49
N ASP B 90 -30.30 21.70 39.06
CA ASP B 90 -29.55 20.73 38.28
C ASP B 90 -30.37 19.46 37.98
N THR B 91 -31.57 19.34 38.53
CA THR B 91 -32.42 18.17 38.28
C THR B 91 -32.80 18.12 36.81
N ALA B 92 -32.16 17.22 36.06
CA ALA B 92 -32.41 17.10 34.63
C ALA B 92 -31.92 15.74 34.15
N VAL B 93 -32.03 15.52 32.84
CA VAL B 93 -31.51 14.34 32.19
C VAL B 93 -30.32 14.76 31.35
N TYR B 94 -29.20 14.03 31.48
CA TYR B 94 -27.95 14.37 30.83
C TYR B 94 -27.61 13.33 29.78
N PHE B 95 -27.28 13.79 28.57
CA PHE B 95 -26.98 12.94 27.44
C PHE B 95 -25.52 13.08 27.06
N CYS B 96 -24.94 12.00 26.53
CA CYS B 96 -23.62 12.04 25.92
C CYS B 96 -23.75 11.66 24.46
N ALA B 97 -22.95 12.31 23.61
CA ALA B 97 -23.07 12.14 22.17
C ALA B 97 -21.68 12.21 21.57
N ALA B 98 -21.44 11.39 20.53
CA ALA B 98 -20.13 11.25 19.95
C ALA B 98 -20.26 10.86 18.48
N PRO B 99 -19.31 11.28 17.63
CA PRO B 99 -19.26 10.72 16.28
C PRO B 99 -18.51 9.40 16.29
N HIS B 100 -18.99 8.44 15.52
CA HIS B 100 -18.30 7.17 15.41
C HIS B 100 -17.15 7.31 14.41
N CYS B 101 -16.02 6.67 14.72
CA CYS B 101 -14.81 6.82 13.94
C CYS B 101 -14.08 5.48 13.88
N ASN B 102 -13.34 5.28 12.78
CA ASN B 102 -12.41 4.16 12.74
C ASN B 102 -11.05 4.64 13.23
N SER B 103 -9.96 4.03 12.77
CA SER B 103 -8.66 4.35 13.31
C SER B 103 -8.09 5.67 12.78
N THR B 104 -8.69 6.25 11.74
CA THR B 104 -8.13 7.46 11.15
C THR B 104 -9.14 8.55 10.79
N SER B 105 -10.41 8.24 10.61
CA SER B 105 -11.38 9.21 10.13
C SER B 105 -12.65 9.13 10.98
N CYS B 106 -13.44 10.20 10.94
CA CYS B 106 -14.60 10.35 11.81
C CYS B 106 -15.84 10.72 11.00
N TYR B 107 -16.99 10.45 11.60
CA TYR B 107 -18.25 10.94 11.06
C TYR B 107 -18.34 12.45 11.25
N ASP B 108 -19.14 13.10 10.41
CA ASP B 108 -19.19 14.56 10.37
C ASP B 108 -20.28 15.15 11.23
N ALA B 109 -20.73 14.45 12.27
CA ALA B 109 -21.75 14.97 13.18
C ALA B 109 -21.79 14.07 14.41
N PHE B 110 -22.68 14.41 15.34
CA PHE B 110 -22.89 13.60 16.54
C PHE B 110 -24.05 12.65 16.24
N ASP B 111 -23.70 11.46 15.74
CA ASP B 111 -24.70 10.47 15.35
C ASP B 111 -24.93 9.38 16.38
N ILE B 112 -23.98 9.17 17.29
CA ILE B 112 -24.14 8.20 18.36
C ILE B 112 -24.53 8.95 19.63
N TRP B 113 -25.57 8.46 20.31
CA TRP B 113 -26.08 9.11 21.51
C TRP B 113 -26.28 8.08 22.61
N GLY B 114 -26.13 8.54 23.86
CA GLY B 114 -26.36 7.68 25.00
C GLY B 114 -27.83 7.62 25.37
N GLN B 115 -28.16 6.66 26.24
CA GLN B 115 -29.54 6.49 26.65
C GLN B 115 -30.04 7.63 27.53
N GLY B 116 -29.13 8.38 28.15
CA GLY B 116 -29.53 9.45 29.04
C GLY B 116 -29.41 9.04 30.49
N THR B 117 -29.04 9.99 31.35
CA THR B 117 -28.92 9.76 32.79
C THR B 117 -29.73 10.80 33.52
N MET B 118 -30.73 10.37 34.28
CA MET B 118 -31.54 11.29 35.07
C MET B 118 -30.86 11.52 36.42
N VAL B 119 -30.68 12.79 36.77
CA VAL B 119 -30.08 13.19 38.04
C VAL B 119 -31.10 14.00 38.82
N THR B 120 -31.52 13.49 39.96
CA THR B 120 -32.47 14.17 40.83
C THR B 120 -31.73 14.78 42.02
N VAL B 121 -31.96 16.07 42.27
CA VAL B 121 -31.31 16.78 43.36
C VAL B 121 -32.41 17.42 44.21
N SER B 122 -32.53 16.95 45.45
CA SER B 122 -33.43 17.56 46.45
C SER B 122 -33.04 16.98 47.81
N SER B 123 -33.62 17.56 48.85
CA SER B 123 -33.38 17.10 50.22
C SER B 123 -34.27 15.92 50.60
N ALA B 124 -35.14 15.47 49.70
CA ALA B 124 -36.11 14.42 50.03
C ALA B 124 -35.44 13.08 50.27
N SER B 125 -36.15 12.20 50.96
CA SER B 125 -35.72 10.84 51.22
C SER B 125 -36.62 9.86 50.48
N THR B 126 -36.09 8.66 50.22
CA THR B 126 -36.84 7.64 49.53
C THR B 126 -38.12 7.29 50.29
N LYS B 127 -39.24 7.26 49.57
CA LYS B 127 -40.53 7.01 50.19
C LYS B 127 -41.48 6.42 49.16
N GLY B 128 -42.17 5.35 49.54
CA GLY B 128 -43.17 4.74 48.69
C GLY B 128 -44.43 5.56 48.60
N PRO B 129 -45.21 5.35 47.55
CA PRO B 129 -46.43 6.14 47.34
C PRO B 129 -47.65 5.55 48.02
N SER B 130 -48.53 6.45 48.44
CA SER B 130 -49.87 6.08 48.89
C SER B 130 -50.82 6.16 47.71
N VAL B 131 -51.55 5.08 47.46
CA VAL B 131 -52.40 4.94 46.28
C VAL B 131 -53.85 5.03 46.75
N PHE B 132 -54.53 6.09 46.33
CA PHE B 132 -55.92 6.28 46.68
C PHE B 132 -56.80 6.13 45.45
N PRO B 133 -58.01 5.59 45.60
CA PRO B 133 -58.86 5.35 44.43
C PRO B 133 -59.63 6.58 44.01
N LEU B 134 -59.70 6.80 42.70
CA LEU B 134 -60.56 7.82 42.11
C LEU B 134 -61.81 7.10 41.63
N ALA B 135 -62.83 7.08 42.48
CA ALA B 135 -64.02 6.27 42.26
C ALA B 135 -64.91 6.89 41.17
N PRO B 136 -65.58 6.05 40.38
CA PRO B 136 -66.46 6.58 39.33
C PRO B 136 -67.77 7.11 39.91
N SER B 137 -68.24 8.22 39.34
CA SER B 137 -69.43 8.88 39.83
C SER B 137 -70.66 7.99 39.65
N SER B 138 -71.63 8.15 40.55
CA SER B 138 -72.88 7.40 40.48
C SER B 138 -73.94 8.15 39.70
N GLY B 144 -73.05 7.25 29.06
CA GLY B 144 -72.82 5.85 28.78
C GLY B 144 -71.43 5.38 29.16
N THR B 145 -70.50 6.32 29.30
CA THR B 145 -69.12 6.03 29.70
C THR B 145 -68.79 6.77 30.98
N ALA B 146 -68.02 6.10 31.85
CA ALA B 146 -67.62 6.65 33.13
C ALA B 146 -66.10 6.64 33.24
N ALA B 147 -65.59 7.43 34.18
CA ALA B 147 -64.15 7.56 34.40
C ALA B 147 -63.80 7.18 35.82
N LEU B 148 -62.71 6.42 35.97
CA LEU B 148 -62.17 6.04 37.27
C LEU B 148 -60.66 6.05 37.19
N GLY B 149 -60.01 5.96 38.33
CA GLY B 149 -58.55 5.99 38.33
C GLY B 149 -57.98 5.81 39.72
N CYS B 150 -56.67 6.06 39.81
CA CYS B 150 -55.91 5.93 41.04
C CYS B 150 -55.08 7.20 41.26
N LEU B 151 -54.91 7.56 42.52
CA LEU B 151 -54.10 8.72 42.92
C LEU B 151 -52.82 8.21 43.59
N VAL B 152 -51.71 8.29 42.85
CA VAL B 152 -50.41 7.83 43.34
C VAL B 152 -49.72 9.04 43.95
N LYS B 153 -49.81 9.16 45.28
CA LYS B 153 -49.45 10.39 45.97
C LYS B 153 -48.25 10.19 46.89
N ASP B 154 -47.38 11.19 46.94
CA ASP B 154 -46.33 11.32 47.94
C ASP B 154 -45.33 10.16 47.86
N TYR B 155 -44.51 10.22 46.81
CA TYR B 155 -43.40 9.29 46.66
C TYR B 155 -42.16 10.05 46.23
N PHE B 156 -41.01 9.39 46.38
CA PHE B 156 -39.72 9.93 45.99
C PHE B 156 -38.73 8.79 45.93
N PRO B 157 -37.88 8.72 44.90
CA PRO B 157 -37.85 9.64 43.76
C PRO B 157 -38.69 9.18 42.57
N GLU B 158 -38.47 9.80 41.42
CA GLU B 158 -39.07 9.31 40.18
C GLU B 158 -38.36 8.03 39.75
N PRO B 159 -39.06 7.14 39.02
CA PRO B 159 -40.48 7.21 38.65
C PRO B 159 -41.32 6.12 39.30
N VAL B 160 -42.62 6.11 39.01
CA VAL B 160 -43.49 4.98 39.30
C VAL B 160 -44.05 4.49 37.97
N THR B 161 -44.47 3.22 37.96
CA THR B 161 -45.12 2.64 36.80
C THR B 161 -46.51 2.16 37.20
N VAL B 162 -47.49 2.44 36.36
CA VAL B 162 -48.88 2.10 36.63
C VAL B 162 -49.42 1.28 35.47
N SER B 163 -50.05 0.15 35.78
CA SER B 163 -50.79 -0.63 34.81
C SER B 163 -52.16 -0.94 35.39
N TRP B 164 -53.09 -1.34 34.51
CA TRP B 164 -54.46 -1.62 34.89
C TRP B 164 -54.79 -3.06 34.55
N ASN B 165 -55.37 -3.77 35.52
CA ASN B 165 -55.70 -5.20 35.39
C ASN B 165 -54.46 -6.00 34.98
N SER B 166 -53.34 -5.70 35.61
CA SER B 166 -52.06 -6.39 35.36
C SER B 166 -51.69 -6.37 33.87
N GLY B 167 -52.06 -5.29 33.18
CA GLY B 167 -51.76 -5.12 31.78
C GLY B 167 -52.89 -5.47 30.83
N ALA B 168 -53.99 -6.01 31.35
CA ALA B 168 -55.10 -6.40 30.47
C ALA B 168 -55.85 -5.19 29.95
N LEU B 169 -56.07 -4.19 30.80
CA LEU B 169 -56.80 -2.99 30.43
C LEU B 169 -55.81 -1.92 29.97
N THR B 170 -55.82 -1.62 28.67
CA THR B 170 -55.00 -0.55 28.10
C THR B 170 -55.81 0.50 27.36
N SER B 171 -56.94 0.14 26.77
CA SER B 171 -57.74 1.09 26.01
C SER B 171 -58.33 2.13 26.96
N GLY B 172 -58.16 3.40 26.61
CA GLY B 172 -58.75 4.49 27.37
C GLY B 172 -58.03 4.86 28.65
N VAL B 173 -56.79 4.41 28.84
CA VAL B 173 -56.03 4.68 30.06
C VAL B 173 -55.14 5.89 29.82
N HIS B 174 -55.17 6.83 30.75
CA HIS B 174 -54.29 8.00 30.74
C HIS B 174 -53.54 8.06 32.06
N THR B 175 -52.24 7.74 32.02
CA THR B 175 -51.35 7.94 33.16
C THR B 175 -50.60 9.24 32.93
N PHE B 176 -50.85 10.23 33.80
CA PHE B 176 -50.33 11.58 33.63
C PHE B 176 -48.90 11.67 34.16
N PRO B 177 -48.08 12.56 33.60
CA PRO B 177 -46.76 12.81 34.18
C PRO B 177 -46.90 13.44 35.57
N ALA B 178 -45.96 13.08 36.45
CA ALA B 178 -46.06 13.47 37.84
C ALA B 178 -45.67 14.93 38.03
N VAL B 179 -46.27 15.54 39.05
CA VAL B 179 -45.93 16.91 39.46
C VAL B 179 -45.17 16.84 40.77
N LEU B 180 -44.24 17.78 40.94
CA LEU B 180 -43.43 17.86 42.16
C LEU B 180 -44.10 18.83 43.12
N GLN B 181 -44.62 18.31 44.22
CA GLN B 181 -45.29 19.13 45.21
C GLN B 181 -44.28 19.94 46.02
N SER B 182 -44.79 20.94 46.73
CA SER B 182 -43.93 21.78 47.57
C SER B 182 -43.35 21.00 48.75
N SER B 183 -43.91 19.83 49.07
CA SER B 183 -43.35 18.99 50.11
C SER B 183 -42.09 18.26 49.67
N GLY B 184 -41.71 18.36 48.38
CA GLY B 184 -40.59 17.63 47.85
C GLY B 184 -40.94 16.27 47.29
N LEU B 185 -42.16 15.79 47.48
CA LEU B 185 -42.61 14.50 46.99
C LEU B 185 -43.42 14.69 45.70
N TYR B 186 -43.55 13.60 44.96
CA TYR B 186 -44.26 13.59 43.69
C TYR B 186 -45.68 13.07 43.87
N SER B 187 -46.58 13.53 43.00
CA SER B 187 -47.93 13.01 42.91
C SER B 187 -48.25 12.68 41.48
N LEU B 188 -48.96 11.58 41.27
CA LEU B 188 -49.28 11.09 39.94
C LEU B 188 -50.68 10.50 39.95
N SER B 189 -51.44 10.76 38.90
CA SER B 189 -52.78 10.22 38.76
C SER B 189 -52.87 9.46 37.43
N SER B 190 -53.54 8.31 37.48
CA SER B 190 -53.76 7.48 36.31
C SER B 190 -55.23 7.13 36.25
N VAL B 191 -55.89 7.51 35.16
CA VAL B 191 -57.33 7.36 35.02
C VAL B 191 -57.65 6.54 33.78
N VAL B 192 -58.86 6.00 33.75
CA VAL B 192 -59.34 5.21 32.62
C VAL B 192 -60.83 5.45 32.47
N THR B 193 -61.29 5.51 31.21
CA THR B 193 -62.69 5.65 30.89
C THR B 193 -63.24 4.32 30.39
N VAL B 194 -64.32 3.87 31.01
CA VAL B 194 -64.95 2.59 30.67
C VAL B 194 -66.44 2.82 30.51
N PRO B 195 -67.14 1.92 29.79
CA PRO B 195 -68.59 2.05 29.69
C PRO B 195 -69.27 1.93 31.05
N SER B 196 -70.34 2.70 31.23
CA SER B 196 -71.02 2.76 32.52
C SER B 196 -71.62 1.42 32.92
N SER B 197 -71.95 0.57 31.94
CA SER B 197 -72.58 -0.71 32.26
C SER B 197 -71.63 -1.64 33.01
N SER B 198 -70.35 -1.60 32.68
CA SER B 198 -69.38 -2.55 33.23
C SER B 198 -68.97 -2.24 34.67
N LEU B 199 -69.56 -1.22 35.30
CA LEU B 199 -69.09 -0.82 36.63
C LEU B 199 -69.40 -1.86 37.69
N GLY B 200 -70.53 -2.54 37.58
CA GLY B 200 -70.89 -3.54 38.57
C GLY B 200 -70.46 -4.95 38.26
N THR B 201 -69.86 -5.18 37.09
CA THR B 201 -69.47 -6.53 36.68
C THR B 201 -68.07 -6.57 36.09
N GLN B 202 -67.19 -5.69 36.56
CA GLN B 202 -65.80 -5.68 36.07
C GLN B 202 -64.96 -4.99 37.12
N THR B 203 -64.08 -5.75 37.79
CA THR B 203 -63.19 -5.18 38.78
C THR B 203 -62.02 -4.48 38.10
N TYR B 204 -61.74 -3.26 38.54
CA TYR B 204 -60.65 -2.47 38.00
C TYR B 204 -59.58 -2.30 39.09
N ILE B 205 -58.37 -2.76 38.80
CA ILE B 205 -57.26 -2.69 39.74
C ILE B 205 -56.09 -2.01 39.05
N CYS B 206 -55.58 -0.94 39.66
CA CYS B 206 -54.37 -0.29 39.18
C CYS B 206 -53.16 -0.89 39.88
N ASN B 207 -52.09 -1.11 39.12
CA ASN B 207 -50.88 -1.76 39.62
C ASN B 207 -49.77 -0.73 39.69
N VAL B 208 -49.47 -0.28 40.91
CA VAL B 208 -48.45 0.75 41.14
C VAL B 208 -47.19 0.07 41.66
N ASN B 209 -46.09 0.25 40.94
CA ASN B 209 -44.78 -0.27 41.34
C ASN B 209 -43.80 0.89 41.43
N HIS B 210 -43.11 0.98 42.57
CA HIS B 210 -42.09 2.01 42.80
C HIS B 210 -40.80 1.28 43.19
N LYS B 211 -39.94 1.06 42.19
CA LYS B 211 -38.70 0.32 42.42
C LYS B 211 -37.77 0.97 43.44
N PRO B 212 -37.55 2.29 43.45
CA PRO B 212 -36.63 2.85 44.46
C PRO B 212 -37.01 2.55 45.90
N SER B 213 -38.28 2.29 46.18
CA SER B 213 -38.71 1.91 47.53
C SER B 213 -39.15 0.46 47.63
N ASN B 214 -39.04 -0.32 46.54
CA ASN B 214 -39.47 -1.71 46.52
C ASN B 214 -40.93 -1.82 46.97
N THR B 215 -41.77 -0.96 46.42
CA THR B 215 -43.18 -0.89 46.77
C THR B 215 -44.03 -1.41 45.61
N LYS B 216 -44.91 -2.36 45.92
CA LYS B 216 -45.80 -2.97 44.92
C LYS B 216 -47.21 -2.93 45.48
N VAL B 217 -48.04 -2.03 44.95
CA VAL B 217 -49.39 -1.81 45.46
C VAL B 217 -50.37 -2.12 44.34
N ASP B 218 -51.31 -3.03 44.62
CA ASP B 218 -52.44 -3.31 43.74
C ASP B 218 -53.69 -2.79 44.43
N LYS B 219 -54.25 -1.70 43.91
CA LYS B 219 -55.38 -1.04 44.54
C LYS B 219 -56.62 -1.20 43.68
N LYS B 220 -57.69 -1.72 44.29
CA LYS B 220 -58.95 -1.95 43.59
C LYS B 220 -59.85 -0.72 43.73
N VAL B 221 -60.34 -0.23 42.59
CA VAL B 221 -61.18 0.96 42.56
C VAL B 221 -62.63 0.53 42.65
N GLU B 222 -63.37 1.14 43.58
CA GLU B 222 -64.74 0.73 43.82
C GLU B 222 -65.72 1.84 43.49
N PRO B 223 -66.84 1.52 42.83
CA PRO B 223 -67.95 2.48 42.78
C PRO B 223 -68.67 2.45 44.12
N LYS B 224 -68.72 3.59 44.81
CA LYS B 224 -69.30 3.67 46.14
C LYS B 224 -70.78 3.27 46.15
N ASP C 1 -21.65 34.19 22.01
CA ASP C 1 -22.09 32.89 21.50
C ASP C 1 -22.96 33.07 20.26
N ILE C 2 -23.23 31.97 19.57
CA ILE C 2 -24.11 31.97 18.41
C ILE C 2 -25.47 31.46 18.86
N GLN C 3 -26.49 32.33 18.77
CA GLN C 3 -27.84 31.95 19.21
C GLN C 3 -28.58 31.28 18.06
N MET C 4 -29.14 30.10 18.32
CA MET C 4 -29.93 29.36 17.36
C MET C 4 -31.40 29.49 17.75
N THR C 5 -32.22 29.96 16.82
CA THR C 5 -33.65 30.12 17.04
C THR C 5 -34.41 29.32 16.00
N GLN C 6 -35.43 28.59 16.44
CA GLN C 6 -36.22 27.72 15.58
C GLN C 6 -37.65 28.25 15.45
N SER C 7 -38.29 27.89 14.34
CA SER C 7 -39.68 28.25 14.11
C SER C 7 -40.29 27.20 13.19
N PRO C 8 -41.59 26.92 13.36
CA PRO C 8 -42.46 27.51 14.39
C PRO C 8 -42.32 26.80 15.74
N GLY C 9 -42.98 27.33 16.77
CA GLY C 9 -42.99 26.69 18.06
C GLY C 9 -43.67 25.33 18.02
N THR C 10 -44.92 25.33 17.58
CA THR C 10 -45.68 24.10 17.35
C THR C 10 -46.12 24.09 15.89
N LEU C 11 -45.88 22.98 15.21
CA LEU C 11 -46.30 22.80 13.82
C LEU C 11 -47.44 21.79 13.80
N SER C 12 -48.67 22.29 13.71
CA SER C 12 -49.86 21.44 13.71
C SER C 12 -50.20 21.10 12.27
N LEU C 13 -49.93 19.86 11.87
CA LEU C 13 -50.06 19.43 10.49
C LEU C 13 -50.71 18.07 10.43
N SER C 14 -51.37 17.79 9.30
CA SER C 14 -52.01 16.51 9.13
C SER C 14 -51.03 15.48 8.57
N PRO C 15 -51.20 14.20 8.92
CA PRO C 15 -50.33 13.15 8.37
C PRO C 15 -50.54 13.01 6.87
N GLY C 16 -49.45 13.12 6.11
CA GLY C 16 -49.50 13.13 4.67
C GLY C 16 -49.19 14.46 4.04
N GLU C 17 -49.12 15.53 4.84
CA GLU C 17 -48.75 16.84 4.33
C GLU C 17 -47.22 16.98 4.29
N GLY C 18 -46.76 18.14 3.83
CA GLY C 18 -45.35 18.46 3.83
C GLY C 18 -45.02 19.39 4.97
N ALA C 19 -44.05 18.99 5.78
CA ALA C 19 -43.60 19.80 6.90
C ALA C 19 -42.39 20.64 6.50
N THR C 20 -42.30 21.82 7.10
CA THR C 20 -41.16 22.72 6.85
C THR C 20 -40.79 23.39 8.16
N LEU C 21 -39.57 23.17 8.61
CA LEU C 21 -39.06 23.72 9.86
C LEU C 21 -37.89 24.64 9.56
N SER C 22 -37.75 25.70 10.35
CA SER C 22 -36.72 26.71 10.13
C SER C 22 -35.75 26.76 11.29
N CYS C 23 -34.49 27.07 10.98
CA CYS C 23 -33.44 27.21 11.99
C CYS C 23 -32.60 28.43 11.64
N ARG C 24 -32.58 29.42 12.52
CA ARG C 24 -31.88 30.67 12.30
C ARG C 24 -30.68 30.79 13.23
N ALA C 25 -29.61 31.40 12.73
CA ALA C 25 -28.39 31.63 13.50
C ALA C 25 -28.17 33.13 13.64
N SER C 26 -27.67 33.54 14.80
CA SER C 26 -27.43 34.97 15.05
C SER C 26 -26.34 35.51 14.14
N GLN C 27 -25.42 34.65 13.70
CA GLN C 27 -24.40 35.03 12.74
C GLN C 27 -24.24 33.89 11.74
N SER C 28 -23.61 34.18 10.61
CA SER C 28 -23.43 33.18 9.57
C SER C 28 -22.63 32.01 10.11
N VAL C 29 -23.14 30.80 9.93
CA VAL C 29 -22.48 29.59 10.37
C VAL C 29 -22.24 28.69 9.16
N SER C 30 -21.17 27.91 9.23
CA SER C 30 -20.83 27.01 8.14
C SER C 30 -21.93 25.98 7.94
N SER C 31 -22.28 25.73 6.68
CA SER C 31 -23.32 24.77 6.39
C SER C 31 -22.90 23.35 6.77
N SER C 32 -21.61 23.04 6.69
CA SER C 32 -21.12 21.71 7.00
C SER C 32 -21.06 21.43 8.50
N TYR C 33 -21.45 22.38 9.35
CA TYR C 33 -21.43 22.20 10.79
C TYR C 33 -22.79 22.51 11.42
N LEU C 34 -23.87 22.21 10.71
CA LEU C 34 -25.21 22.29 11.26
C LEU C 34 -25.90 20.95 11.14
N ALA C 35 -26.59 20.53 12.19
CA ALA C 35 -27.30 19.26 12.20
C ALA C 35 -28.74 19.47 12.60
N TRP C 36 -29.56 18.47 12.30
CA TRP C 36 -30.94 18.40 12.75
C TRP C 36 -31.13 17.10 13.54
N TYR C 37 -31.87 17.19 14.64
CA TYR C 37 -32.13 16.04 15.48
C TYR C 37 -33.63 15.88 15.68
N GLN C 38 -34.03 14.65 16.01
CA GLN C 38 -35.42 14.32 16.31
C GLN C 38 -35.46 13.65 17.68
N GLN C 39 -36.41 14.08 18.52
CA GLN C 39 -36.56 13.51 19.86
C GLN C 39 -38.03 13.24 20.13
N LYS C 40 -38.35 11.99 20.47
CA LYS C 40 -39.63 11.45 20.89
C LYS C 40 -39.67 11.34 22.42
N PRO C 41 -40.86 11.35 23.01
CA PRO C 41 -40.95 11.36 24.48
C PRO C 41 -40.24 10.18 25.11
N GLY C 42 -39.40 10.47 26.10
CA GLY C 42 -38.68 9.44 26.83
C GLY C 42 -37.48 8.86 26.12
N GLN C 43 -37.04 9.46 25.01
CA GLN C 43 -35.94 8.94 24.23
C GLN C 43 -34.83 9.99 24.12
N ALA C 44 -33.68 9.52 23.64
CA ALA C 44 -32.56 10.41 23.36
C ALA C 44 -32.72 11.05 21.99
N PRO C 45 -32.05 12.19 21.76
CA PRO C 45 -32.08 12.79 20.42
C PRO C 45 -31.52 11.84 19.38
N ARG C 46 -32.06 11.94 18.17
CA ARG C 46 -31.67 11.10 17.05
C ARG C 46 -31.24 12.00 15.89
N LEU C 47 -30.05 11.74 15.35
CA LEU C 47 -29.56 12.55 14.24
C LEU C 47 -30.30 12.23 12.96
N LEU C 48 -30.83 13.27 12.30
CA LEU C 48 -31.51 13.14 11.03
C LEU C 48 -30.65 13.66 9.88
N ILE C 49 -30.27 14.93 9.93
CA ILE C 49 -29.55 15.61 8.86
C ILE C 49 -28.34 16.29 9.47
N TYR C 50 -27.22 16.26 8.75
CA TYR C 50 -26.03 16.99 9.14
C TYR C 50 -25.45 17.67 7.91
N GLY C 51 -24.46 18.51 8.13
CA GLY C 51 -23.88 19.29 7.06
C GLY C 51 -24.91 20.05 6.26
N ALA C 52 -25.98 20.49 6.94
CA ALA C 52 -27.10 21.21 6.35
C ALA C 52 -27.88 20.38 5.33
N SER C 53 -27.17 19.66 4.46
CA SER C 53 -27.80 18.87 3.40
C SER C 53 -27.05 17.56 3.22
N SER C 54 -27.06 16.71 4.25
CA SER C 54 -26.43 15.40 4.17
C SER C 54 -27.22 14.45 5.04
N GLY C 55 -27.95 13.53 4.41
CA GLY C 55 -28.80 12.61 5.15
C GLY C 55 -27.99 11.62 5.96
N ALA C 56 -28.42 11.40 7.20
CA ALA C 56 -27.72 10.48 8.09
C ALA C 56 -28.05 9.03 7.73
N THR C 57 -27.32 8.10 8.34
CA THR C 57 -27.47 6.69 8.04
C THR C 57 -28.78 6.16 8.60
N GLY C 58 -29.60 5.58 7.71
CA GLY C 58 -30.87 5.01 8.11
C GLY C 58 -32.05 5.96 8.03
N ILE C 59 -31.80 7.27 7.97
CA ILE C 59 -32.90 8.24 7.92
C ILE C 59 -33.60 8.12 6.57
N PRO C 60 -34.94 8.09 6.54
CA PRO C 60 -35.64 8.00 5.25
C PRO C 60 -35.34 9.19 4.36
N ASP C 61 -35.47 8.97 3.05
CA ASP C 61 -35.17 10.02 2.07
C ASP C 61 -36.22 11.10 2.01
N ARG C 62 -37.39 10.90 2.64
CA ARG C 62 -38.36 11.97 2.74
C ARG C 62 -37.85 13.12 3.61
N PHE C 63 -36.88 12.85 4.47
CA PHE C 63 -36.21 13.91 5.24
C PHE C 63 -35.16 14.58 4.37
N SER C 64 -35.28 15.90 4.21
CA SER C 64 -34.35 16.68 3.41
C SER C 64 -33.85 17.85 4.23
N GLY C 65 -32.80 18.50 3.72
CA GLY C 65 -32.22 19.65 4.40
C GLY C 65 -31.61 20.67 3.46
N SER C 66 -31.76 21.95 3.78
CA SER C 66 -31.23 23.01 2.95
C SER C 66 -30.87 24.20 3.85
N GLY C 67 -30.32 25.23 3.24
CA GLY C 67 -29.94 26.44 3.94
C GLY C 67 -28.46 26.75 3.80
N SER C 68 -28.12 27.97 4.24
CA SER C 68 -26.75 28.45 4.19
C SER C 68 -26.60 29.73 4.99
N GLY C 69 -25.55 29.83 5.79
CA GLY C 69 -25.28 31.05 6.53
C GLY C 69 -26.10 31.20 7.79
N THR C 70 -27.19 31.97 7.71
CA THR C 70 -28.01 32.26 8.88
C THR C 70 -29.37 31.58 8.85
N ASP C 71 -29.80 31.04 7.72
CA ASP C 71 -31.12 30.45 7.58
C ASP C 71 -31.02 29.04 7.05
N PHE C 72 -31.68 28.10 7.73
CA PHE C 72 -31.62 26.69 7.36
C PHE C 72 -33.01 26.08 7.48
N THR C 73 -33.24 25.03 6.69
CA THR C 73 -34.56 24.45 6.52
C THR C 73 -34.49 22.93 6.63
N LEU C 74 -35.51 22.36 7.25
CA LEU C 74 -35.70 20.91 7.35
C LEU C 74 -37.04 20.58 6.73
N THR C 75 -37.02 20.04 5.50
CA THR C 75 -38.24 19.75 4.76
C THR C 75 -38.56 18.26 4.87
N ILE C 76 -39.82 17.96 5.19
CA ILE C 76 -40.34 16.59 5.19
C ILE C 76 -41.39 16.53 4.10
N SER C 77 -41.09 15.81 3.02
CA SER C 77 -41.96 15.81 1.84
C SER C 77 -43.35 15.31 2.19
N ARG C 78 -43.44 14.13 2.79
CA ARG C 78 -44.72 13.52 3.17
C ARG C 78 -44.62 13.05 4.61
N LEU C 79 -45.41 13.66 5.49
CA LEU C 79 -45.30 13.42 6.91
C LEU C 79 -45.96 12.10 7.29
N GLU C 80 -45.21 11.23 7.97
CA GLU C 80 -45.64 9.93 8.46
C GLU C 80 -45.97 9.99 9.94
N PRO C 81 -46.80 9.07 10.44
CA PRO C 81 -47.16 9.12 11.87
C PRO C 81 -45.98 8.93 12.81
N GLU C 82 -44.92 8.24 12.40
CA GLU C 82 -43.76 8.11 13.26
C GLU C 82 -42.88 9.36 13.26
N ASP C 83 -43.30 10.43 12.59
CA ASP C 83 -42.51 11.65 12.48
C ASP C 83 -43.01 12.78 13.36
N PHE C 84 -44.06 12.53 14.16
CA PHE C 84 -44.63 13.58 15.01
C PHE C 84 -43.90 13.57 16.34
N ALA C 85 -42.88 14.42 16.44
CA ALA C 85 -42.06 14.54 17.63
C ALA C 85 -41.50 15.96 17.66
N VAL C 86 -40.45 16.15 18.45
CA VAL C 86 -39.77 17.44 18.56
C VAL C 86 -38.50 17.38 17.73
N TYR C 87 -38.16 18.51 17.12
CA TYR C 87 -36.99 18.59 16.25
C TYR C 87 -36.09 19.73 16.71
N TYR C 88 -34.80 19.45 16.83
CA TYR C 88 -33.80 20.43 17.25
C TYR C 88 -32.76 20.62 16.16
N CYS C 89 -32.17 21.81 16.11
CA CYS C 89 -31.01 22.10 15.28
C CYS C 89 -29.87 22.58 16.15
N GLN C 90 -28.68 22.03 15.92
CA GLN C 90 -27.48 22.40 16.65
C GLN C 90 -26.38 22.75 15.65
N GLN C 91 -25.68 23.86 15.90
CA GLN C 91 -24.45 24.17 15.18
C GLN C 91 -23.28 23.73 16.04
N TYR C 92 -22.33 23.04 15.41
CA TYR C 92 -21.15 22.49 16.11
C TYR C 92 -19.88 22.95 15.41
N GLY C 93 -19.89 24.17 14.89
CA GLY C 93 -18.71 24.72 14.24
C GLY C 93 -17.93 25.64 15.16
N SER C 94 -18.62 26.59 15.77
CA SER C 94 -18.01 27.55 16.68
C SER C 94 -18.43 27.22 18.10
N SER C 95 -17.47 27.16 19.02
CA SER C 95 -17.80 26.83 20.40
C SER C 95 -18.33 28.08 21.12
N PRO C 96 -19.38 27.93 21.95
CA PRO C 96 -20.08 26.68 22.29
C PRO C 96 -21.01 26.18 21.19
N TYR C 97 -21.33 24.88 21.22
CA TYR C 97 -22.15 24.27 20.18
C TYR C 97 -23.61 24.38 20.57
N THR C 98 -24.18 25.55 20.28
CA THR C 98 -25.50 25.90 20.81
C THR C 98 -26.62 25.16 20.09
N PHE C 99 -27.74 25.00 20.80
CA PHE C 99 -28.93 24.34 20.30
C PHE C 99 -30.04 25.36 20.03
N GLY C 100 -31.02 24.94 19.22
CA GLY C 100 -32.26 25.67 19.09
C GLY C 100 -33.27 25.26 20.16
N GLN C 101 -34.35 26.03 20.26
CA GLN C 101 -35.32 25.79 21.32
C GLN C 101 -36.35 24.72 20.97
N GLY C 102 -36.31 24.19 19.75
CA GLY C 102 -37.14 23.05 19.41
C GLY C 102 -38.44 23.45 18.72
N THR C 103 -38.96 22.51 17.93
CA THR C 103 -40.24 22.67 17.23
C THR C 103 -41.04 21.40 17.42
N LYS C 104 -42.25 21.53 17.94
CA LYS C 104 -43.15 20.38 18.12
C LYS C 104 -44.01 20.23 16.87
N VAL C 105 -43.93 19.06 16.25
CA VAL C 105 -44.77 18.72 15.11
C VAL C 105 -45.87 17.80 15.62
N GLU C 106 -47.10 18.32 15.68
CA GLU C 106 -48.24 17.56 16.19
C GLU C 106 -49.22 17.28 15.06
N ILE C 107 -50.00 16.21 15.24
CA ILE C 107 -51.05 15.87 14.29
C ILE C 107 -52.18 16.88 14.45
N LYS C 108 -52.46 17.62 13.38
CA LYS C 108 -53.58 18.55 13.42
C LYS C 108 -54.90 17.79 13.42
N ARG C 109 -55.90 18.36 14.09
CA ARG C 109 -57.15 17.66 14.33
C ARG C 109 -58.28 18.69 14.36
N THR C 110 -59.51 18.20 14.37
CA THR C 110 -60.65 19.08 14.59
C THR C 110 -60.83 19.34 16.08
N VAL C 111 -61.52 20.44 16.38
CA VAL C 111 -61.73 20.83 17.77
C VAL C 111 -62.56 19.77 18.49
N ALA C 112 -62.04 19.27 19.60
CA ALA C 112 -62.73 18.28 20.42
C ALA C 112 -62.79 18.80 21.85
N ALA C 113 -64.01 18.89 22.39
CA ALA C 113 -64.19 19.38 23.74
C ALA C 113 -63.89 18.27 24.76
N PRO C 114 -63.36 18.62 25.92
CA PRO C 114 -63.05 17.59 26.92
C PRO C 114 -64.29 17.03 27.59
N SER C 115 -64.20 15.76 27.98
CA SER C 115 -65.14 15.16 28.92
C SER C 115 -64.61 15.40 30.32
N VAL C 116 -65.42 16.03 31.17
CA VAL C 116 -64.97 16.53 32.46
C VAL C 116 -65.51 15.62 33.56
N PHE C 117 -64.62 15.24 34.48
CA PHE C 117 -64.97 14.42 35.63
C PHE C 117 -64.32 15.02 36.87
N ILE C 118 -65.03 14.97 37.99
CA ILE C 118 -64.50 15.42 39.27
C ILE C 118 -64.54 14.24 40.24
N PHE C 119 -63.52 14.15 41.09
CA PHE C 119 -63.37 13.03 42.01
C PHE C 119 -63.19 13.58 43.42
N PRO C 120 -64.09 13.27 44.35
CA PRO C 120 -63.89 13.67 45.75
C PRO C 120 -62.72 12.91 46.36
N PRO C 121 -62.13 13.43 47.42
CA PRO C 121 -61.05 12.69 48.08
C PRO C 121 -61.59 11.40 48.70
N SER C 122 -60.80 10.34 48.55
CA SER C 122 -61.20 9.04 49.10
C SER C 122 -61.27 9.11 50.62
N ASP C 123 -62.15 8.28 51.20
CA ASP C 123 -62.26 8.21 52.65
C ASP C 123 -60.95 7.72 53.28
N GLU C 124 -60.15 6.98 52.52
CA GLU C 124 -58.87 6.52 53.04
C GLU C 124 -57.89 7.68 53.21
N GLN C 125 -57.85 8.60 52.24
CA GLN C 125 -56.92 9.72 52.33
C GLN C 125 -57.32 10.70 53.43
N LEU C 126 -58.63 10.89 53.62
CA LEU C 126 -59.10 11.79 54.68
C LEU C 126 -58.62 11.34 56.05
N LYS C 127 -58.40 10.03 56.24
CA LYS C 127 -57.83 9.54 57.48
C LYS C 127 -56.41 10.04 57.70
N SER C 128 -55.70 10.41 56.64
CA SER C 128 -54.34 10.90 56.73
C SER C 128 -54.26 12.40 57.00
N GLY C 129 -55.38 13.10 57.02
CA GLY C 129 -55.39 14.52 57.31
C GLY C 129 -55.25 15.43 56.11
N THR C 130 -55.38 14.91 54.90
CA THR C 130 -55.27 15.72 53.69
C THR C 130 -56.34 15.28 52.70
N ALA C 131 -56.86 16.25 51.95
CA ALA C 131 -57.88 16.00 50.93
C ALA C 131 -57.34 16.40 49.57
N SER C 132 -57.52 15.52 48.59
CA SER C 132 -57.12 15.78 47.21
C SER C 132 -58.34 15.61 46.31
N VAL C 133 -58.79 16.71 45.72
CA VAL C 133 -59.89 16.71 44.77
C VAL C 133 -59.31 16.77 43.37
N VAL C 134 -59.76 15.88 42.49
CA VAL C 134 -59.19 15.72 41.16
C VAL C 134 -60.23 16.08 40.12
N CYS C 135 -59.79 16.78 39.07
CA CYS C 135 -60.62 17.17 37.94
C CYS C 135 -59.96 16.65 36.67
N LEU C 136 -60.67 15.80 35.94
CA LEU C 136 -60.14 15.15 34.74
C LEU C 136 -60.76 15.78 33.51
N LEU C 137 -59.92 16.26 32.60
CA LEU C 137 -60.33 16.76 31.29
C LEU C 137 -59.83 15.75 30.27
N ASN C 138 -60.77 14.99 29.69
CA ASN C 138 -60.43 13.79 28.94
C ASN C 138 -60.56 14.04 27.44
N ASN C 139 -59.48 13.76 26.70
CA ASN C 139 -59.47 13.70 25.24
C ASN C 139 -60.02 14.97 24.59
N PHE C 140 -59.16 15.99 24.47
CA PHE C 140 -59.57 17.25 23.88
C PHE C 140 -58.48 17.76 22.95
N TYR C 141 -58.85 18.70 22.08
CA TYR C 141 -57.95 19.32 21.13
C TYR C 141 -58.55 20.65 20.72
N PRO C 142 -57.77 21.74 20.65
CA PRO C 142 -56.32 21.83 20.85
C PRO C 142 -55.88 21.63 22.31
N ARG C 143 -54.58 21.72 22.55
CA ARG C 143 -54.04 21.43 23.88
C ARG C 143 -54.48 22.46 24.91
N GLU C 144 -54.66 23.71 24.51
CA GLU C 144 -54.94 24.78 25.45
C GLU C 144 -56.24 24.54 26.19
N ALA C 145 -56.19 24.60 27.51
CA ALA C 145 -57.37 24.40 28.35
C ALA C 145 -57.17 25.15 29.66
N LYS C 146 -58.29 25.49 30.30
CA LYS C 146 -58.29 26.29 31.51
C LYS C 146 -59.13 25.60 32.58
N VAL C 147 -58.58 25.48 33.79
CA VAL C 147 -59.26 24.84 34.91
C VAL C 147 -59.25 25.80 36.09
N GLN C 148 -60.43 26.05 36.67
CA GLN C 148 -60.56 26.89 37.85
C GLN C 148 -61.34 26.14 38.92
N TRP C 149 -60.84 26.15 40.15
CA TRP C 149 -61.47 25.47 41.27
C TRP C 149 -62.31 26.46 42.06
N LYS C 150 -63.55 26.07 42.36
CA LYS C 150 -64.46 26.89 43.16
C LYS C 150 -64.99 26.06 44.33
N VAL C 151 -64.80 26.57 45.53
CA VAL C 151 -65.19 25.90 46.76
C VAL C 151 -66.22 26.79 47.45
N ASP C 152 -67.48 26.35 47.45
CA ASP C 152 -68.60 27.18 47.89
C ASP C 152 -68.58 28.52 47.15
N ASN C 153 -68.43 28.44 45.84
CA ASN C 153 -68.40 29.57 44.91
C ASN C 153 -67.18 30.47 45.09
N ALA C 154 -66.20 30.04 45.88
CA ALA C 154 -64.97 30.80 46.08
C ALA C 154 -63.90 30.25 45.15
N LEU C 155 -63.52 31.04 44.16
CA LEU C 155 -62.47 30.63 43.22
C LEU C 155 -61.16 30.45 43.96
N GLN C 156 -60.53 29.29 43.76
CA GLN C 156 -59.28 28.95 44.42
C GLN C 156 -58.09 29.42 43.57
N SER C 157 -56.98 29.67 44.26
CA SER C 157 -55.75 30.08 43.60
C SER C 157 -54.57 29.67 44.46
N GLY C 158 -53.52 29.16 43.81
CA GLY C 158 -52.30 28.82 44.50
C GLY C 158 -52.30 27.50 45.22
N ASN C 159 -53.36 26.69 45.08
CA ASN C 159 -53.44 25.41 45.77
C ASN C 159 -53.82 24.29 44.81
N SER C 160 -53.41 24.39 43.55
CA SER C 160 -53.73 23.39 42.54
C SER C 160 -52.54 23.20 41.63
N GLN C 161 -52.45 22.01 41.03
CA GLN C 161 -51.37 21.67 40.11
C GLN C 161 -51.93 20.84 38.97
N GLU C 162 -51.39 21.07 37.77
CA GLU C 162 -51.89 20.45 36.55
C GLU C 162 -50.85 19.52 35.95
N SER C 163 -51.32 18.65 35.05
CA SER C 163 -50.47 17.72 34.32
C SER C 163 -51.17 17.39 33.01
N VAL C 164 -50.44 17.45 31.90
CA VAL C 164 -50.99 17.21 30.58
CA VAL C 164 -50.99 17.21 30.58
C VAL C 164 -50.25 16.05 29.94
N THR C 165 -51.00 15.11 29.36
CA THR C 165 -50.42 13.98 28.66
C THR C 165 -49.93 14.40 27.27
N GLU C 166 -49.07 13.56 26.69
CA GLU C 166 -48.69 13.75 25.31
C GLU C 166 -49.87 13.49 24.39
N GLN C 167 -49.78 14.00 23.16
CA GLN C 167 -50.85 13.81 22.20
C GLN C 167 -51.04 12.32 21.92
N ASP C 168 -52.30 11.88 21.92
CA ASP C 168 -52.57 10.45 21.78
C ASP C 168 -52.22 9.96 20.39
N SER C 169 -51.61 8.78 20.33
CA SER C 169 -51.18 8.22 19.05
C SER C 169 -52.34 7.69 18.21
N LYS C 170 -53.54 7.60 18.77
CA LYS C 170 -54.69 7.03 18.07
C LYS C 170 -55.77 8.05 17.73
N ASP C 171 -56.10 8.97 18.63
CA ASP C 171 -57.09 10.00 18.34
C ASP C 171 -56.53 11.42 18.39
N SER C 172 -55.23 11.57 18.61
CA SER C 172 -54.54 12.85 18.47
C SER C 172 -55.08 13.93 19.41
N THR C 173 -55.58 13.53 20.58
CA THR C 173 -56.09 14.47 21.57
C THR C 173 -55.17 14.50 22.78
N TYR C 174 -55.46 15.44 23.67
CA TYR C 174 -54.74 15.60 24.93
C TYR C 174 -55.70 15.38 26.10
N SER C 175 -55.13 15.08 27.25
CA SER C 175 -55.90 14.94 28.48
C SER C 175 -55.18 15.69 29.60
N LEU C 176 -55.97 16.31 30.48
CA LEU C 176 -55.42 17.12 31.56
C LEU C 176 -55.96 16.63 32.90
N SER C 177 -55.11 16.72 33.92
CA SER C 177 -55.46 16.34 35.29
C SER C 177 -55.05 17.46 36.22
N SER C 178 -56.00 18.01 36.96
CA SER C 178 -55.77 19.06 37.93
C SER C 178 -56.14 18.56 39.32
N THR C 179 -55.29 18.83 40.30
CA THR C 179 -55.47 18.35 41.66
C THR C 179 -55.52 19.52 42.62
N LEU C 180 -56.65 19.69 43.29
CA LEU C 180 -56.80 20.67 44.35
C LEU C 180 -56.45 20.02 45.69
N THR C 181 -55.62 20.68 46.48
CA THR C 181 -55.09 20.12 47.71
C THR C 181 -55.47 21.00 48.89
N LEU C 182 -56.34 20.49 49.76
CA LEU C 182 -56.70 21.14 51.00
C LEU C 182 -56.44 20.19 52.16
N SER C 183 -56.27 20.76 53.35
CA SER C 183 -56.21 19.94 54.55
C SER C 183 -57.59 19.39 54.89
N LYS C 184 -57.60 18.34 55.71
CA LYS C 184 -58.87 17.75 56.12
C LYS C 184 -59.74 18.77 56.84
N ALA C 185 -59.13 19.61 57.68
CA ALA C 185 -59.89 20.64 58.40
C ALA C 185 -60.55 21.61 57.43
N ASP C 186 -59.76 22.21 56.53
CA ASP C 186 -60.30 23.16 55.57
C ASP C 186 -61.30 22.49 54.64
N TYR C 187 -61.13 21.19 54.37
CA TYR C 187 -62.04 20.49 53.46
C TYR C 187 -63.44 20.39 54.04
N GLU C 188 -63.54 20.07 55.34
CA GLU C 188 -64.83 19.88 55.97
C GLU C 188 -65.55 21.18 56.28
N LYS C 189 -64.89 22.33 56.10
CA LYS C 189 -65.52 23.62 56.35
C LYS C 189 -66.45 24.05 55.22
N HIS C 190 -66.40 23.39 54.06
CA HIS C 190 -67.16 23.79 52.90
C HIS C 190 -67.95 22.59 52.38
N LYS C 191 -68.85 22.84 51.45
CA LYS C 191 -69.81 21.83 51.03
C LYS C 191 -69.76 21.50 49.55
N VAL C 192 -69.70 22.50 48.67
CA VAL C 192 -69.76 22.29 47.22
C VAL C 192 -68.37 22.52 46.64
N TYR C 193 -67.86 21.50 45.94
CA TYR C 193 -66.55 21.55 45.29
C TYR C 193 -66.74 21.33 43.80
N ALA C 194 -66.26 22.29 43.00
CA ALA C 194 -66.46 22.23 41.56
C ALA C 194 -65.22 22.72 40.84
N CYS C 195 -65.01 22.20 39.63
CA CYS C 195 -63.97 22.69 38.74
CA CYS C 195 -63.97 22.69 38.74
C CYS C 195 -64.62 23.16 37.44
N GLU C 196 -64.33 24.39 37.05
CA GLU C 196 -64.87 24.99 35.84
C GLU C 196 -63.85 24.85 34.72
N VAL C 197 -64.28 24.22 33.62
CA VAL C 197 -63.42 23.97 32.47
C VAL C 197 -63.78 24.94 31.37
N THR C 198 -62.77 25.62 30.83
CA THR C 198 -62.92 26.50 29.67
C THR C 198 -62.09 25.94 28.53
N HIS C 199 -62.71 25.78 27.37
CA HIS C 199 -62.02 25.21 26.23
C HIS C 199 -62.69 25.67 24.95
N GLN C 200 -61.91 25.64 23.87
CA GLN C 200 -62.40 26.10 22.57
C GLN C 200 -63.58 25.27 22.08
N GLY C 201 -63.62 23.98 22.40
CA GLY C 201 -64.70 23.12 21.96
C GLY C 201 -66.00 23.32 22.72
N LEU C 202 -65.94 23.98 23.88
CA LEU C 202 -67.13 24.25 24.67
C LEU C 202 -67.67 25.62 24.31
N SER C 203 -68.97 25.68 23.97
CA SER C 203 -69.61 26.95 23.67
C SER C 203 -69.69 27.85 24.89
N SER C 204 -69.50 27.30 26.09
CA SER C 204 -69.50 28.05 27.34
C SER C 204 -68.84 27.17 28.39
N PRO C 205 -68.26 27.74 29.44
CA PRO C 205 -67.54 26.92 30.43
C PRO C 205 -68.45 25.88 31.08
N VAL C 206 -67.91 24.66 31.21
CA VAL C 206 -68.63 23.54 31.79
C VAL C 206 -68.13 23.32 33.21
N THR C 207 -69.06 23.12 34.13
CA THR C 207 -68.76 22.95 35.55
C THR C 207 -69.21 21.57 36.00
N LYS C 208 -68.32 20.86 36.70
CA LYS C 208 -68.64 19.56 37.30
C LYS C 208 -68.37 19.66 38.80
N SER C 209 -69.39 19.37 39.60
CA SER C 209 -69.32 19.56 41.04
C SER C 209 -69.78 18.29 41.76
N PHE C 210 -69.56 18.29 43.07
CA PHE C 210 -70.10 17.27 43.95
C PHE C 210 -70.35 17.91 45.30
N ASN C 211 -71.27 17.33 46.06
CA ASN C 211 -71.64 17.81 47.38
C ASN C 211 -70.91 16.97 48.42
N ARG C 212 -70.11 17.62 49.26
CA ARG C 212 -69.30 16.94 50.26
C ARG C 212 -70.15 16.02 51.13
N GLY C 213 -70.22 14.75 50.75
CA GLY C 213 -71.03 13.79 51.47
C GLY C 213 -71.93 12.96 50.58
N GLU C 214 -73.01 13.57 50.08
CA GLU C 214 -73.98 12.87 49.25
C GLU C 214 -73.36 12.41 47.94
N GLN D 1 -12.10 44.36 35.21
CA GLN D 1 -10.65 44.27 35.27
C GLN D 1 -10.20 43.09 36.13
N VAL D 2 -9.11 42.44 35.72
CA VAL D 2 -8.53 41.35 36.48
C VAL D 2 -7.87 41.92 37.74
N GLN D 3 -8.31 41.46 38.90
CA GLN D 3 -8.01 42.13 40.15
C GLN D 3 -8.03 41.13 41.30
N LEU D 4 -7.08 41.29 42.22
CA LEU D 4 -7.03 40.53 43.46
C LEU D 4 -6.95 41.52 44.61
N VAL D 5 -7.86 41.39 45.58
CA VAL D 5 -7.88 42.25 46.75
C VAL D 5 -7.85 41.36 47.98
N GLU D 6 -6.76 41.42 48.73
CA GLU D 6 -6.60 40.66 49.96
C GLU D 6 -6.94 41.55 51.16
N SER D 7 -7.23 40.90 52.28
CA SER D 7 -7.58 41.61 53.50
C SER D 7 -7.40 40.68 54.68
N GLY D 8 -7.58 41.23 55.88
CA GLY D 8 -7.56 40.45 57.10
C GLY D 8 -6.27 40.52 57.90
N GLY D 9 -5.32 41.37 57.51
CA GLY D 9 -4.09 41.47 58.26
C GLY D 9 -4.19 42.42 59.43
N GLY D 10 -3.18 42.38 60.29
CA GLY D 10 -3.15 43.23 61.46
C GLY D 10 -2.11 42.74 62.45
N VAL D 11 -2.19 43.29 63.66
CA VAL D 11 -1.26 42.96 64.74
C VAL D 11 -1.81 41.79 65.53
N VAL D 12 -0.93 40.85 65.87
CA VAL D 12 -1.31 39.64 66.59
C VAL D 12 -0.14 39.19 67.45
N GLN D 13 -0.45 38.74 68.67
CA GLN D 13 0.59 38.26 69.56
C GLN D 13 1.15 36.93 69.06
N PRO D 14 2.42 36.63 69.39
CA PRO D 14 3.00 35.35 68.96
C PRO D 14 2.20 34.17 69.48
N GLY D 15 2.15 33.11 68.68
CA GLY D 15 1.41 31.92 69.03
C GLY D 15 -0.07 31.98 68.73
N ARG D 16 -0.63 33.17 68.50
CA ARG D 16 -2.03 33.31 68.16
C ARG D 16 -2.22 33.26 66.65
N SER D 17 -3.46 33.42 66.20
CA SER D 17 -3.84 33.08 64.83
C SER D 17 -4.42 34.28 64.09
N LEU D 18 -4.49 34.13 62.77
CA LEU D 18 -5.05 35.13 61.87
C LEU D 18 -5.53 34.42 60.61
N ARG D 19 -6.53 35.00 59.95
CA ARG D 19 -7.08 34.44 58.72
C ARG D 19 -7.09 35.52 57.65
N LEU D 20 -6.35 35.29 56.57
CA LEU D 20 -6.32 36.20 55.44
C LEU D 20 -7.30 35.75 54.38
N SER D 21 -7.90 36.72 53.70
CA SER D 21 -8.82 36.49 52.60
C SER D 21 -8.31 37.19 51.34
N CYS D 22 -8.75 36.70 50.19
CA CYS D 22 -8.36 37.25 48.90
C CYS D 22 -9.57 37.23 47.98
N ALA D 23 -10.03 38.40 47.56
CA ALA D 23 -11.20 38.53 46.71
C ALA D 23 -10.75 38.73 45.27
N ALA D 24 -11.13 37.80 44.39
CA ALA D 24 -10.75 37.83 42.99
C ALA D 24 -11.93 38.23 42.12
N SER D 25 -11.64 38.89 41.01
CA SER D 25 -12.64 39.26 40.03
C SER D 25 -11.96 39.53 38.70
N GLY D 26 -12.72 39.38 37.63
CA GLY D 26 -12.22 39.64 36.29
C GLY D 26 -11.70 38.44 35.55
N PHE D 27 -11.76 37.24 36.14
CA PHE D 27 -11.29 36.04 35.47
C PHE D 27 -12.02 34.85 36.08
N THR D 28 -12.06 33.76 35.31
CA THR D 28 -12.70 32.53 35.79
C THR D 28 -11.87 31.96 36.94
N PHE D 29 -12.41 32.07 38.16
CA PHE D 29 -11.65 31.78 39.36
C PHE D 29 -11.18 30.33 39.41
N ASN D 30 -12.04 29.40 39.00
CA ASN D 30 -11.76 27.98 39.17
C ASN D 30 -10.88 27.40 38.07
N ASN D 31 -10.43 28.22 37.12
CA ASN D 31 -9.48 27.76 36.10
C ASN D 31 -8.03 28.02 36.48
N TYR D 32 -7.77 28.56 37.68
CA TYR D 32 -6.44 29.01 38.05
C TYR D 32 -6.07 28.52 39.45
N PRO D 33 -4.90 27.90 39.61
CA PRO D 33 -4.33 27.77 40.96
C PRO D 33 -3.93 29.13 41.51
N LEU D 34 -3.79 29.21 42.83
CA LEU D 34 -3.53 30.48 43.49
C LEU D 34 -2.43 30.34 44.53
N HIS D 35 -1.59 31.37 44.59
CA HIS D 35 -0.42 31.40 45.46
C HIS D 35 -0.61 32.44 46.56
N TRP D 36 0.08 32.21 47.68
CA TRP D 36 0.28 33.22 48.71
C TRP D 36 1.78 33.52 48.78
N VAL D 37 2.14 34.78 48.57
CA VAL D 37 3.52 35.22 48.65
C VAL D 37 3.61 36.34 49.67
N ARG D 38 4.67 36.32 50.48
CA ARG D 38 4.91 37.34 51.49
C ARG D 38 6.25 38.01 51.25
N GLN D 39 6.40 39.20 51.82
CA GLN D 39 7.63 39.97 51.68
C GLN D 39 7.87 40.75 52.97
N ALA D 40 8.88 40.34 53.73
CA ALA D 40 9.23 41.03 54.96
C ALA D 40 9.86 42.38 54.62
N PRO D 41 9.79 43.34 55.54
CA PRO D 41 10.37 44.66 55.27
C PRO D 41 11.85 44.58 54.94
N GLY D 42 12.23 45.13 53.79
CA GLY D 42 13.61 45.18 53.35
C GLY D 42 14.09 43.94 52.63
N LYS D 43 13.32 42.86 52.60
CA LYS D 43 13.71 41.61 51.98
C LYS D 43 12.93 41.39 50.68
N GLY D 44 13.32 40.36 49.95
CA GLY D 44 12.65 40.00 48.73
C GLY D 44 11.44 39.12 48.97
N PRO D 45 10.69 38.88 47.91
CA PRO D 45 9.48 38.06 48.05
C PRO D 45 9.80 36.61 48.39
N GLU D 46 8.94 36.01 49.22
CA GLU D 46 9.06 34.61 49.61
C GLU D 46 7.74 33.91 49.34
N TRP D 47 7.76 32.93 48.44
CA TRP D 47 6.57 32.11 48.19
C TRP D 47 6.22 31.31 49.43
N VAL D 48 4.94 31.31 49.78
CA VAL D 48 4.45 30.66 51.00
C VAL D 48 3.68 29.39 50.68
N ALA D 49 2.69 29.49 49.81
CA ALA D 49 1.79 28.37 49.58
C ALA D 49 1.09 28.53 48.24
N VAL D 50 0.58 27.42 47.73
CA VAL D 50 -0.23 27.40 46.52
C VAL D 50 -1.32 26.35 46.69
N ILE D 51 -2.47 26.59 46.05
CA ILE D 51 -3.58 25.66 46.06
C ILE D 51 -4.06 25.48 44.64
N SER D 52 -4.42 24.25 44.29
CA SER D 52 -4.85 23.94 42.93
C SER D 52 -6.22 24.58 42.66
N GLN D 53 -6.71 24.38 41.44
CA GLN D 53 -7.97 25.01 41.03
C GLN D 53 -9.14 24.52 41.87
N ASP D 54 -9.21 23.22 42.11
CA ASP D 54 -10.33 22.64 42.85
C ASP D 54 -10.06 22.53 44.35
N GLY D 55 -8.85 22.87 44.80
CA GLY D 55 -8.50 22.72 46.20
C GLY D 55 -7.95 21.36 46.59
N GLY D 56 -7.72 20.47 45.62
CA GLY D 56 -7.27 19.12 45.94
C GLY D 56 -5.80 19.01 46.26
N ASN D 57 -4.98 19.94 45.76
CA ASN D 57 -3.54 19.92 45.98
C ASN D 57 -3.12 21.21 46.68
N LYS D 58 -2.29 21.07 47.71
CA LYS D 58 -1.81 22.20 48.49
C LYS D 58 -0.32 21.98 48.79
N TYR D 59 0.47 23.03 48.63
CA TYR D 59 1.90 22.99 48.91
C TYR D 59 2.29 24.18 49.76
N TYR D 60 3.27 23.98 50.63
CA TYR D 60 3.67 24.99 51.60
C TYR D 60 5.18 25.04 51.71
N VAL D 61 5.69 26.23 52.04
CA VAL D 61 7.09 26.35 52.45
C VAL D 61 7.26 25.68 53.80
N ASP D 62 8.44 25.08 54.02
CA ASP D 62 8.70 24.38 55.28
C ASP D 62 8.49 25.27 56.49
N SER D 63 8.73 26.57 56.35
CA SER D 63 8.63 27.48 57.48
C SER D 63 7.23 27.53 58.06
N VAL D 64 6.22 27.33 57.21
CA VAL D 64 4.83 27.41 57.63
C VAL D 64 4.15 26.06 57.65
N LYS D 65 4.87 24.99 57.33
CA LYS D 65 4.26 23.66 57.27
C LYS D 65 3.71 23.28 58.64
N GLY D 66 2.43 22.91 58.67
CA GLY D 66 1.78 22.53 59.90
C GLY D 66 1.13 23.68 60.66
N ARG D 67 1.49 24.92 60.36
CA ARG D 67 0.88 26.08 60.98
C ARG D 67 -0.07 26.83 60.06
N PHE D 68 0.23 26.90 58.77
CA PHE D 68 -0.62 27.59 57.81
C PHE D 68 -1.48 26.57 57.05
N THR D 69 -2.65 27.02 56.64
CA THR D 69 -3.55 26.20 55.82
C THR D 69 -4.16 27.09 54.75
N ILE D 70 -3.94 26.74 53.50
CA ILE D 70 -4.51 27.46 52.37
C ILE D 70 -5.81 26.77 51.98
N SER D 71 -6.78 27.56 51.53
CA SER D 71 -8.07 27.03 51.13
C SER D 71 -8.73 28.05 50.20
N ARG D 72 -9.78 27.60 49.51
CA ARG D 72 -10.45 28.44 48.54
C ARG D 72 -11.93 28.09 48.48
N ASP D 73 -12.74 29.10 48.20
CA ASP D 73 -14.18 28.97 48.03
C ASP D 73 -14.50 29.41 46.61
N ASN D 74 -14.60 28.44 45.68
CA ASN D 74 -14.82 28.79 44.28
C ASN D 74 -16.19 29.43 44.08
N SER D 75 -17.16 29.15 44.93
CA SER D 75 -18.47 29.78 44.80
C SER D 75 -18.44 31.24 45.20
N LYS D 76 -17.47 31.65 46.02
CA LYS D 76 -17.33 33.04 46.44
C LYS D 76 -16.14 33.74 45.79
N ASN D 77 -15.41 33.07 44.90
CA ASN D 77 -14.22 33.63 44.27
C ASN D 77 -13.24 34.18 45.32
N THR D 78 -13.05 33.42 46.39
CA THR D 78 -12.26 33.89 47.52
C THR D 78 -11.21 32.85 47.90
N LEU D 79 -9.99 33.33 48.12
CA LEU D 79 -8.87 32.52 48.56
C LEU D 79 -8.57 32.86 50.02
N TYR D 80 -8.18 31.84 50.79
CA TYR D 80 -7.93 32.03 52.21
C TYR D 80 -6.55 31.50 52.58
N LEU D 81 -5.95 32.14 53.57
CA LEU D 81 -4.77 31.63 54.25
C LEU D 81 -5.02 31.67 55.75
N GLN D 82 -5.05 30.50 56.39
CA GLN D 82 -5.30 30.40 57.82
C GLN D 82 -3.95 30.23 58.51
N MET D 83 -3.57 31.23 59.30
CA MET D 83 -2.25 31.28 59.92
C MET D 83 -2.40 31.03 61.42
N ASN D 84 -1.83 29.93 61.90
CA ASN D 84 -1.88 29.57 63.31
C ASN D 84 -0.47 29.50 63.87
N ASN D 85 -0.37 29.66 65.18
CA ASN D 85 0.90 29.60 65.91
C ASN D 85 1.95 30.52 65.27
N LEU D 86 1.57 31.78 65.16
CA LEU D 86 2.39 32.75 64.42
C LEU D 86 3.67 33.10 65.19
N ARG D 87 4.75 33.31 64.44
CA ARG D 87 6.04 33.68 64.98
C ARG D 87 6.41 35.07 64.50
N ALA D 88 7.44 35.64 65.13
CA ALA D 88 7.89 36.98 64.76
C ALA D 88 8.32 37.04 63.30
N GLU D 89 9.04 36.00 62.83
CA GLU D 89 9.50 35.93 61.46
C GLU D 89 8.37 35.72 60.45
N ASP D 90 7.12 35.66 60.90
CA ASP D 90 5.98 35.67 60.00
C ASP D 90 5.54 37.09 59.64
N THR D 91 6.12 38.10 60.27
CA THR D 91 5.77 39.49 59.98
C THR D 91 6.20 39.84 58.56
N ALA D 92 5.23 40.19 57.72
CA ALA D 92 5.49 40.50 56.32
C ALA D 92 4.21 41.05 55.71
N LEU D 93 4.34 41.57 54.49
CA LEU D 93 3.20 41.93 53.66
C LEU D 93 2.82 40.71 52.82
N TYR D 94 1.56 40.31 52.90
CA TYR D 94 1.10 39.08 52.27
C TYR D 94 0.31 39.40 51.01
N TYR D 95 0.78 38.87 49.88
CA TYR D 95 0.08 38.98 48.61
C TYR D 95 -0.59 37.66 48.27
N CYS D 96 -1.74 37.74 47.62
CA CYS D 96 -2.24 36.61 46.83
C CYS D 96 -1.94 36.87 45.36
N ALA D 97 -1.65 35.80 44.63
CA ALA D 97 -1.27 35.91 43.24
C ALA D 97 -1.84 34.74 42.46
N ARG D 98 -2.11 34.98 41.17
CA ARG D 98 -2.71 33.98 40.30
C ARG D 98 -1.63 33.23 39.55
N ASP D 99 -1.82 31.92 39.42
CA ASP D 99 -0.84 31.08 38.76
C ASP D 99 -0.73 31.40 37.28
N VAL D 100 0.49 31.29 36.76
CA VAL D 100 0.75 31.42 35.32
C VAL D 100 0.51 30.06 34.67
N VAL D 101 -0.45 30.02 33.74
CA VAL D 101 -0.82 28.79 33.06
C VAL D 101 -0.25 28.85 31.66
N VAL D 102 0.73 27.99 31.37
CA VAL D 102 1.36 27.92 30.06
C VAL D 102 0.59 26.96 29.18
N VAL D 103 0.16 27.43 28.02
CA VAL D 103 -0.65 26.64 27.09
C VAL D 103 0.22 26.24 25.91
N VAL D 104 0.36 24.94 25.69
CA VAL D 104 1.09 24.39 24.56
C VAL D 104 0.25 23.26 23.96
N ALA D 105 -0.06 23.36 22.68
CA ALA D 105 -0.89 22.39 21.97
C ALA D 105 -2.24 22.21 22.65
N ALA D 106 -2.84 23.33 23.06
CA ALA D 106 -4.15 23.40 23.68
C ALA D 106 -4.21 22.71 25.03
N ARG D 107 -3.07 22.35 25.62
CA ARG D 107 -3.03 21.76 26.94
C ARG D 107 -2.49 22.77 27.96
N ASN D 108 -3.10 22.80 29.13
CA ASN D 108 -2.71 23.74 30.18
C ASN D 108 -1.63 23.15 31.06
N HIS D 109 -0.63 23.96 31.38
CA HIS D 109 0.46 23.59 32.28
C HIS D 109 0.53 24.63 33.39
N TYR D 110 0.54 24.15 34.64
CA TYR D 110 0.36 25.01 35.81
C TYR D 110 1.67 25.19 36.57
N TYR D 111 1.64 26.14 37.51
CA TYR D 111 2.77 26.47 38.37
C TYR D 111 3.96 26.93 37.53
N ASN D 112 3.77 28.06 36.86
CA ASN D 112 4.80 28.67 36.03
C ASN D 112 5.12 30.09 36.42
N GLY D 113 4.64 30.56 37.57
CA GLY D 113 4.87 31.90 38.05
C GLY D 113 3.59 32.55 38.50
N MET D 114 3.67 33.86 38.74
CA MET D 114 2.55 34.65 39.23
C MET D 114 2.42 35.89 38.37
N ASP D 115 1.25 36.07 37.75
CA ASP D 115 1.04 37.16 36.80
C ASP D 115 0.14 38.26 37.31
N VAL D 116 -0.81 37.96 38.20
CA VAL D 116 -1.71 38.95 38.75
C VAL D 116 -1.51 38.95 40.26
N TRP D 117 -1.03 40.07 40.80
CA TRP D 117 -0.76 40.19 42.21
C TRP D 117 -1.73 41.18 42.84
N GLY D 118 -2.02 40.97 44.13
CA GLY D 118 -2.79 41.92 44.89
C GLY D 118 -1.92 43.02 45.47
N GLN D 119 -2.58 43.93 46.20
CA GLN D 119 -1.86 45.04 46.81
C GLN D 119 -1.12 44.64 48.07
N GLY D 120 -1.44 43.50 48.66
CA GLY D 120 -0.79 43.05 49.87
C GLY D 120 -1.59 43.42 51.10
N THR D 121 -1.47 42.59 52.14
CA THR D 121 -2.03 42.90 53.46
C THR D 121 -0.96 42.61 54.50
N THR D 122 -0.82 43.52 55.46
CA THR D 122 0.26 43.45 56.43
C THR D 122 -0.18 42.69 57.67
N VAL D 123 0.65 41.74 58.11
CA VAL D 123 0.51 41.11 59.42
C VAL D 123 1.76 41.43 60.22
N THR D 124 1.57 41.67 61.52
CA THR D 124 2.65 42.06 62.41
C THR D 124 2.55 41.22 63.68
N VAL D 125 3.51 40.33 63.88
CA VAL D 125 3.51 39.42 65.02
C VAL D 125 4.42 40.01 66.08
N SER D 126 3.82 40.51 67.15
CA SER D 126 4.56 41.18 68.21
C SER D 126 3.77 41.11 69.51
N SER D 127 4.50 41.02 70.62
CA SER D 127 3.90 41.11 71.93
C SER D 127 3.85 42.54 72.45
N ALA D 128 4.19 43.52 71.61
CA ALA D 128 4.26 44.91 72.03
C ALA D 128 2.88 45.52 72.07
N SER D 129 2.65 46.34 73.10
CA SER D 129 1.37 47.04 73.23
C SER D 129 1.36 48.29 72.36
N THR D 130 0.18 48.62 71.85
CA THR D 130 0.02 49.80 71.03
C THR D 130 0.45 51.04 71.79
N LYS D 131 1.27 51.88 71.15
CA LYS D 131 1.81 53.06 71.80
C LYS D 131 2.09 54.13 70.78
N GLY D 132 1.62 55.35 71.05
CA GLY D 132 1.94 56.49 70.21
C GLY D 132 3.36 56.96 70.46
N PRO D 133 3.91 57.71 69.51
CA PRO D 133 5.32 58.10 69.61
C PRO D 133 5.54 59.38 70.42
N SER D 134 6.71 59.43 71.05
CA SER D 134 7.23 60.70 71.53
C SER D 134 7.94 61.40 70.38
N VAL D 135 7.68 62.70 70.26
CA VAL D 135 8.20 63.50 69.15
C VAL D 135 9.20 64.49 69.72
N PHE D 136 10.47 64.29 69.40
CA PHE D 136 11.49 65.17 69.97
C PHE D 136 12.09 66.04 68.88
N PRO D 137 12.40 67.30 69.20
CA PRO D 137 12.95 68.20 68.17
C PRO D 137 14.41 67.93 67.92
N LEU D 138 14.77 67.95 66.63
CA LEU D 138 16.17 67.99 66.19
C LEU D 138 16.45 69.44 65.82
N ALA D 139 16.91 70.22 66.79
CA ALA D 139 17.00 71.66 66.64
C ALA D 139 18.13 72.02 65.68
N PRO D 140 17.94 73.05 64.85
CA PRO D 140 19.02 73.48 63.95
C PRO D 140 20.18 74.09 64.72
N SER D 141 21.39 73.85 64.23
CA SER D 141 22.60 74.31 64.89
C SER D 141 22.77 75.82 64.70
N SER D 142 23.66 76.40 65.50
CA SER D 142 23.82 77.85 65.49
C SER D 142 24.43 78.34 64.19
N LYS D 143 25.60 77.80 63.82
CA LYS D 143 26.27 78.20 62.59
C LYS D 143 26.43 77.06 61.60
N SER D 144 26.41 75.81 62.04
CA SER D 144 26.48 74.66 61.14
C SER D 144 25.26 74.59 60.22
N THR D 149 23.09 76.51 54.20
CA THR D 149 21.96 75.61 54.37
C THR D 149 22.03 74.88 55.71
N ALA D 150 20.93 74.88 56.44
CA ALA D 150 20.85 74.22 57.73
C ALA D 150 19.91 73.03 57.67
N ALA D 151 19.99 72.19 58.69
CA ALA D 151 19.16 70.99 58.80
C ALA D 151 18.47 70.98 60.15
N LEU D 152 17.17 70.68 60.14
CA LEU D 152 16.42 70.46 61.36
C LEU D 152 15.44 69.32 61.10
N GLY D 153 14.85 68.81 62.17
CA GLY D 153 13.93 67.70 62.00
C GLY D 153 13.31 67.29 63.31
N CYS D 154 12.60 66.15 63.26
CA CYS D 154 11.92 65.57 64.40
C CYS D 154 12.29 64.10 64.53
N LEU D 155 12.56 63.69 65.76
CA LEU D 155 12.78 62.28 66.09
C LEU D 155 11.47 61.69 66.59
N VAL D 156 10.93 60.73 65.85
CA VAL D 156 9.67 60.08 66.18
C VAL D 156 10.03 58.73 66.78
N LYS D 157 10.07 58.65 68.11
CA LYS D 157 10.70 57.55 68.82
C LYS D 157 9.69 56.73 69.62
N ASP D 158 9.88 55.41 69.61
CA ASP D 158 9.21 54.46 70.50
C ASP D 158 7.70 54.45 70.26
N TYR D 159 7.32 53.89 69.11
CA TYR D 159 5.91 53.71 68.78
C TYR D 159 5.69 52.30 68.23
N PHE D 160 4.43 51.85 68.36
CA PHE D 160 4.01 50.56 67.84
C PHE D 160 2.50 50.59 67.64
N PRO D 161 1.98 50.05 66.54
CA PRO D 161 2.76 49.49 65.43
C PRO D 161 2.97 50.49 64.31
N GLU D 162 3.53 50.02 63.19
CA GLU D 162 3.56 50.83 61.98
C GLU D 162 2.13 51.14 61.54
N PRO D 163 1.92 52.26 60.83
CA PRO D 163 2.89 53.31 60.54
C PRO D 163 2.59 54.65 61.20
N VAL D 164 3.51 55.59 61.09
CA VAL D 164 3.22 56.99 61.37
C VAL D 164 3.20 57.73 60.03
N THR D 165 2.57 58.90 60.05
CA THR D 165 2.61 59.82 58.91
C THR D 165 3.11 61.17 59.41
N VAL D 166 4.08 61.74 58.71
CA VAL D 166 4.75 62.95 59.13
C VAL D 166 4.58 64.01 58.04
N SER D 167 4.07 65.18 58.44
CA SER D 167 4.00 66.34 57.59
C SER D 167 4.73 67.49 58.28
N TRP D 168 5.05 68.52 57.50
CA TRP D 168 5.72 69.70 58.01
C TRP D 168 4.87 70.93 57.71
N ASN D 169 4.62 71.73 58.74
CA ASN D 169 3.74 72.90 58.65
C ASN D 169 2.40 72.53 58.01
N SER D 170 1.85 71.40 58.46
CA SER D 170 0.57 70.89 58.00
C SER D 170 0.57 70.58 56.51
N GLY D 171 1.72 70.17 55.98
CA GLY D 171 1.84 69.82 54.58
C GLY D 171 2.24 70.95 53.66
N ALA D 172 2.27 72.19 54.16
CA ALA D 172 2.66 73.32 53.32
C ALA D 172 4.14 73.23 52.95
N LEU D 173 4.98 72.78 53.88
CA LEU D 173 6.41 72.65 53.62
C LEU D 173 6.70 71.24 53.15
N THR D 174 7.05 71.11 51.87
CA THR D 174 7.47 69.84 51.29
C THR D 174 8.87 69.88 50.72
N SER D 175 9.36 71.05 50.32
CA SER D 175 10.69 71.16 49.73
C SER D 175 11.77 70.76 50.73
N GLY D 176 12.62 69.81 50.34
CA GLY D 176 13.75 69.45 51.15
C GLY D 176 13.45 68.55 52.33
N VAL D 177 12.29 67.91 52.35
CA VAL D 177 11.91 67.05 53.47
C VAL D 177 12.38 65.63 53.21
N HIS D 178 12.94 65.01 54.24
CA HIS D 178 13.32 63.60 54.20
C HIS D 178 12.79 62.93 55.45
N THR D 179 11.75 62.10 55.28
CA THR D 179 11.25 61.25 56.36
C THR D 179 11.74 59.83 56.12
N PHE D 180 12.59 59.36 57.02
CA PHE D 180 13.30 58.10 56.82
C PHE D 180 12.41 56.91 57.18
N PRO D 181 12.66 55.75 56.55
CA PRO D 181 12.03 54.51 57.02
C PRO D 181 12.38 54.24 58.47
N ALA D 182 11.45 53.63 59.18
CA ALA D 182 11.60 53.38 60.60
C ALA D 182 12.51 52.18 60.85
N VAL D 183 13.23 52.24 61.97
CA VAL D 183 13.98 51.09 62.46
C VAL D 183 13.17 50.43 63.56
N LEU D 184 13.27 49.11 63.64
CA LEU D 184 12.69 48.35 64.74
C LEU D 184 13.75 48.18 65.81
N GLN D 185 13.49 48.74 66.99
CA GLN D 185 14.45 48.68 68.08
C GLN D 185 14.32 47.34 68.82
N SER D 186 15.35 47.04 69.61
CA SER D 186 15.36 45.80 70.38
C SER D 186 14.20 45.73 71.36
N SER D 187 13.65 46.88 71.76
CA SER D 187 12.50 46.92 72.64
C SER D 187 11.21 46.49 71.97
N GLY D 188 11.18 46.42 70.64
CA GLY D 188 9.96 46.14 69.91
C GLY D 188 9.20 47.36 69.45
N LEU D 189 9.72 48.56 69.72
CA LEU D 189 9.10 49.81 69.29
C LEU D 189 9.90 50.39 68.13
N TYR D 190 9.22 51.16 67.29
CA TYR D 190 9.83 51.75 66.11
C TYR D 190 10.30 53.17 66.40
N SER D 191 11.34 53.58 65.68
CA SER D 191 11.86 54.94 65.73
C SER D 191 12.10 55.44 64.32
N LEU D 192 11.92 56.75 64.15
CA LEU D 192 11.88 57.34 62.82
C LEU D 192 12.28 58.81 62.95
N SER D 193 12.96 59.30 61.91
CA SER D 193 13.42 60.68 61.86
CA SER D 193 13.41 60.68 61.86
C SER D 193 12.91 61.31 60.57
N SER D 194 12.44 62.55 60.69
CA SER D 194 12.01 63.35 59.54
C SER D 194 12.74 64.67 59.61
N VAL D 195 13.52 64.97 58.57
CA VAL D 195 14.40 66.14 58.56
C VAL D 195 14.06 67.00 57.34
N VAL D 196 14.54 68.23 57.37
CA VAL D 196 14.35 69.18 56.28
C VAL D 196 15.56 70.11 56.22
N THR D 197 15.95 70.48 55.00
CA THR D 197 17.03 71.43 54.79
C THR D 197 16.46 72.78 54.43
N VAL D 198 16.93 73.81 55.13
CA VAL D 198 16.41 75.17 55.01
C VAL D 198 17.56 76.14 54.93
N PRO D 199 17.32 77.34 54.38
CA PRO D 199 18.34 78.39 54.43
C PRO D 199 18.60 78.80 55.87
N SER D 200 19.87 79.03 56.18
CA SER D 200 20.25 79.43 57.54
C SER D 200 19.58 80.73 57.96
N SER D 201 19.30 81.62 57.00
CA SER D 201 18.69 82.90 57.33
C SER D 201 17.27 82.73 57.85
N SER D 202 16.54 81.72 57.38
CA SER D 202 15.16 81.52 57.76
C SER D 202 14.99 80.96 59.17
N LEU D 203 16.09 80.62 59.86
CA LEU D 203 15.96 79.94 61.14
C LEU D 203 15.40 80.85 62.22
N GLY D 204 15.73 82.14 62.17
CA GLY D 204 15.17 83.09 63.10
C GLY D 204 13.94 83.79 62.58
N THR D 205 13.49 83.44 61.39
CA THR D 205 12.39 84.13 60.73
C THR D 205 11.42 83.14 60.08
N GLN D 206 11.27 81.93 60.65
CA GLN D 206 10.35 80.92 60.09
C GLN D 206 10.06 79.80 61.10
N THR D 207 8.80 79.56 61.40
CA THR D 207 8.50 78.43 62.24
C THR D 207 8.49 77.15 61.42
N TYR D 208 8.96 76.07 62.04
CA TYR D 208 8.94 74.73 61.44
C TYR D 208 8.26 73.79 62.44
N ILE D 209 7.10 73.29 62.06
CA ILE D 209 6.30 72.41 62.90
C ILE D 209 6.18 71.07 62.19
N CYS D 210 6.63 70.00 62.84
CA CYS D 210 6.41 68.66 62.32
C CYS D 210 5.14 68.08 62.92
N ASN D 211 4.37 67.40 62.09
CA ASN D 211 3.07 66.84 62.48
C ASN D 211 3.14 65.33 62.38
N VAL D 212 3.08 64.64 63.52
CA VAL D 212 3.19 63.19 63.58
C VAL D 212 1.81 62.63 63.91
N ASN D 213 1.29 61.79 63.03
CA ASN D 213 -0.02 61.17 63.18
C ASN D 213 0.16 59.67 63.32
N HIS D 214 -0.41 59.09 64.39
CA HIS D 214 -0.32 57.66 64.65
C HIS D 214 -1.72 57.14 64.94
N LYS D 215 -2.40 56.66 63.89
CA LYS D 215 -3.77 56.18 64.05
C LYS D 215 -3.95 55.06 65.08
N PRO D 216 -3.09 54.04 65.17
CA PRO D 216 -3.35 52.95 66.12
C PRO D 216 -3.52 53.40 67.57
N SER D 217 -2.83 54.46 67.99
CA SER D 217 -2.95 54.95 69.35
C SER D 217 -3.88 56.15 69.46
N ASN D 218 -4.49 56.58 68.34
CA ASN D 218 -5.38 57.74 68.32
C ASN D 218 -4.68 58.99 68.83
N THR D 219 -3.48 59.24 68.32
CA THR D 219 -2.67 60.37 68.76
C THR D 219 -2.20 61.16 67.55
N LYS D 220 -2.26 62.48 67.67
CA LYS D 220 -1.65 63.38 66.70
C LYS D 220 -0.82 64.39 67.48
N VAL D 221 0.48 64.42 67.23
CA VAL D 221 1.42 65.27 67.97
C VAL D 221 2.07 66.25 67.00
N ASP D 222 2.07 67.53 67.38
CA ASP D 222 2.69 68.60 66.61
C ASP D 222 3.79 69.22 67.46
N LYS D 223 5.01 69.22 66.94
CA LYS D 223 6.18 69.73 67.67
C LYS D 223 6.75 70.93 66.92
N LYS D 224 6.95 72.03 67.64
CA LYS D 224 7.56 73.23 67.07
C LYS D 224 9.08 73.11 67.18
N VAL D 225 9.77 73.14 66.05
CA VAL D 225 11.22 73.02 65.99
C VAL D 225 11.82 74.42 65.89
N GLU D 226 12.58 74.81 66.90
CA GLU D 226 13.13 76.16 67.00
C GLU D 226 14.60 76.08 67.44
N PRO D 227 15.41 77.07 67.07
CA PRO D 227 16.81 77.06 67.50
C PRO D 227 16.94 77.22 69.00
N LYS D 228 18.08 76.78 69.52
CA LYS D 228 18.33 76.82 70.96
C LYS D 228 18.83 78.18 71.42
N ASP E 1 15.58 21.98 47.43
CA ASP E 1 15.39 23.40 47.71
C ASP E 1 16.34 24.20 46.82
N ILE E 2 15.85 24.63 45.66
CA ILE E 2 16.71 25.22 44.64
C ILE E 2 17.03 26.65 45.02
N GLN E 3 18.31 26.94 45.20
CA GLN E 3 18.75 28.30 45.45
C GLN E 3 18.94 29.05 44.13
N LEU E 4 18.86 30.37 44.20
CA LEU E 4 19.08 31.22 43.04
C LEU E 4 19.96 32.38 43.46
N THR E 5 20.98 32.67 42.66
CA THR E 5 21.86 33.81 42.87
C THR E 5 21.78 34.74 41.66
N GLN E 6 21.81 36.04 41.93
CA GLN E 6 21.78 37.04 40.87
C GLN E 6 23.05 37.87 40.91
N SER E 7 23.49 38.31 39.73
CA SER E 7 24.66 39.16 39.64
C SER E 7 24.44 40.16 38.51
N PRO E 8 24.79 41.44 38.73
CA PRO E 8 25.31 41.90 40.02
C PRO E 8 24.19 42.18 41.02
N SER E 9 24.55 42.62 42.23
CA SER E 9 23.54 42.98 43.21
C SER E 9 22.92 44.33 42.91
N SER E 10 23.68 45.23 42.29
CA SER E 10 23.19 46.55 41.93
C SER E 10 23.83 46.98 40.62
N VAL E 11 23.12 47.84 39.89
CA VAL E 11 23.62 48.36 38.62
C VAL E 11 23.27 49.84 38.54
N SER E 12 24.24 50.65 38.14
CA SER E 12 24.06 52.09 37.97
C SER E 12 24.05 52.38 36.47
N ALA E 13 22.87 52.69 35.94
CA ALA E 13 22.67 52.81 34.51
C ALA E 13 22.06 54.16 34.16
N SER E 14 22.09 54.48 32.87
CA SER E 14 21.50 55.69 32.33
C SER E 14 20.44 55.32 31.30
N VAL E 15 19.63 56.31 30.91
CA VAL E 15 18.60 56.09 29.92
C VAL E 15 19.25 55.80 28.57
N GLY E 16 18.88 54.66 27.98
CA GLY E 16 19.43 54.22 26.71
C GLY E 16 20.43 53.10 26.81
N ASP E 17 20.97 52.85 28.01
CA ASP E 17 21.96 51.81 28.19
C ASP E 17 21.35 50.42 27.95
N ARG E 18 22.23 49.47 27.64
CA ARG E 18 21.88 48.05 27.59
C ARG E 18 22.26 47.44 28.93
N VAL E 19 21.27 46.85 29.61
CA VAL E 19 21.44 46.30 30.95
C VAL E 19 21.16 44.80 30.90
N THR E 20 22.08 44.01 31.45
CA THR E 20 21.94 42.57 31.49
C THR E 20 22.08 42.10 32.94
N ILE E 21 21.08 41.34 33.41
CA ILE E 21 21.10 40.74 34.73
C ILE E 21 21.07 39.23 34.57
N THR E 22 21.90 38.53 35.35
CA THR E 22 22.01 37.08 35.25
C THR E 22 21.49 36.42 36.52
N CYS E 23 21.02 35.18 36.36
CA CYS E 23 20.45 34.39 37.43
C CYS E 23 21.05 32.99 37.36
N ARG E 24 21.62 32.53 38.45
CA ARG E 24 22.28 31.22 38.50
C ARG E 24 21.50 30.32 39.45
N ALA E 25 21.14 29.13 38.97
CA ALA E 25 20.44 28.14 39.78
C ALA E 25 21.40 27.08 40.28
N SER E 26 21.11 26.55 41.47
CA SER E 26 21.94 25.51 42.07
C SER E 26 21.74 24.15 41.41
N GLN E 27 20.74 24.00 40.56
CA GLN E 27 20.57 22.78 39.77
C GLN E 27 19.81 23.15 38.49
N GLY E 28 19.87 22.25 37.52
CA GLY E 28 19.20 22.47 36.25
C GLY E 28 17.70 22.62 36.40
N ILE E 29 17.12 23.66 35.78
CA ILE E 29 15.69 23.91 35.87
C ILE E 29 15.11 24.15 34.48
N SER E 30 15.78 23.61 33.45
CA SER E 30 15.32 23.68 32.07
C SER E 30 14.95 25.10 31.64
N SER E 31 13.68 25.30 31.30
CA SER E 31 13.15 26.58 30.85
C SER E 31 12.22 27.22 31.86
N TRP E 32 12.24 26.77 33.11
CA TRP E 32 11.22 27.12 34.08
C TRP E 32 11.74 28.21 35.02
N LEU E 33 11.87 29.41 34.45
CA LEU E 33 12.33 30.57 35.19
C LEU E 33 11.56 31.80 34.73
N ALA E 34 11.25 32.68 35.67
CA ALA E 34 10.50 33.90 35.39
C ALA E 34 11.26 35.09 35.95
N TRP E 35 10.95 36.26 35.42
CA TRP E 35 11.55 37.51 35.87
C TRP E 35 10.46 38.48 36.33
N TYR E 36 10.73 39.15 37.44
CA TYR E 36 9.79 40.09 38.03
C TYR E 36 10.45 41.45 38.22
N GLN E 37 9.67 42.51 38.04
CA GLN E 37 10.10 43.87 38.29
C GLN E 37 9.31 44.40 39.48
N GLN E 38 10.01 45.02 40.43
CA GLN E 38 9.34 45.55 41.62
C GLN E 38 9.86 46.93 41.94
N LYS E 39 8.95 47.87 42.15
CA LYS E 39 9.20 49.23 42.57
C LYS E 39 8.75 49.43 44.01
N PRO E 40 9.35 50.39 44.73
CA PRO E 40 9.01 50.58 46.15
C PRO E 40 7.53 50.81 46.37
N GLY E 41 6.98 50.08 47.34
CA GLY E 41 5.57 50.20 47.70
C GLY E 41 4.61 49.56 46.74
N LYS E 42 5.08 48.71 45.82
CA LYS E 42 4.23 48.10 44.82
C LYS E 42 4.50 46.60 44.77
N ALA E 43 3.49 45.87 44.31
CA ALA E 43 3.64 44.43 44.18
C ALA E 43 4.58 44.10 43.03
N PRO E 44 5.25 42.95 43.09
CA PRO E 44 6.06 42.54 41.94
C PRO E 44 5.21 42.41 40.70
N LYS E 45 5.82 42.72 39.57
CA LYS E 45 5.16 42.66 38.26
C LYS E 45 5.88 41.63 37.41
N LEU E 46 5.11 40.68 36.86
CA LEU E 46 5.71 39.67 36.01
C LEU E 46 6.04 40.27 34.65
N LEU E 47 7.30 40.13 34.23
CA LEU E 47 7.74 40.58 32.92
C LEU E 47 7.91 39.42 31.95
N ILE E 48 8.67 38.41 32.36
CA ILE E 48 9.01 37.27 31.50
C ILE E 48 8.79 35.99 32.28
N TYR E 49 8.20 35.00 31.62
CA TYR E 49 8.09 33.65 32.12
C TYR E 49 8.62 32.69 31.04
N ALA E 50 8.92 31.47 31.46
CA ALA E 50 9.47 30.45 30.57
C ALA E 50 10.73 30.97 29.87
N VAL E 51 11.61 31.60 30.66
CA VAL E 51 12.92 32.08 30.24
C VAL E 51 12.82 33.24 29.26
N SER E 52 11.99 33.09 28.21
CA SER E 52 12.02 34.11 27.16
C SER E 52 10.65 34.48 26.62
N SER E 53 9.60 34.42 27.43
CA SER E 53 8.24 34.68 26.94
C SER E 53 7.78 35.95 27.60
N LEU E 54 7.75 37.01 26.81
CA LEU E 54 7.39 38.33 27.30
C LEU E 54 5.92 38.33 27.71
N GLN E 55 5.67 38.63 28.98
CA GLN E 55 4.30 38.76 29.46
C GLN E 55 3.59 39.87 28.70
N SER E 56 2.28 39.68 28.50
CA SER E 56 1.50 40.65 27.74
C SER E 56 1.60 42.04 28.36
N GLY E 57 1.80 43.04 27.50
CA GLY E 57 1.93 44.42 27.94
C GLY E 57 3.35 44.86 28.20
N VAL E 58 4.28 43.93 28.38
CA VAL E 58 5.68 44.31 28.63
C VAL E 58 6.31 44.78 27.33
N PRO E 59 6.99 45.92 27.33
CA PRO E 59 7.65 46.39 26.10
C PRO E 59 8.70 45.40 25.62
N SER E 60 8.86 45.34 24.29
CA SER E 60 9.75 44.36 23.68
C SER E 60 11.22 44.63 23.95
N ARG E 61 11.57 45.79 24.51
CA ARG E 61 12.97 46.04 24.87
C ARG E 61 13.45 45.08 25.95
N PHE E 62 12.53 44.46 26.69
CA PHE E 62 12.88 43.41 27.63
C PHE E 62 13.03 42.07 26.90
N SER E 63 14.10 41.35 27.20
CA SER E 63 14.31 40.03 26.62
C SER E 63 14.95 39.13 27.67
N GLY E 64 14.80 37.83 27.46
CA GLY E 64 15.33 36.86 28.39
C GLY E 64 15.87 35.63 27.70
N SER E 65 16.95 35.06 28.24
CA SER E 65 17.53 33.87 27.66
C SER E 65 18.11 33.01 28.77
N GLY E 66 18.49 31.79 28.41
CA GLY E 66 19.07 30.86 29.36
C GLY E 66 18.52 29.46 29.24
N SER E 67 19.18 28.52 29.92
CA SER E 67 18.79 27.11 29.89
C SER E 67 19.57 26.35 30.94
N GLY E 68 18.87 25.72 31.88
CA GLY E 68 19.50 24.90 32.89
C GLY E 68 19.84 25.65 34.16
N THR E 69 21.09 26.14 34.26
CA THR E 69 21.53 26.84 35.46
C THR E 69 21.79 28.33 35.27
N ASP E 70 21.96 28.81 34.04
CA ASP E 70 22.33 30.20 33.78
C ASP E 70 21.26 30.86 32.93
N PHE E 71 20.82 32.04 33.35
CA PHE E 71 19.74 32.76 32.69
C PHE E 71 20.07 34.25 32.66
N THR E 72 19.54 34.95 31.66
CA THR E 72 19.90 36.35 31.43
C THR E 72 18.66 37.17 31.14
N LEU E 73 18.56 38.32 31.79
CA LEU E 73 17.53 39.32 31.52
C LEU E 73 18.20 40.55 30.91
N THR E 74 17.74 40.96 29.74
CA THR E 74 18.35 42.04 28.99
C THR E 74 17.34 43.17 28.75
N ILE E 75 17.77 44.40 29.05
CA ILE E 75 17.02 45.61 28.71
C ILE E 75 17.82 46.34 27.64
N SER E 76 17.27 46.42 26.43
CA SER E 76 18.04 46.95 25.31
C SER E 76 18.29 48.45 25.46
N SER E 77 17.25 49.23 25.72
CA SER E 77 17.36 50.68 25.88
C SER E 77 16.59 51.07 27.13
N LEU E 78 17.30 51.31 28.22
CA LEU E 78 16.66 51.57 29.51
C LEU E 78 15.85 52.86 29.45
N GLN E 79 14.59 52.76 29.86
CA GLN E 79 13.68 53.89 29.94
C GLN E 79 13.45 54.28 31.39
N PRO E 80 13.06 55.53 31.65
CA PRO E 80 12.97 56.01 33.05
C PRO E 80 12.15 55.12 33.97
N GLU E 81 11.10 54.48 33.46
CA GLU E 81 10.26 53.59 34.26
C GLU E 81 10.84 52.20 34.45
N ASP E 82 12.11 51.98 34.09
CA ASP E 82 12.75 50.68 34.25
C ASP E 82 13.67 50.60 35.47
N PHE E 83 13.89 51.71 36.17
CA PHE E 83 14.73 51.71 37.37
C PHE E 83 13.95 51.07 38.51
N ALA E 84 14.27 49.81 38.81
CA ALA E 84 13.57 49.07 39.85
C ALA E 84 14.48 47.93 40.32
N THR E 85 13.93 47.07 41.17
CA THR E 85 14.60 45.84 41.59
C THR E 85 13.99 44.68 40.80
N TYR E 86 14.85 43.82 40.26
CA TYR E 86 14.43 42.72 39.42
C TYR E 86 14.75 41.41 40.11
N TYR E 87 13.79 40.48 40.08
CA TYR E 87 13.95 39.18 40.71
C TYR E 87 13.77 38.08 39.67
N CYS E 88 14.50 36.99 39.87
CA CYS E 88 14.31 35.77 39.07
C CYS E 88 13.72 34.70 39.97
N GLN E 89 12.77 33.95 39.43
CA GLN E 89 12.06 32.92 40.17
C GLN E 89 12.06 31.63 39.36
N GLN E 90 12.42 30.52 40.01
CA GLN E 90 12.38 29.22 39.39
C GLN E 90 11.05 28.53 39.70
N ALA E 91 10.64 27.63 38.79
CA ALA E 91 9.36 26.96 38.92
C ALA E 91 9.48 25.46 38.67
N LYS E 92 10.68 24.89 38.83
CA LYS E 92 10.83 23.45 38.63
C LYS E 92 10.12 22.67 39.72
N SER E 93 10.26 23.09 40.97
CA SER E 93 9.67 22.37 42.08
C SER E 93 9.35 23.34 43.21
N PHE E 94 8.46 22.92 44.09
CA PHE E 94 8.16 23.70 45.28
C PHE E 94 9.20 23.42 46.36
N PRO E 95 9.55 24.42 47.17
CA PRO E 95 9.00 25.79 47.18
C PRO E 95 9.52 26.65 46.03
N PHE E 96 8.64 27.47 45.46
CA PHE E 96 9.07 28.47 44.49
C PHE E 96 10.03 29.44 45.16
N THR E 97 11.29 29.44 44.73
CA THR E 97 12.29 30.30 45.33
C THR E 97 12.57 31.48 44.40
N PHE E 98 12.79 32.64 45.01
CA PHE E 98 13.17 33.85 44.29
C PHE E 98 14.67 34.08 44.41
N GLY E 99 15.17 34.94 43.55
CA GLY E 99 16.54 35.39 43.67
C GLY E 99 16.65 36.53 44.66
N PRO E 100 17.90 36.86 45.01
CA PRO E 100 18.12 37.97 45.95
C PRO E 100 17.77 39.32 45.36
N GLY E 101 17.64 39.42 44.05
CA GLY E 101 17.25 40.68 43.42
C GLY E 101 18.46 41.47 42.94
N THR E 102 18.23 42.27 41.90
CA THR E 102 19.23 43.20 41.40
C THR E 102 18.55 44.56 41.27
N LYS E 103 19.10 45.55 41.95
CA LYS E 103 18.54 46.91 41.90
C LYS E 103 19.18 47.68 40.75
N VAL E 104 18.35 48.24 39.89
CA VAL E 104 18.78 49.07 38.79
C VAL E 104 18.67 50.52 39.26
N GLU E 105 19.82 51.14 39.48
CA GLU E 105 19.95 52.47 40.05
C GLU E 105 20.27 53.50 38.97
N ILE E 106 19.93 54.75 39.25
CA ILE E 106 20.23 55.86 38.34
C ILE E 106 21.67 56.29 38.53
N LYS E 107 22.46 56.21 37.46
CA LYS E 107 23.83 56.70 37.49
C LYS E 107 23.85 58.22 37.47
N ARG E 108 24.68 58.82 38.32
CA ARG E 108 24.80 60.27 38.39
C ARG E 108 26.18 60.63 38.92
N THR E 109 26.44 61.94 39.06
CA THR E 109 27.73 62.42 39.51
C THR E 109 27.90 62.26 41.02
N VAL E 110 29.14 61.96 41.43
CA VAL E 110 29.48 61.80 42.84
C VAL E 110 29.20 63.09 43.59
N ALA E 111 28.31 63.02 44.57
CA ALA E 111 27.96 64.15 45.41
C ALA E 111 28.29 63.80 46.85
N ALA E 112 29.04 64.67 47.51
CA ALA E 112 29.41 64.40 48.90
C ALA E 112 28.22 64.69 49.83
N PRO E 113 28.13 63.96 50.93
CA PRO E 113 27.00 64.18 51.86
C PRO E 113 27.22 65.40 52.74
N SER E 114 26.14 66.14 52.97
CA SER E 114 26.11 67.17 53.99
C SER E 114 25.81 66.52 55.33
N VAL E 115 26.70 66.72 56.30
CA VAL E 115 26.66 66.01 57.57
C VAL E 115 26.22 66.98 58.66
N PHE E 116 25.19 66.58 59.43
CA PHE E 116 24.68 67.33 60.56
C PHE E 116 24.53 66.40 61.74
N ILE E 117 24.92 66.87 62.93
CA ILE E 117 24.78 66.12 64.16
C ILE E 117 23.77 66.84 65.05
N PHE E 118 22.97 66.06 65.78
CA PHE E 118 21.91 66.60 66.63
C PHE E 118 22.04 66.00 68.02
N PRO E 119 22.26 66.82 69.05
CA PRO E 119 22.26 66.30 70.43
C PRO E 119 20.86 65.91 70.85
N PRO E 120 20.74 65.08 71.89
CA PRO E 120 19.40 64.77 72.40
C PRO E 120 18.74 66.01 72.98
N SER E 121 17.44 66.14 72.75
CA SER E 121 16.69 67.29 73.22
C SER E 121 16.55 67.25 74.75
N ASP E 122 16.37 68.45 75.33
CA ASP E 122 16.19 68.54 76.78
C ASP E 122 14.96 67.79 77.25
N GLU E 123 13.90 67.77 76.43
CA GLU E 123 12.68 67.04 76.81
C GLU E 123 12.93 65.54 76.82
N GLN E 124 13.72 65.03 75.87
CA GLN E 124 13.98 63.60 75.83
C GLN E 124 14.85 63.17 77.00
N LEU E 125 15.85 63.98 77.35
CA LEU E 125 16.69 63.64 78.50
C LEU E 125 15.86 63.55 79.78
N LYS E 126 14.81 64.37 79.89
CA LYS E 126 13.91 64.27 81.04
C LYS E 126 13.20 62.92 81.09
N SER E 127 13.16 62.19 79.97
CA SER E 127 12.63 60.83 79.96
C SER E 127 13.66 59.79 80.36
N GLY E 128 14.91 60.18 80.58
CA GLY E 128 15.95 59.24 80.93
C GLY E 128 16.60 58.54 79.77
N THR E 129 16.41 59.02 78.55
CA THR E 129 16.99 58.43 77.36
C THR E 129 17.59 59.52 76.49
N ALA E 130 18.74 59.23 75.89
CA ALA E 130 19.43 60.17 75.01
C ALA E 130 19.58 59.55 73.63
N SER E 131 19.25 60.31 72.59
CA SER E 131 19.38 59.88 71.21
C SER E 131 20.14 60.96 70.45
N VAL E 132 21.32 60.62 69.93
CA VAL E 132 22.10 61.50 69.08
C VAL E 132 21.91 61.06 67.63
N VAL E 133 21.61 62.00 66.75
CA VAL E 133 21.27 61.71 65.36
C VAL E 133 22.30 62.37 64.43
N CYS E 134 22.76 61.62 63.44
CA CYS E 134 23.71 62.08 62.44
C CYS E 134 23.05 61.94 61.07
N LEU E 135 22.94 63.05 60.34
CA LEU E 135 22.25 63.09 59.07
C LEU E 135 23.25 63.24 57.93
N LEU E 136 23.20 62.32 56.97
CA LEU E 136 23.94 62.42 55.72
C LEU E 136 22.94 62.76 54.63
N ASN E 137 23.05 63.97 54.08
CA ASN E 137 21.99 64.54 53.24
C ASN E 137 22.45 64.64 51.79
N ASN E 138 21.66 64.04 50.89
CA ASN E 138 21.79 64.20 49.44
C ASN E 138 23.19 63.88 48.93
N PHE E 139 23.53 62.60 48.85
CA PHE E 139 24.83 62.16 48.41
C PHE E 139 24.68 61.04 47.39
N TYR E 140 25.78 60.76 46.68
CA TYR E 140 25.81 59.68 45.70
C TYR E 140 27.26 59.29 45.50
N PRO E 141 27.58 57.98 45.41
CA PRO E 141 26.64 56.86 45.47
C PRO E 141 26.12 56.55 46.88
N ARG E 142 25.32 55.49 46.98
CA ARG E 142 24.64 55.17 48.24
C ARG E 142 25.63 54.74 49.32
N GLU E 143 26.74 54.13 48.93
CA GLU E 143 27.66 53.55 49.90
C GLU E 143 28.22 54.64 50.82
N ALA E 144 28.08 54.44 52.12
CA ALA E 144 28.53 55.41 53.10
C ALA E 144 28.77 54.70 54.43
N LYS E 145 29.69 55.26 55.22
CA LYS E 145 30.08 54.67 56.49
C LYS E 145 30.03 55.75 57.56
N VAL E 146 29.31 55.47 58.64
CA VAL E 146 29.20 56.37 59.78
C VAL E 146 29.76 55.66 61.00
N GLN E 147 30.69 56.32 61.69
CA GLN E 147 31.25 55.81 62.93
C GLN E 147 30.99 56.81 64.04
N TRP E 148 30.44 56.33 65.14
CA TRP E 148 30.21 57.16 66.32
C TRP E 148 31.40 57.07 67.26
N LYS E 149 31.82 58.21 67.77
CA LYS E 149 32.91 58.26 68.73
C LYS E 149 32.48 59.13 69.91
N VAL E 150 32.60 58.57 71.10
CA VAL E 150 32.19 59.21 72.33
C VAL E 150 33.46 59.42 73.14
N ASP E 151 33.93 60.67 73.18
CA ASP E 151 35.26 61.01 73.72
C ASP E 151 36.34 60.21 73.00
N ASN E 152 36.28 60.21 71.67
CA ASN E 152 37.20 59.52 70.77
C ASN E 152 37.18 58.00 70.93
N ALA E 153 36.18 57.45 71.62
CA ALA E 153 36.02 56.01 71.76
C ALA E 153 35.03 55.52 70.73
N LEU E 154 35.48 54.67 69.82
CA LEU E 154 34.63 54.17 68.74
C LEU E 154 33.53 53.27 69.29
N GLN E 155 32.29 53.53 68.87
CA GLN E 155 31.12 52.81 69.34
C GLN E 155 30.77 51.66 68.40
N SER E 156 30.07 50.66 68.95
CA SER E 156 29.62 49.51 68.17
C SER E 156 28.45 48.85 68.89
N GLY E 157 27.40 48.53 68.14
CA GLY E 157 26.25 47.83 68.68
C GLY E 157 25.19 48.69 69.34
N ASN E 158 25.35 50.02 69.33
CA ASN E 158 24.39 50.92 69.97
C ASN E 158 23.90 51.98 68.99
N SER E 159 23.86 51.65 67.70
CA SER E 159 23.41 52.60 66.68
C SER E 159 22.60 51.86 65.62
N GLN E 160 21.71 52.61 64.97
CA GLN E 160 20.88 52.09 63.90
C GLN E 160 20.85 53.09 62.76
N GLU E 161 20.77 52.58 61.54
CA GLU E 161 20.80 53.41 60.34
C GLU E 161 19.52 53.23 59.54
N SER E 162 19.29 54.18 58.63
CA SER E 162 18.12 54.16 57.76
C SER E 162 18.45 55.01 56.54
N VAL E 163 18.15 54.50 55.35
CA VAL E 163 18.46 55.16 54.10
CA VAL E 163 18.46 55.16 54.10
C VAL E 163 17.18 55.42 53.33
N THR E 164 17.05 56.62 52.79
CA THR E 164 15.90 56.93 51.95
C THR E 164 16.06 56.26 50.58
N GLU E 165 14.94 56.08 49.90
CA GLU E 165 15.02 55.65 48.51
C GLU E 165 15.68 56.74 47.68
N GLN E 166 16.17 56.36 46.50
CA GLN E 166 16.83 57.33 45.65
C GLN E 166 15.87 58.44 45.26
N ASP E 167 16.32 59.68 45.41
CA ASP E 167 15.46 60.84 45.23
C ASP E 167 15.03 61.00 43.79
N SER E 168 13.76 61.36 43.60
CA SER E 168 13.18 61.51 42.27
C SER E 168 13.64 62.78 41.56
N LYS E 169 14.31 63.70 42.26
CA LYS E 169 14.71 64.97 41.66
C LYS E 169 16.19 65.01 41.31
N ASP E 170 17.06 64.66 42.25
CA ASP E 170 18.51 64.73 42.06
C ASP E 170 19.20 63.38 42.16
N SER E 171 18.44 62.29 42.28
CA SER E 171 18.98 60.93 42.25
C SER E 171 19.98 60.68 43.38
N THR E 172 19.86 61.42 44.48
CA THR E 172 20.76 61.24 45.62
C THR E 172 20.08 60.40 46.69
N TYR E 173 20.87 60.00 47.67
CA TYR E 173 20.39 59.27 48.83
C TYR E 173 20.59 60.12 50.08
N SER E 174 19.81 59.81 51.11
CA SER E 174 19.97 60.42 52.41
C SER E 174 20.00 59.32 53.46
N LEU E 175 20.81 59.53 54.50
CA LEU E 175 21.00 58.54 55.55
C LEU E 175 20.83 59.21 56.90
N SER E 176 20.21 58.49 57.83
CA SER E 176 20.02 58.95 59.19
C SER E 176 20.52 57.84 60.12
N SER E 177 21.49 58.18 60.96
CA SER E 177 22.03 57.24 61.94
C SER E 177 21.79 57.78 63.34
N THR E 178 21.26 56.93 64.22
CA THR E 178 20.88 57.34 65.58
C THR E 178 21.70 56.55 66.59
N LEU E 179 22.41 57.27 67.46
CA LEU E 179 23.11 56.68 68.59
C LEU E 179 22.22 56.79 69.82
N THR E 180 22.00 55.66 70.50
CA THR E 180 21.06 55.59 71.62
C THR E 180 21.81 55.21 72.89
N LEU E 181 21.87 56.12 73.83
CA LEU E 181 22.45 55.88 75.14
C LEU E 181 21.42 56.18 76.23
N SER E 182 21.64 55.59 77.39
CA SER E 182 20.88 55.99 78.57
C SER E 182 21.36 57.36 79.04
N LYS E 183 20.47 58.07 79.76
CA LYS E 183 20.85 59.37 80.30
C LYS E 183 22.06 59.26 81.21
N ALA E 184 22.21 58.13 81.90
CA ALA E 184 23.38 57.93 82.75
C ALA E 184 24.66 57.94 81.94
N ASP E 185 24.74 57.10 80.90
CA ASP E 185 25.93 57.03 80.08
C ASP E 185 26.17 58.34 79.32
N TYR E 186 25.09 58.99 78.87
CA TYR E 186 25.26 60.21 78.08
C TYR E 186 25.93 61.32 78.87
N GLU E 187 25.60 61.42 80.16
CA GLU E 187 26.16 62.48 80.99
C GLU E 187 27.53 62.12 81.56
N LYS E 188 28.06 60.94 81.25
CA LYS E 188 29.40 60.57 81.66
C LYS E 188 30.48 61.01 80.67
N HIS E 189 30.07 61.54 79.51
CA HIS E 189 31.01 61.93 78.46
C HIS E 189 30.67 63.33 77.96
N LYS E 190 31.62 63.90 77.20
CA LYS E 190 31.55 65.28 76.76
C LYS E 190 31.48 65.42 75.25
N VAL E 191 32.34 64.72 74.51
CA VAL E 191 32.48 64.91 73.07
C VAL E 191 31.71 63.81 72.36
N TYR E 192 30.78 64.21 71.50
CA TYR E 192 30.00 63.28 70.69
C TYR E 192 30.16 63.66 69.23
N ALA E 193 30.61 62.70 68.41
CA ALA E 193 30.90 62.96 67.01
C ALA E 193 30.52 61.75 66.17
N CYS E 194 30.12 62.02 64.92
CA CYS E 194 29.97 60.98 63.91
C CYS E 194 30.96 61.26 62.79
N GLU E 195 31.83 60.29 62.53
CA GLU E 195 32.80 60.38 61.44
C GLU E 195 32.19 59.76 60.19
N VAL E 196 32.18 60.52 59.10
CA VAL E 196 31.55 60.11 57.84
C VAL E 196 32.63 59.94 56.79
N THR E 197 32.75 58.74 56.24
CA THR E 197 33.59 58.47 55.08
C THR E 197 32.69 58.19 53.88
N HIS E 198 33.01 58.82 52.75
CA HIS E 198 32.20 58.68 51.55
C HIS E 198 33.09 58.93 50.33
N GLN E 199 32.65 58.40 49.18
CA GLN E 199 33.45 58.50 47.97
C GLN E 199 33.69 59.96 47.56
N GLY E 200 32.70 60.82 47.80
CA GLY E 200 32.86 62.25 47.50
C GLY E 200 33.73 63.00 48.48
N LEU E 201 34.13 62.37 49.58
CA LEU E 201 34.98 62.99 50.58
C LEU E 201 36.38 62.43 50.45
N SER E 202 37.36 63.32 50.23
CA SER E 202 38.75 62.88 50.15
C SER E 202 39.31 62.41 51.48
N SER E 203 38.59 62.67 52.58
CA SER E 203 39.03 62.29 53.91
C SER E 203 37.80 62.31 54.81
N PRO E 204 37.80 61.51 55.88
CA PRO E 204 36.59 61.39 56.70
C PRO E 204 36.16 62.74 57.27
N VAL E 205 34.87 63.04 57.13
CA VAL E 205 34.28 64.26 57.64
C VAL E 205 33.67 63.96 59.01
N THR E 206 33.95 64.81 59.97
CA THR E 206 33.49 64.64 61.35
C THR E 206 32.67 65.85 61.76
N LYS E 207 31.47 65.58 62.28
CA LYS E 207 30.62 66.60 62.88
C LYS E 207 30.46 66.25 64.36
N SER E 208 30.81 67.19 65.23
CA SER E 208 30.86 66.93 66.66
C SER E 208 30.16 68.03 67.42
N PHE E 209 29.93 67.77 68.71
CA PHE E 209 29.47 68.77 69.65
C PHE E 209 29.94 68.39 71.05
N ASN E 210 30.03 69.39 71.91
CA ASN E 210 30.38 69.20 73.31
C ASN E 210 29.09 69.29 74.12
N ARG E 211 28.81 68.25 74.91
CA ARG E 211 27.56 68.15 75.67
C ARG E 211 27.25 69.42 76.44
N GLY E 212 26.10 70.03 76.16
CA GLY E 212 25.69 71.24 76.82
C GLY E 212 25.96 72.52 76.04
N GLU E 213 27.12 72.60 75.41
CA GLU E 213 27.49 73.78 74.63
C GLU E 213 26.77 73.85 73.29
N CYS F 13 35.89 4.33 -67.74
CA CYS F 13 36.85 3.34 -67.23
C CYS F 13 36.14 1.98 -67.20
N PRO F 14 36.71 0.89 -66.58
CA PRO F 14 35.99 -0.38 -66.62
C PRO F 14 34.78 -0.48 -65.69
N PHE F 15 33.99 0.60 -65.61
CA PHE F 15 32.81 0.56 -64.76
C PHE F 15 31.86 -0.57 -65.13
N GLY F 16 31.96 -1.10 -66.36
CA GLY F 16 31.11 -2.20 -66.75
C GLY F 16 31.28 -3.42 -65.87
N GLU F 17 32.53 -3.74 -65.50
CA GLU F 17 32.79 -4.90 -64.66
C GLU F 17 32.66 -4.59 -63.16
N VAL F 18 32.52 -3.32 -62.79
CA VAL F 18 32.39 -2.97 -61.38
C VAL F 18 30.93 -2.88 -60.95
N PHE F 19 30.09 -2.29 -61.80
CA PHE F 19 28.67 -2.16 -61.46
C PHE F 19 27.89 -3.42 -61.82
N ASN F 20 28.02 -3.88 -63.07
CA ASN F 20 27.27 -5.04 -63.55
C ASN F 20 28.00 -6.35 -63.32
N ALA F 21 28.76 -6.46 -62.23
CA ALA F 21 29.44 -7.70 -61.91
C ALA F 21 28.43 -8.79 -61.58
N THR F 22 28.83 -10.04 -61.78
CA THR F 22 27.93 -11.17 -61.55
C THR F 22 27.61 -11.32 -60.07
N ARG F 23 28.62 -11.24 -59.20
CA ARG F 23 28.41 -11.38 -57.78
C ARG F 23 29.26 -10.34 -57.06
N PHE F 24 28.68 -9.73 -56.02
CA PHE F 24 29.39 -8.75 -55.21
C PHE F 24 29.92 -9.41 -53.95
N ALA F 25 30.72 -8.65 -53.21
CA ALA F 25 31.34 -9.13 -51.98
C ALA F 25 30.48 -8.78 -50.77
N SER F 26 30.69 -9.51 -49.69
CA SER F 26 30.06 -9.17 -48.43
C SER F 26 30.65 -7.86 -47.90
N VAL F 27 29.87 -7.15 -47.10
CA VAL F 27 30.31 -5.84 -46.64
C VAL F 27 31.50 -5.96 -45.71
N TYR F 28 31.58 -7.01 -44.91
CA TYR F 28 32.74 -7.17 -44.04
C TYR F 28 34.00 -7.48 -44.85
N ALA F 29 33.85 -8.18 -45.97
CA ALA F 29 34.97 -8.47 -46.85
C ALA F 29 34.84 -7.68 -48.14
N TRP F 30 34.68 -6.36 -48.02
CA TRP F 30 34.39 -5.52 -49.16
C TRP F 30 35.57 -5.49 -50.13
N ASN F 31 35.25 -5.48 -51.43
CA ASN F 31 36.25 -5.53 -52.48
C ASN F 31 36.62 -4.13 -52.96
N ARG F 32 37.90 -3.94 -53.28
CA ARG F 32 38.42 -2.68 -53.78
C ARG F 32 39.06 -2.90 -55.14
N LYS F 33 38.68 -2.05 -56.11
CA LYS F 33 39.23 -2.12 -57.46
C LYS F 33 39.97 -0.83 -57.77
N ARG F 34 41.19 -0.98 -58.30
CA ARG F 34 42.01 0.17 -58.67
C ARG F 34 41.67 0.66 -60.07
N ILE F 35 41.44 1.97 -60.19
CA ILE F 35 41.10 2.63 -61.44
C ILE F 35 42.08 3.79 -61.60
N SER F 36 42.88 3.76 -62.67
CA SER F 36 43.88 4.77 -62.95
C SER F 36 43.46 5.58 -64.16
N ASN F 37 44.11 6.74 -64.35
CA ASN F 37 43.94 7.59 -65.54
C ASN F 37 43.46 6.86 -66.79
N CYS F 38 42.14 6.71 -66.90
CA CYS F 38 41.51 6.12 -68.08
C CYS F 38 40.24 6.92 -68.35
N VAL F 39 39.29 6.29 -69.03
CA VAL F 39 38.09 6.96 -69.54
C VAL F 39 37.07 7.15 -68.42
N ALA F 40 36.38 8.28 -68.40
CA ALA F 40 35.42 8.48 -67.33
C ALA F 40 34.27 9.34 -67.82
N ASP F 41 33.05 8.95 -67.42
CA ASP F 41 31.83 9.67 -67.77
C ASP F 41 30.81 9.41 -66.66
N TYR F 42 30.93 10.18 -65.57
CA TYR F 42 30.01 10.08 -64.45
C TYR F 42 28.71 10.85 -64.69
N SER F 43 28.35 11.13 -65.93
CA SER F 43 27.12 11.86 -66.22
C SER F 43 25.91 10.96 -66.43
N VAL F 44 26.10 9.79 -67.03
CA VAL F 44 24.97 8.87 -67.25
C VAL F 44 24.62 8.09 -66.01
N LEU F 45 25.43 8.17 -64.95
CA LEU F 45 25.10 7.49 -63.71
C LEU F 45 24.19 8.34 -62.85
N TYR F 46 24.41 9.66 -62.85
CA TYR F 46 23.53 10.57 -62.11
C TYR F 46 22.13 10.63 -62.74
N ASN F 47 22.04 10.44 -64.06
CA ASN F 47 20.76 10.53 -64.77
C ASN F 47 19.96 9.24 -64.70
N SER F 48 20.40 8.23 -63.97
CA SER F 48 19.79 6.91 -64.01
C SER F 48 18.87 6.72 -62.81
N ALA F 49 17.60 6.44 -63.08
CA ALA F 49 16.69 6.06 -62.01
C ALA F 49 16.97 4.67 -61.48
N SER F 50 17.78 3.88 -62.19
CA SER F 50 18.18 2.57 -61.67
C SER F 50 18.96 2.71 -60.37
N PHE F 51 19.78 3.76 -60.25
CA PHE F 51 20.59 3.96 -59.06
C PHE F 51 19.75 4.66 -58.00
N SER F 52 19.39 3.92 -56.94
CA SER F 52 18.60 4.49 -55.86
C SER F 52 19.36 5.54 -55.06
N THR F 53 20.68 5.56 -55.14
CA THR F 53 21.48 6.50 -54.35
C THR F 53 22.67 6.96 -55.18
N PHE F 54 22.83 8.28 -55.29
CA PHE F 54 24.00 8.88 -55.94
C PHE F 54 24.32 10.18 -55.19
N LYS F 55 25.22 10.08 -54.23
CA LYS F 55 25.58 11.22 -53.39
C LYS F 55 27.10 11.33 -53.34
N CYS F 56 27.60 12.54 -53.58
CA CYS F 56 29.03 12.81 -53.61
C CYS F 56 29.40 13.76 -52.48
N TYR F 57 30.63 13.63 -51.98
CA TYR F 57 31.11 14.39 -50.85
C TYR F 57 32.45 15.02 -51.20
N GLY F 58 32.59 16.32 -50.90
CA GLY F 58 33.77 17.07 -51.30
C GLY F 58 33.80 17.46 -52.77
N VAL F 59 32.88 16.95 -53.58
CA VAL F 59 32.87 17.19 -55.01
C VAL F 59 31.41 17.19 -55.47
N SER F 60 31.15 17.94 -56.54
CA SER F 60 29.78 18.05 -57.04
C SER F 60 29.46 16.87 -57.95
N PRO F 61 28.25 16.32 -57.87
CA PRO F 61 27.91 15.18 -58.74
C PRO F 61 27.74 15.55 -60.19
N THR F 62 27.59 16.84 -60.52
CA THR F 62 27.50 17.26 -61.90
C THR F 62 28.82 17.02 -62.63
N LYS F 63 29.93 17.44 -62.03
CA LYS F 63 31.24 17.27 -62.62
C LYS F 63 31.68 15.80 -62.59
N LEU F 67 36.61 17.60 -63.35
CA LEU F 67 37.83 17.64 -62.55
C LEU F 67 38.70 16.42 -62.86
N CYS F 68 39.89 16.36 -62.27
CA CYS F 68 40.83 15.27 -62.50
C CYS F 68 41.53 14.90 -61.21
N PHE F 69 41.65 13.60 -60.95
CA PHE F 69 42.42 13.10 -59.82
C PHE F 69 43.37 12.02 -60.29
N THR F 70 44.41 11.76 -59.49
CA THR F 70 45.45 10.84 -59.93
C THR F 70 44.96 9.40 -59.97
N ASN F 71 44.12 9.00 -59.02
CA ASN F 71 43.65 7.63 -58.93
C ASN F 71 42.18 7.60 -58.52
N VAL F 72 41.53 6.49 -58.83
CA VAL F 72 40.14 6.24 -58.44
C VAL F 72 40.06 4.83 -57.89
N TYR F 73 39.46 4.69 -56.71
CA TYR F 73 39.18 3.38 -56.12
C TYR F 73 37.69 3.12 -56.16
N ALA F 74 37.33 1.87 -56.46
CA ALA F 74 35.94 1.44 -56.51
C ALA F 74 35.74 0.34 -55.48
N ASP F 75 35.22 0.72 -54.32
CA ASP F 75 34.90 -0.24 -53.26
C ASP F 75 33.45 -0.68 -53.43
N SER F 76 33.24 -2.00 -53.43
CA SER F 76 31.92 -2.56 -53.69
C SER F 76 31.59 -3.64 -52.66
N PHE F 77 30.31 -3.72 -52.32
CA PHE F 77 29.79 -4.68 -51.35
C PHE F 77 28.27 -4.67 -51.44
N VAL F 78 27.63 -5.51 -50.63
CA VAL F 78 26.18 -5.60 -50.57
C VAL F 78 25.75 -5.41 -49.12
N ILE F 79 24.75 -4.53 -48.93
CA ILE F 79 24.10 -4.35 -47.64
C ILE F 79 22.60 -4.32 -47.89
N ARG F 80 21.82 -3.99 -46.87
CA ARG F 80 20.39 -3.83 -47.08
C ARG F 80 20.02 -2.34 -47.12
N GLY F 81 18.83 -2.07 -47.66
CA GLY F 81 18.47 -0.70 -48.01
C GLY F 81 18.54 0.27 -46.84
N ASP F 82 18.11 -0.17 -45.65
CA ASP F 82 18.15 0.69 -44.47
C ASP F 82 19.56 1.10 -44.08
N GLU F 83 20.58 0.37 -44.55
CA GLU F 83 21.96 0.60 -44.14
C GLU F 83 22.72 1.51 -45.08
N VAL F 84 22.15 1.87 -46.23
CA VAL F 84 22.85 2.73 -47.18
C VAL F 84 23.10 4.11 -46.59
N ARG F 85 22.28 4.53 -45.63
CA ARG F 85 22.52 5.80 -44.96
C ARG F 85 23.83 5.82 -44.18
N GLN F 86 24.36 4.64 -43.83
CA GLN F 86 25.61 4.57 -43.08
C GLN F 86 26.82 4.73 -43.97
N ILE F 87 26.69 4.53 -45.28
CA ILE F 87 27.82 4.69 -46.20
C ILE F 87 27.95 6.17 -46.51
N ALA F 88 28.40 6.95 -45.53
CA ALA F 88 28.57 8.38 -45.66
C ALA F 88 29.50 8.84 -44.55
N PRO F 89 30.24 9.93 -44.74
CA PRO F 89 31.15 10.40 -43.70
C PRO F 89 30.38 10.80 -42.44
N GLY F 90 30.97 10.51 -41.29
CA GLY F 90 30.39 10.92 -40.02
C GLY F 90 29.14 10.19 -39.63
N GLN F 91 28.98 8.93 -40.08
CA GLN F 91 27.81 8.13 -39.78
C GLN F 91 28.16 7.02 -38.80
N THR F 92 27.15 6.52 -38.11
CA THR F 92 27.31 5.47 -37.12
C THR F 92 26.28 4.37 -37.36
N GLY F 93 26.61 3.18 -36.88
CA GLY F 93 25.75 2.03 -37.07
C GLY F 93 26.58 0.78 -37.24
N LYS F 94 25.86 -0.34 -37.41
CA LYS F 94 26.50 -1.64 -37.59
C LYS F 94 27.50 -1.61 -38.74
N ILE F 95 27.11 -1.03 -39.87
CA ILE F 95 27.97 -1.06 -41.05
C ILE F 95 29.14 -0.10 -40.89
N ALA F 96 28.86 1.15 -40.49
CA ALA F 96 29.90 2.16 -40.40
C ALA F 96 30.95 1.79 -39.37
N ASP F 97 30.54 1.20 -38.25
CA ASP F 97 31.46 0.91 -37.16
C ASP F 97 32.17 -0.42 -37.32
N TYR F 98 31.48 -1.43 -37.86
CA TYR F 98 32.02 -2.79 -37.86
C TYR F 98 32.28 -3.34 -39.26
N ASN F 99 31.93 -2.61 -40.32
CA ASN F 99 32.06 -3.18 -41.66
C ASN F 99 32.81 -2.26 -42.63
N TYR F 100 32.41 -0.99 -42.71
CA TYR F 100 32.98 -0.09 -43.71
C TYR F 100 32.82 1.34 -43.21
N LYS F 101 33.94 2.00 -42.94
CA LYS F 101 33.95 3.36 -42.42
C LYS F 101 34.55 4.31 -43.43
N LEU F 102 33.83 5.40 -43.73
CA LEU F 102 34.33 6.47 -44.59
C LEU F 102 34.90 7.58 -43.73
N PRO F 103 36.07 8.12 -44.06
CA PRO F 103 36.64 9.20 -43.24
C PRO F 103 35.80 10.47 -43.33
N ASP F 104 36.05 11.36 -42.36
CA ASP F 104 35.31 12.62 -42.32
C ASP F 104 35.63 13.48 -43.54
N ASP F 105 36.89 13.47 -43.98
CA ASP F 105 37.33 14.24 -45.14
C ASP F 105 37.22 13.45 -46.45
N PHE F 106 36.29 12.51 -46.52
CA PHE F 106 36.12 11.70 -47.72
C PHE F 106 35.77 12.57 -48.92
N THR F 107 36.49 12.37 -50.01
CA THR F 107 36.24 13.07 -51.28
C THR F 107 35.92 12.01 -52.32
N GLY F 108 34.65 11.83 -52.62
CA GLY F 108 34.24 10.83 -53.59
C GLY F 108 32.74 10.74 -53.67
N CYS F 109 32.25 9.61 -54.16
CA CYS F 109 30.82 9.40 -54.36
C CYS F 109 30.43 8.00 -53.89
N VAL F 110 29.17 7.87 -53.48
CA VAL F 110 28.59 6.59 -53.09
C VAL F 110 27.41 6.31 -53.99
N ILE F 111 27.41 5.14 -54.62
CA ILE F 111 26.38 4.75 -55.58
C ILE F 111 25.79 3.41 -55.15
N ALA F 112 24.47 3.30 -55.19
CA ALA F 112 23.79 2.09 -54.77
C ALA F 112 22.55 1.86 -55.64
N TRP F 113 22.18 0.60 -55.79
CA TRP F 113 20.96 0.24 -56.50
C TRP F 113 20.39 -1.04 -55.90
N ASN F 114 19.07 -1.18 -55.99
CA ASN F 114 18.39 -2.35 -55.44
C ASN F 114 18.75 -3.59 -56.26
N SER F 115 19.29 -4.59 -55.58
CA SER F 115 19.69 -5.85 -56.22
C SER F 115 18.86 -7.02 -55.69
N ASN F 116 17.56 -6.80 -55.52
CA ASN F 116 16.69 -7.85 -55.01
C ASN F 116 16.60 -9.01 -56.00
N ASN F 117 16.53 -8.71 -57.29
CA ASN F 117 16.37 -9.74 -58.31
C ASN F 117 17.58 -10.65 -58.43
N LEU F 118 18.73 -10.23 -57.93
CA LEU F 118 19.97 -11.00 -58.04
C LEU F 118 20.38 -11.67 -56.74
N ASP F 119 20.31 -10.97 -55.61
CA ASP F 119 20.90 -11.43 -54.36
C ASP F 119 19.89 -11.96 -53.36
N SER F 120 18.60 -12.04 -53.71
CA SER F 120 17.59 -12.57 -52.81
C SER F 120 17.13 -13.94 -53.27
N LYS F 121 16.91 -14.83 -52.31
CA LYS F 121 16.48 -16.19 -52.55
C LYS F 121 15.33 -16.54 -51.63
N VAL F 122 14.38 -17.35 -52.12
CA VAL F 122 13.30 -17.82 -51.27
C VAL F 122 13.89 -18.69 -50.15
N GLY F 123 13.53 -18.36 -48.91
CA GLY F 123 14.12 -19.00 -47.75
C GLY F 123 15.31 -18.27 -47.18
N GLY F 124 15.85 -17.28 -47.88
CA GLY F 124 16.96 -16.51 -47.36
C GLY F 124 18.28 -16.85 -48.02
N ASN F 125 19.03 -15.83 -48.42
CA ASN F 125 20.35 -16.02 -49.02
C ASN F 125 21.40 -16.07 -47.91
N TYR F 126 22.35 -16.98 -48.07
CA TYR F 126 23.38 -17.23 -47.08
C TYR F 126 24.76 -16.74 -47.52
N ASN F 127 24.83 -16.01 -48.64
CA ASN F 127 26.12 -15.65 -49.22
C ASN F 127 26.64 -14.30 -48.73
N TYR F 128 25.76 -13.39 -48.34
CA TYR F 128 26.16 -12.06 -47.90
C TYR F 128 26.14 -11.98 -46.38
N LEU F 129 27.27 -11.62 -45.79
CA LEU F 129 27.42 -11.54 -44.35
C LEU F 129 27.79 -10.12 -43.94
N TYR F 130 27.63 -9.84 -42.65
CA TYR F 130 28.03 -8.57 -42.08
C TYR F 130 28.49 -8.79 -40.65
N ARG F 131 29.50 -8.04 -40.23
CA ARG F 131 30.04 -8.18 -38.89
C ARG F 131 29.05 -7.62 -37.86
N LEU F 132 28.71 -8.44 -36.87
CA LEU F 132 27.73 -8.07 -35.87
C LEU F 132 28.36 -7.59 -34.57
N PHE F 133 29.51 -8.13 -34.19
CA PHE F 133 30.20 -7.74 -32.96
C PHE F 133 31.65 -7.39 -33.28
N ARG F 134 32.18 -6.42 -32.55
CA ARG F 134 33.58 -6.04 -32.63
C ARG F 134 33.90 -5.18 -31.42
N LYS F 135 35.09 -5.39 -30.84
CA LYS F 135 35.42 -4.67 -29.61
C LYS F 135 35.73 -3.21 -29.87
N SER F 136 36.23 -2.86 -31.05
CA SER F 136 36.50 -1.48 -31.39
C SER F 136 36.02 -1.20 -32.81
N ASN F 137 35.81 0.08 -33.11
CA ASN F 137 35.32 0.48 -34.42
C ASN F 137 36.44 0.50 -35.44
N LEU F 138 36.06 0.31 -36.71
CA LEU F 138 37.04 0.33 -37.78
C LEU F 138 37.54 1.74 -38.04
N LYS F 139 38.85 1.85 -38.31
CA LYS F 139 39.38 3.09 -38.84
C LYS F 139 38.92 3.25 -40.28
N PRO F 140 38.96 4.47 -40.82
CA PRO F 140 38.50 4.68 -42.20
C PRO F 140 39.21 3.77 -43.19
N PHE F 141 38.40 3.09 -44.01
CA PHE F 141 38.88 2.17 -45.03
C PHE F 141 39.63 0.98 -44.44
N GLU F 142 39.26 0.58 -43.22
CA GLU F 142 39.81 -0.62 -42.61
C GLU F 142 38.94 -1.81 -42.97
N ARG F 143 39.59 -2.96 -43.15
CA ARG F 143 38.92 -4.18 -43.61
C ARG F 143 39.22 -5.30 -42.63
N ASP F 144 38.17 -5.83 -42.00
CA ASP F 144 38.29 -6.88 -40.99
C ASP F 144 37.53 -8.11 -41.47
N ILE F 145 38.26 -9.22 -41.60
CA ILE F 145 37.67 -10.47 -42.07
C ILE F 145 37.94 -11.59 -41.07
N SER F 146 38.32 -11.21 -39.84
CA SER F 146 38.62 -12.21 -38.82
C SER F 146 37.34 -12.87 -38.34
N THR F 147 37.42 -14.19 -38.09
CA THR F 147 36.28 -14.97 -37.62
C THR F 147 36.50 -15.48 -36.20
N GLU F 148 37.28 -14.75 -35.40
CA GLU F 148 37.51 -15.14 -34.02
C GLU F 148 36.23 -14.98 -33.19
N ILE F 149 35.99 -15.92 -32.27
CA ILE F 149 34.78 -15.87 -31.46
C ILE F 149 34.80 -14.64 -30.59
N TYR F 150 33.70 -13.88 -30.63
CA TYR F 150 33.62 -12.61 -29.91
C TYR F 150 33.35 -12.88 -28.43
N GLN F 151 34.29 -12.46 -27.58
CA GLN F 151 34.15 -12.59 -26.13
C GLN F 151 33.40 -11.37 -25.61
N ALA F 152 32.13 -11.55 -25.29
CA ALA F 152 31.31 -10.46 -24.77
C ALA F 152 31.40 -10.33 -23.26
N GLY F 153 31.82 -11.38 -22.56
CA GLY F 153 31.97 -11.34 -21.12
C GLY F 153 33.42 -11.28 -20.68
N SER F 154 33.62 -11.47 -19.38
CA SER F 154 34.98 -11.53 -18.84
C SER F 154 35.59 -12.91 -19.03
N THR F 155 34.80 -13.96 -19.01
CA THR F 155 35.33 -15.30 -19.16
C THR F 155 35.78 -15.51 -20.60
N PRO F 156 36.98 -16.04 -20.84
CA PRO F 156 37.46 -16.20 -22.22
C PRO F 156 36.78 -17.37 -22.92
N CYS F 157 36.32 -17.13 -24.14
CA CYS F 157 35.88 -18.21 -25.00
C CYS F 157 37.11 -18.94 -25.54
N ASN F 158 37.00 -20.26 -25.64
CA ASN F 158 38.12 -21.06 -26.14
C ASN F 158 37.78 -21.63 -27.50
N GLY F 159 37.27 -20.78 -28.40
CA GLY F 159 36.86 -21.22 -29.72
C GLY F 159 35.46 -21.78 -29.80
N VAL F 160 34.76 -21.91 -28.66
CA VAL F 160 33.43 -22.49 -28.61
C VAL F 160 32.42 -21.38 -28.36
N GLU F 161 31.33 -21.40 -29.11
CA GLU F 161 30.27 -20.42 -28.89
C GLU F 161 29.42 -20.82 -27.69
N GLY F 162 28.74 -19.83 -27.12
CA GLY F 162 27.88 -20.10 -25.98
C GLY F 162 27.40 -18.80 -25.35
N PHE F 163 27.15 -18.87 -24.05
CA PHE F 163 26.76 -17.69 -23.30
C PHE F 163 27.89 -16.66 -23.34
N ASN F 164 27.58 -15.46 -23.82
CA ASN F 164 28.55 -14.38 -23.98
C ASN F 164 29.70 -14.74 -24.91
N CYS F 165 29.51 -15.76 -25.75
CA CYS F 165 30.51 -16.20 -26.73
C CYS F 165 29.80 -16.41 -28.05
N TYR F 166 29.87 -15.42 -28.93
CA TYR F 166 29.07 -15.39 -30.14
C TYR F 166 29.97 -15.33 -31.37
N PHE F 167 29.48 -15.91 -32.46
CA PHE F 167 30.17 -15.80 -33.73
C PHE F 167 30.07 -14.35 -34.23
N PRO F 168 31.17 -13.77 -34.71
CA PRO F 168 31.16 -12.32 -35.00
C PRO F 168 30.43 -11.94 -36.27
N LEU F 169 30.22 -12.86 -37.20
CA LEU F 169 29.54 -12.58 -38.46
C LEU F 169 28.12 -13.15 -38.43
N GLN F 170 27.19 -12.44 -39.05
CA GLN F 170 25.81 -12.91 -39.18
C GLN F 170 25.36 -12.75 -40.62
N SER F 171 24.46 -13.63 -41.03
CA SER F 171 23.94 -13.65 -42.40
C SER F 171 22.73 -12.75 -42.53
N TYR F 172 22.61 -12.09 -43.69
CA TYR F 172 21.47 -11.23 -43.94
C TYR F 172 20.20 -12.03 -44.17
N GLY F 173 20.29 -13.17 -44.84
CA GLY F 173 19.10 -13.93 -45.19
C GLY F 173 18.17 -13.17 -46.10
N PHE F 174 18.68 -12.65 -47.21
CA PHE F 174 17.89 -11.83 -48.10
C PHE F 174 16.78 -12.65 -48.76
N GLN F 175 15.55 -12.14 -48.70
CA GLN F 175 14.39 -12.78 -49.29
C GLN F 175 13.68 -11.80 -50.21
N PRO F 176 13.11 -12.29 -51.32
CA PRO F 176 12.39 -11.37 -52.22
C PRO F 176 11.15 -10.77 -51.60
N THR F 177 10.52 -11.45 -50.64
CA THR F 177 9.33 -10.93 -49.99
C THR F 177 9.64 -9.91 -48.90
N ASN F 178 10.92 -9.71 -48.56
CA ASN F 178 11.27 -8.73 -47.54
C ASN F 178 10.84 -7.33 -47.97
N GLY F 179 10.64 -6.47 -46.98
CA GLY F 179 10.50 -5.06 -47.30
C GLY F 179 11.75 -4.53 -47.98
N VAL F 180 11.54 -3.55 -48.87
CA VAL F 180 12.63 -3.00 -49.66
C VAL F 180 13.72 -2.44 -48.75
N GLY F 181 13.36 -2.00 -47.55
CA GLY F 181 14.35 -1.57 -46.58
C GLY F 181 15.25 -2.67 -46.07
N TYR F 182 14.79 -3.91 -46.12
CA TYR F 182 15.57 -5.07 -45.75
C TYR F 182 16.04 -5.84 -46.96
N GLN F 183 15.78 -5.35 -48.17
CA GLN F 183 16.22 -6.00 -49.39
C GLN F 183 17.67 -5.67 -49.69
N PRO F 184 18.35 -6.52 -50.47
CA PRO F 184 19.78 -6.28 -50.74
C PRO F 184 19.99 -5.08 -51.66
N TYR F 185 21.08 -4.35 -51.38
CA TYR F 185 21.48 -3.22 -52.20
C TYR F 185 22.97 -3.32 -52.48
N ARG F 186 23.33 -3.23 -53.76
CA ARG F 186 24.73 -3.24 -54.17
C ARG F 186 25.27 -1.82 -54.14
N VAL F 187 26.39 -1.63 -53.45
CA VAL F 187 26.97 -0.32 -53.22
C VAL F 187 28.33 -0.25 -53.88
N VAL F 188 28.60 0.86 -54.57
CA VAL F 188 29.90 1.14 -55.16
C VAL F 188 30.37 2.48 -54.61
N VAL F 189 31.54 2.49 -53.99
CA VAL F 189 32.09 3.67 -53.34
C VAL F 189 33.31 4.10 -54.16
N LEU F 190 33.18 5.23 -54.84
CA LEU F 190 34.28 5.79 -55.63
C LEU F 190 35.00 6.84 -54.79
N SER F 191 36.31 6.66 -54.61
CA SER F 191 37.14 7.64 -53.93
C SER F 191 38.18 8.16 -54.90
N PHE F 192 38.42 9.47 -54.85
CA PHE F 192 39.37 10.14 -55.72
C PHE F 192 40.46 10.79 -54.88
N GLU F 193 41.72 10.45 -55.16
CA GLU F 193 42.84 11.00 -54.41
C GLU F 193 43.70 11.89 -55.31
N GLN G 1 17.57 2.51 -14.07
CA GLN G 1 16.62 1.40 -14.13
C GLN G 1 17.06 0.25 -15.03
N VAL G 2 18.06 -0.52 -14.62
CA VAL G 2 18.39 -1.73 -15.36
C VAL G 2 17.24 -2.69 -15.14
N GLN G 3 16.25 -2.65 -16.03
CA GLN G 3 14.95 -3.24 -15.76
C GLN G 3 14.57 -4.25 -16.83
N LEU G 4 13.66 -5.15 -16.46
CA LEU G 4 13.13 -6.16 -17.38
C LEU G 4 11.66 -6.37 -17.00
N VAL G 5 10.75 -5.80 -17.77
CA VAL G 5 9.33 -5.82 -17.47
C VAL G 5 8.61 -6.74 -18.45
N GLN G 6 7.71 -7.56 -17.93
CA GLN G 6 7.00 -8.57 -18.70
C GLN G 6 5.54 -8.19 -18.86
N SER G 7 4.85 -8.98 -19.68
CA SER G 7 3.43 -8.78 -19.95
C SER G 7 2.59 -9.09 -18.71
N GLY G 8 1.30 -8.78 -18.82
CA GLY G 8 0.37 -9.07 -17.75
C GLY G 8 -0.12 -10.49 -17.80
N PRO G 9 -1.00 -10.83 -16.84
CA PRO G 9 -1.51 -12.20 -16.76
C PRO G 9 -2.31 -12.56 -17.99
N GLU G 10 -2.25 -13.84 -18.35
CA GLU G 10 -2.91 -14.37 -19.54
C GLU G 10 -3.84 -15.51 -19.13
N VAL G 11 -5.01 -15.56 -19.77
CA VAL G 11 -6.00 -16.60 -19.53
C VAL G 11 -6.50 -17.07 -20.88
N LYS G 12 -6.09 -18.27 -21.29
CA LYS G 12 -6.41 -18.78 -22.61
C LYS G 12 -7.12 -20.12 -22.52
N LYS G 13 -7.88 -20.45 -23.55
CA LYS G 13 -8.53 -21.75 -23.67
C LYS G 13 -7.53 -22.79 -24.19
N PRO G 14 -7.76 -24.06 -23.89
CA PRO G 14 -6.86 -25.11 -24.41
C PRO G 14 -6.85 -25.13 -25.93
N GLY G 15 -5.68 -25.38 -26.49
CA GLY G 15 -5.52 -25.47 -27.93
C GLY G 15 -5.19 -24.16 -28.63
N THR G 16 -5.09 -23.06 -27.89
CA THR G 16 -4.77 -21.77 -28.45
C THR G 16 -3.28 -21.47 -28.24
N SER G 17 -2.89 -20.23 -28.49
CA SER G 17 -1.51 -19.80 -28.35
C SER G 17 -1.42 -18.58 -27.47
N VAL G 18 -0.31 -18.45 -26.74
CA VAL G 18 -0.02 -17.28 -25.94
C VAL G 18 1.36 -16.76 -26.35
N LYS G 19 1.50 -15.43 -26.38
CA LYS G 19 2.77 -14.78 -26.70
C LYS G 19 3.07 -13.79 -25.58
N VAL G 20 4.03 -14.12 -24.74
CA VAL G 20 4.42 -13.25 -23.63
C VAL G 20 5.55 -12.34 -24.10
N SER G 21 5.44 -11.05 -23.81
CA SER G 21 6.46 -10.07 -24.16
C SER G 21 7.36 -9.81 -22.96
N CYS G 22 8.56 -9.31 -23.24
CA CYS G 22 9.54 -8.99 -22.21
C CYS G 22 10.40 -7.84 -22.71
N LYS G 23 10.24 -6.67 -22.11
CA LYS G 23 10.88 -5.45 -22.58
C LYS G 23 12.04 -5.08 -21.67
N ALA G 24 13.16 -4.72 -22.28
CA ALA G 24 14.37 -4.33 -21.56
C ALA G 24 14.43 -2.81 -21.41
N SER G 25 15.24 -2.37 -20.45
CA SER G 25 15.44 -0.96 -20.18
C SER G 25 16.69 -0.79 -19.33
N GLY G 26 17.34 0.35 -19.48
CA GLY G 26 18.51 0.67 -18.67
C GLY G 26 19.81 0.26 -19.33
N PHE G 27 19.93 -1.01 -19.67
CA PHE G 27 21.11 -1.52 -20.37
C PHE G 27 20.86 -1.53 -21.87
N THR G 28 21.92 -1.79 -22.63
CA THR G 28 21.84 -1.84 -24.09
C THR G 28 21.40 -3.25 -24.47
N PHE G 29 20.12 -3.38 -24.83
CA PHE G 29 19.56 -4.67 -25.21
C PHE G 29 20.37 -5.35 -26.31
N THR G 30 20.85 -4.58 -27.27
CA THR G 30 21.32 -5.10 -28.55
C THR G 30 22.42 -6.15 -28.43
N THR G 31 23.11 -6.23 -27.31
CA THR G 31 24.27 -7.10 -27.19
C THR G 31 24.12 -8.17 -26.11
N SER G 32 22.93 -8.40 -25.60
CA SER G 32 22.71 -9.39 -24.56
C SER G 32 21.96 -10.61 -25.10
N ALA G 33 21.51 -11.45 -24.19
CA ALA G 33 20.72 -12.63 -24.52
C ALA G 33 19.59 -12.76 -23.51
N VAL G 34 18.55 -13.51 -23.88
CA VAL G 34 17.35 -13.65 -23.05
C VAL G 34 17.00 -15.13 -22.95
N GLN G 35 17.00 -15.65 -21.73
CA GLN G 35 16.54 -17.01 -21.46
C GLN G 35 15.13 -16.98 -20.87
N TRP G 36 14.39 -18.06 -21.08
CA TRP G 36 13.01 -18.17 -20.61
C TRP G 36 12.87 -19.35 -19.68
N VAL G 37 12.24 -19.13 -18.54
CA VAL G 37 12.05 -20.14 -17.51
C VAL G 37 10.59 -20.13 -17.08
N ARG G 38 10.00 -21.31 -16.94
CA ARG G 38 8.65 -21.44 -16.42
C ARG G 38 8.68 -22.11 -15.05
N GLN G 39 7.67 -21.82 -14.24
CA GLN G 39 7.56 -22.39 -12.90
C GLN G 39 6.09 -22.65 -12.61
N ALA G 40 5.73 -23.92 -12.49
CA ALA G 40 4.39 -24.31 -12.09
C ALA G 40 4.21 -24.11 -10.58
N ARG G 41 2.96 -23.91 -10.18
CA ARG G 41 2.63 -23.56 -8.80
C ARG G 41 3.24 -24.54 -7.80
N GLY G 42 4.25 -24.10 -7.07
CA GLY G 42 4.89 -24.94 -6.08
C GLY G 42 5.94 -25.89 -6.62
N GLN G 43 6.39 -25.70 -7.85
CA GLN G 43 7.38 -26.58 -8.47
C GLN G 43 8.68 -25.82 -8.68
N ARG G 44 9.64 -26.51 -9.29
CA ARG G 44 10.98 -25.96 -9.48
C ARG G 44 11.03 -25.10 -10.74
N LEU G 45 12.21 -24.60 -11.04
CA LEU G 45 12.44 -23.77 -12.23
C LEU G 45 12.80 -24.64 -13.41
N GLU G 46 12.14 -24.42 -14.55
CA GLU G 46 12.35 -25.21 -15.75
C GLU G 46 12.82 -24.28 -16.86
N TRP G 47 14.03 -24.55 -17.37
CA TRP G 47 14.58 -23.75 -18.45
C TRP G 47 13.90 -24.10 -19.77
N ILE G 48 13.34 -23.09 -20.44
CA ILE G 48 12.66 -23.30 -21.72
C ILE G 48 13.62 -23.14 -22.89
N GLY G 49 14.36 -22.04 -22.91
CA GLY G 49 15.23 -21.74 -24.03
C GLY G 49 15.75 -20.33 -23.93
N TRP G 50 16.72 -20.02 -24.78
CA TRP G 50 17.32 -18.69 -24.80
C TRP G 50 17.52 -18.23 -26.24
N ILE G 51 17.74 -16.93 -26.39
CA ILE G 51 17.97 -16.31 -27.69
C ILE G 51 19.04 -15.24 -27.57
N VAL G 52 19.93 -15.18 -28.55
CA VAL G 52 20.92 -14.11 -28.64
C VAL G 52 20.28 -12.96 -29.43
N VAL G 53 20.15 -11.80 -28.79
CA VAL G 53 19.33 -10.74 -29.37
C VAL G 53 19.94 -10.19 -30.65
N GLY G 54 21.27 -10.14 -30.73
CA GLY G 54 21.90 -9.57 -31.91
C GLY G 54 21.72 -10.43 -33.14
N SER G 55 21.88 -11.75 -32.98
CA SER G 55 21.75 -12.67 -34.09
C SER G 55 20.35 -13.26 -34.21
N GLY G 56 19.63 -13.40 -33.09
CA GLY G 56 18.37 -14.09 -33.10
C GLY G 56 18.48 -15.59 -32.99
N ASN G 57 19.68 -16.11 -32.73
CA ASN G 57 19.87 -17.55 -32.64
C ASN G 57 19.23 -18.09 -31.36
N THR G 58 18.57 -19.24 -31.48
CA THR G 58 17.82 -19.82 -30.38
C THR G 58 18.32 -21.22 -30.06
N ASN G 59 18.21 -21.57 -28.78
CA ASN G 59 18.38 -22.94 -28.30
C ASN G 59 17.25 -23.22 -27.33
N TYR G 60 16.57 -24.35 -27.53
CA TYR G 60 15.46 -24.74 -26.68
C TYR G 60 15.79 -26.03 -25.95
N ALA G 61 15.06 -26.27 -24.88
CA ALA G 61 15.13 -27.58 -24.23
C ALA G 61 14.36 -28.59 -25.08
N GLN G 62 14.74 -29.86 -24.94
CA GLN G 62 14.14 -30.91 -25.75
C GLN G 62 12.62 -30.88 -25.67
N LYS G 63 12.08 -30.63 -24.48
CA LYS G 63 10.64 -30.75 -24.27
C LYS G 63 9.85 -29.51 -24.65
N PHE G 64 10.52 -28.43 -25.07
CA PHE G 64 9.82 -27.25 -25.55
C PHE G 64 10.09 -26.93 -27.02
N GLN G 65 10.91 -27.73 -27.70
CA GLN G 65 11.15 -27.50 -29.13
C GLN G 65 9.88 -27.61 -29.96
N GLU G 66 8.85 -28.28 -29.45
CA GLU G 66 7.71 -28.64 -30.29
C GLU G 66 6.57 -27.63 -30.22
N ARG G 67 6.56 -26.75 -29.22
CA ARG G 67 5.46 -25.81 -29.04
C ARG G 67 5.90 -24.42 -28.60
N VAL G 68 7.19 -24.15 -28.47
CA VAL G 68 7.69 -22.84 -28.06
C VAL G 68 8.61 -22.28 -29.15
N THR G 69 8.44 -21.00 -29.46
CA THR G 69 9.34 -20.27 -30.34
C THR G 69 9.67 -18.94 -29.69
N ILE G 70 10.96 -18.66 -29.54
CA ILE G 70 11.44 -17.44 -28.89
C ILE G 70 11.91 -16.48 -29.97
N THR G 71 11.49 -15.22 -29.87
CA THR G 71 11.85 -14.18 -30.82
C THR G 71 12.30 -12.93 -30.08
N ARG G 72 12.74 -11.94 -30.84
CA ARG G 72 13.15 -10.65 -30.30
C ARG G 72 12.89 -9.56 -31.33
N ASP G 73 12.86 -8.32 -30.84
CA ASP G 73 12.66 -7.14 -31.69
C ASP G 73 13.55 -6.03 -31.15
N MET G 74 14.71 -5.84 -31.78
CA MET G 74 15.68 -4.86 -31.31
C MET G 74 15.16 -3.43 -31.41
N SER G 75 14.20 -3.17 -32.30
CA SER G 75 13.65 -1.81 -32.41
C SER G 75 12.89 -1.44 -31.14
N THR G 76 12.04 -2.33 -30.64
CA THR G 76 11.29 -2.09 -29.43
C THR G 76 11.96 -2.69 -28.19
N THR G 77 13.22 -3.11 -28.30
CA THR G 77 13.99 -3.70 -27.21
C THR G 77 13.16 -4.70 -26.40
N THR G 78 12.48 -5.59 -27.12
CA THR G 78 11.54 -6.53 -26.51
C THR G 78 11.80 -7.93 -27.06
N ALA G 79 11.71 -8.92 -26.19
CA ALA G 79 11.80 -10.32 -26.55
C ALA G 79 10.47 -11.00 -26.23
N TYR G 80 10.12 -11.99 -27.05
CA TYR G 80 8.82 -12.65 -26.93
C TYR G 80 9.00 -14.15 -26.79
N MET G 81 7.96 -14.81 -26.29
CA MET G 81 7.93 -16.25 -26.15
C MET G 81 6.55 -16.75 -26.54
N GLU G 82 6.45 -17.39 -27.71
CA GLU G 82 5.19 -17.89 -28.22
C GLU G 82 5.03 -19.35 -27.83
N LEU G 83 3.88 -19.70 -27.26
CA LEU G 83 3.60 -21.05 -26.78
C LEU G 83 2.30 -21.52 -27.44
N SER G 84 2.43 -22.38 -28.45
CA SER G 84 1.30 -22.80 -29.26
C SER G 84 0.66 -24.07 -28.69
N SER G 85 -0.61 -24.25 -29.04
CA SER G 85 -1.39 -25.42 -28.64
C SER G 85 -1.35 -25.61 -27.12
N LEU G 86 -1.96 -24.64 -26.44
CA LEU G 86 -1.91 -24.61 -24.99
C LEU G 86 -2.74 -25.73 -24.38
N ARG G 87 -2.33 -26.17 -23.20
CA ARG G 87 -3.04 -27.19 -22.47
C ARG G 87 -2.89 -26.90 -20.98
N SER G 88 -3.74 -27.56 -20.18
CA SER G 88 -3.79 -27.27 -18.74
C SER G 88 -2.41 -27.39 -18.09
N GLU G 89 -1.62 -28.37 -18.51
CA GLU G 89 -0.27 -28.55 -17.98
C GLU G 89 0.61 -27.33 -18.16
N ASP G 90 0.28 -26.44 -19.10
CA ASP G 90 1.06 -25.22 -19.32
C ASP G 90 0.76 -24.13 -18.30
N THR G 91 -0.23 -24.33 -17.43
CA THR G 91 -0.56 -23.33 -16.41
C THR G 91 0.62 -23.14 -15.45
N ALA G 92 1.36 -22.06 -15.62
CA ALA G 92 2.54 -21.79 -14.82
C ALA G 92 2.86 -20.31 -14.91
N VAL G 93 3.96 -19.91 -14.27
CA VAL G 93 4.49 -18.56 -14.35
C VAL G 93 5.78 -18.62 -15.16
N TYR G 94 5.92 -17.70 -16.12
CA TYR G 94 7.03 -17.69 -17.05
C TYR G 94 7.90 -16.48 -16.79
N PHE G 95 9.20 -16.69 -16.70
CA PHE G 95 10.15 -15.63 -16.36
C PHE G 95 11.05 -15.30 -17.54
N CYS G 96 11.50 -14.05 -17.56
CA CYS G 96 12.46 -13.53 -18.53
C CYS G 96 13.75 -13.15 -17.80
N ALA G 97 14.89 -13.42 -18.43
CA ALA G 97 16.17 -13.16 -17.78
C ALA G 97 17.22 -12.76 -18.80
N ALA G 98 18.06 -11.80 -18.44
CA ALA G 98 19.07 -11.25 -19.35
C ALA G 98 20.23 -10.69 -18.55
N PRO G 99 21.45 -10.73 -19.10
CA PRO G 99 22.57 -9.98 -18.50
C PRO G 99 22.58 -8.54 -18.99
N HIS G 100 22.93 -7.62 -18.10
CA HIS G 100 23.05 -6.22 -18.49
C HIS G 100 24.37 -6.00 -19.20
N CYS G 101 24.33 -5.17 -20.25
CA CYS G 101 25.50 -4.96 -21.10
C CYS G 101 25.57 -3.51 -21.54
N ASN G 102 26.80 -3.03 -21.77
CA ASN G 102 26.98 -1.75 -22.45
C ASN G 102 27.14 -2.00 -23.94
N SER G 103 27.85 -1.13 -24.65
CA SER G 103 27.90 -1.25 -26.10
C SER G 103 28.78 -2.39 -26.59
N THR G 104 29.62 -2.97 -25.73
CA THR G 104 30.55 -4.00 -26.17
C THR G 104 30.67 -5.20 -25.24
N SER G 105 30.35 -5.09 -23.95
CA SER G 105 30.61 -6.15 -23.01
C SER G 105 29.38 -6.42 -22.15
N CYS G 106 29.33 -7.62 -21.58
CA CYS G 106 28.16 -8.11 -20.87
C CYS G 106 28.55 -8.65 -19.50
N TYR G 107 27.55 -8.73 -18.62
CA TYR G 107 27.70 -9.40 -17.34
C TYR G 107 27.84 -10.91 -17.57
N ASP G 108 28.48 -11.57 -16.60
CA ASP G 108 28.83 -12.98 -16.74
C ASP G 108 27.78 -13.91 -16.15
N ALA G 109 26.53 -13.46 -16.09
CA ALA G 109 25.43 -14.29 -15.59
C ALA G 109 24.12 -13.61 -15.97
N PHE G 110 23.01 -14.27 -15.62
CA PHE G 110 21.67 -13.71 -15.82
C PHE G 110 21.29 -12.98 -14.53
N ASP G 111 21.57 -11.67 -14.49
CA ASP G 111 21.35 -10.89 -13.28
C ASP G 111 20.05 -10.09 -13.31
N ILE G 112 19.48 -9.84 -14.48
CA ILE G 112 18.21 -9.13 -14.59
C ILE G 112 17.10 -10.15 -14.81
N TRP G 113 16.02 -10.03 -14.05
CA TRP G 113 14.89 -10.94 -14.17
C TRP G 113 13.60 -10.14 -14.26
N GLY G 114 12.62 -10.69 -14.98
CA GLY G 114 11.32 -10.07 -15.06
C GLY G 114 10.44 -10.41 -13.87
N GLN G 115 9.33 -9.67 -13.76
CA GLN G 115 8.40 -9.89 -12.65
C GLN G 115 7.67 -11.22 -12.78
N GLY G 116 7.61 -11.80 -13.97
CA GLY G 116 6.88 -13.04 -14.17
C GLY G 116 5.54 -12.81 -14.83
N THR G 117 5.13 -13.75 -15.68
CA THR G 117 3.84 -13.69 -16.34
C THR G 117 3.11 -15.02 -16.13
N MET G 118 1.96 -14.97 -15.46
CA MET G 118 1.16 -16.16 -15.22
C MET G 118 0.23 -16.41 -16.40
N VAL G 119 0.26 -17.64 -16.91
CA VAL G 119 -0.59 -18.04 -18.03
C VAL G 119 -1.47 -19.18 -17.53
N THR G 120 -2.79 -18.96 -17.51
CA THR G 120 -3.76 -19.95 -17.10
C THR G 120 -4.44 -20.53 -18.33
N VAL G 121 -4.48 -21.85 -18.43
CA VAL G 121 -5.08 -22.54 -19.57
C VAL G 121 -6.13 -23.51 -19.02
N SER G 122 -7.39 -23.24 -19.33
CA SER G 122 -8.48 -24.16 -19.02
C SER G 122 -9.71 -23.71 -19.80
N SER G 123 -10.74 -24.55 -19.78
CA SER G 123 -12.01 -24.24 -20.43
C SER G 123 -12.92 -23.37 -19.58
N ALA G 124 -12.49 -23.02 -18.36
CA ALA G 124 -13.34 -22.29 -17.44
C ALA G 124 -13.58 -20.86 -17.94
N SER G 125 -14.65 -20.26 -17.44
CA SER G 125 -15.01 -18.89 -17.74
C SER G 125 -14.87 -18.03 -16.49
N THR G 126 -14.69 -16.72 -16.72
CA THR G 126 -14.57 -15.79 -15.61
C THR G 126 -15.82 -15.85 -14.74
N LYS G 127 -15.62 -15.95 -13.43
CA LYS G 127 -16.71 -16.07 -12.48
C LYS G 127 -16.30 -15.51 -11.13
N GLY G 128 -17.19 -14.72 -10.52
CA GLY G 128 -16.95 -14.18 -9.21
C GLY G 128 -17.10 -15.26 -8.14
N PRO G 129 -16.51 -15.01 -6.98
CA PRO G 129 -16.53 -16.01 -5.90
C PRO G 129 -17.74 -15.87 -4.98
N SER G 130 -18.17 -17.02 -4.48
CA SER G 130 -19.14 -17.06 -3.39
C SER G 130 -18.40 -17.13 -2.06
N VAL G 131 -18.71 -16.20 -1.16
CA VAL G 131 -18.00 -16.08 0.12
C VAL G 131 -18.96 -16.50 1.22
N PHE G 132 -18.67 -17.63 1.87
CA PHE G 132 -19.47 -18.14 2.97
C PHE G 132 -18.71 -18.04 4.28
N PRO G 133 -19.39 -17.78 5.39
CA PRO G 133 -18.69 -17.57 6.66
C PRO G 133 -18.36 -18.86 7.38
N LEU G 134 -17.15 -18.91 7.95
CA LEU G 134 -16.73 -19.97 8.85
C LEU G 134 -16.89 -19.45 10.28
N ALA G 135 -18.05 -19.73 10.87
CA ALA G 135 -18.45 -19.16 12.13
C ALA G 135 -17.68 -19.80 13.30
N PRO G 136 -17.39 -19.03 14.34
CA PRO G 136 -16.67 -19.59 15.50
C PRO G 136 -17.57 -20.46 16.36
N SER G 137 -16.97 -21.54 16.87
CA SER G 137 -17.72 -22.53 17.65
C SER G 137 -18.25 -21.91 18.95
N SER G 138 -19.37 -22.45 19.41
CA SER G 138 -19.98 -22.01 20.66
C SER G 138 -19.47 -22.85 21.82
N GLY G 144 -9.00 -20.38 25.30
CA GLY G 144 -9.17 -18.97 25.56
C GLY G 144 -9.29 -18.15 24.29
N THR G 145 -8.85 -18.72 23.18
CA THR G 145 -8.93 -18.08 21.87
C THR G 145 -9.74 -18.95 20.92
N ALA G 146 -10.49 -18.30 20.03
CA ALA G 146 -11.35 -18.97 19.08
C ALA G 146 -10.96 -18.58 17.66
N ALA G 147 -11.39 -19.39 16.70
CA ALA G 147 -11.03 -19.23 15.31
C ALA G 147 -12.28 -19.02 14.45
N LEU G 148 -12.19 -18.09 13.51
CA LEU G 148 -13.25 -17.83 12.55
C LEU G 148 -12.60 -17.51 11.21
N GLY G 149 -13.42 -17.45 10.17
CA GLY G 149 -12.87 -17.17 8.85
C GLY G 149 -13.94 -17.09 7.80
N CYS G 150 -13.49 -17.05 6.55
CA CYS G 150 -14.35 -16.95 5.37
C CYS G 150 -13.97 -18.01 4.36
N LEU G 151 -14.98 -18.51 3.64
CA LEU G 151 -14.79 -19.51 2.60
C LEU G 151 -15.04 -18.85 1.25
N VAL G 152 -13.95 -18.57 0.52
CA VAL G 152 -14.02 -17.92 -0.78
C VAL G 152 -14.05 -19.04 -1.83
N LYS G 153 -15.24 -19.38 -2.31
CA LYS G 153 -15.48 -20.58 -3.08
C LYS G 153 -15.92 -20.27 -4.50
N ASP G 154 -15.41 -21.05 -5.46
CA ASP G 154 -15.89 -21.09 -6.84
C ASP G 154 -15.71 -19.74 -7.53
N TYR G 155 -14.45 -19.46 -7.88
CA TYR G 155 -14.12 -18.30 -8.68
C TYR G 155 -13.12 -18.70 -9.77
N PHE G 156 -13.01 -17.83 -10.77
CA PHE G 156 -12.07 -18.03 -11.86
C PHE G 156 -11.91 -16.71 -12.60
N PRO G 157 -10.68 -16.32 -12.97
CA PRO G 157 -9.46 -17.05 -12.67
C PRO G 157 -8.81 -16.60 -11.36
N GLU G 158 -7.57 -17.00 -11.15
CA GLU G 158 -6.81 -16.49 -10.02
C GLU G 158 -6.37 -15.05 -10.27
N PRO G 159 -6.16 -14.24 -9.22
CA PRO G 159 -6.36 -14.57 -7.80
C PRO G 159 -7.49 -13.79 -7.15
N VAL G 160 -7.71 -14.04 -5.86
CA VAL G 160 -8.54 -13.19 -5.01
C VAL G 160 -7.67 -12.64 -3.90
N THR G 161 -8.12 -11.53 -3.32
CA THR G 161 -7.46 -10.90 -2.18
C THR G 161 -8.43 -10.85 -1.02
N VAL G 162 -7.93 -11.18 0.18
CA VAL G 162 -8.75 -11.20 1.39
C VAL G 162 -8.07 -10.35 2.44
N SER G 163 -8.84 -9.43 3.04
CA SER G 163 -8.40 -8.67 4.20
C SER G 163 -9.49 -8.75 5.26
N TRP G 164 -9.12 -8.40 6.49
CA TRP G 164 -10.04 -8.48 7.63
C TRP G 164 -10.21 -7.10 8.25
N ASN G 165 -11.47 -6.71 8.46
CA ASN G 165 -11.81 -5.39 8.98
C ASN G 165 -11.17 -4.28 8.16
N SER G 166 -11.23 -4.42 6.84
CA SER G 166 -10.72 -3.42 5.90
C SER G 166 -9.25 -3.10 6.17
N GLY G 167 -8.47 -4.10 6.63
CA GLY G 167 -7.07 -3.93 6.88
C GLY G 167 -6.69 -3.70 8.33
N ALA G 168 -7.67 -3.53 9.21
CA ALA G 168 -7.36 -3.26 10.61
C ALA G 168 -6.85 -4.52 11.32
N LEU G 169 -7.46 -5.67 11.03
CA LEU G 169 -7.09 -6.93 11.65
C LEU G 169 -6.06 -7.64 10.78
N THR G 170 -4.83 -7.74 11.27
CA THR G 170 -3.76 -8.48 10.60
C THR G 170 -3.18 -9.59 11.45
N SER G 171 -3.16 -9.44 12.77
CA SER G 171 -2.60 -10.45 13.65
C SER G 171 -3.46 -11.72 13.64
N GLY G 172 -2.81 -12.86 13.44
CA GLY G 172 -3.48 -14.14 13.51
C GLY G 172 -4.27 -14.53 12.27
N VAL G 173 -4.04 -13.85 11.15
CA VAL G 173 -4.78 -14.14 9.92
C VAL G 173 -3.96 -15.08 9.05
N HIS G 174 -4.60 -16.14 8.58
CA HIS G 174 -4.00 -17.09 7.65
C HIS G 174 -4.91 -17.20 6.43
N THR G 175 -4.48 -16.61 5.30
CA THR G 175 -5.16 -16.79 4.03
C THR G 175 -4.41 -17.87 3.25
N PHE G 176 -5.08 -19.00 3.05
CA PHE G 176 -4.43 -20.16 2.46
C PHE G 176 -4.37 -20.04 0.93
N PRO G 177 -3.37 -20.64 0.30
CA PRO G 177 -3.36 -20.70 -1.15
C PRO G 177 -4.54 -21.52 -1.67
N ALA G 178 -5.06 -21.12 -2.81
CA ALA G 178 -6.29 -21.71 -3.33
C ALA G 178 -6.03 -23.07 -3.97
N VAL G 179 -7.03 -23.93 -3.92
CA VAL G 179 -6.99 -25.22 -4.59
C VAL G 179 -7.89 -25.16 -5.82
N LEU G 180 -7.48 -25.88 -6.86
CA LEU G 180 -8.23 -25.94 -8.11
C LEU G 180 -9.13 -27.18 -8.06
N GLN G 181 -10.44 -26.96 -7.96
CA GLN G 181 -11.38 -28.06 -7.88
C GLN G 181 -11.56 -28.72 -9.24
N SER G 182 -12.17 -29.91 -9.23
CA SER G 182 -12.43 -30.63 -10.47
C SER G 182 -13.45 -29.92 -11.34
N SER G 183 -14.21 -28.97 -10.78
CA SER G 183 -15.14 -28.17 -11.57
C SER G 183 -14.44 -27.12 -12.42
N GLY G 184 -13.12 -26.95 -12.27
CA GLY G 184 -12.40 -25.92 -12.96
C GLY G 184 -12.31 -24.60 -12.21
N LEU G 185 -13.04 -24.45 -11.11
CA LEU G 185 -13.04 -23.24 -10.30
C LEU G 185 -12.15 -23.42 -9.08
N TYR G 186 -11.74 -22.30 -8.51
CA TYR G 186 -10.86 -22.28 -7.34
C TYR G 186 -11.66 -22.08 -6.07
N SER G 187 -11.12 -22.60 -4.97
CA SER G 187 -11.66 -22.38 -3.63
C SER G 187 -10.55 -21.92 -2.71
N LEU G 188 -10.87 -20.99 -1.82
CA LEU G 188 -9.89 -20.41 -0.92
C LEU G 188 -10.53 -20.17 0.44
N SER G 189 -9.77 -20.46 1.50
CA SER G 189 -10.22 -20.24 2.86
CA SER G 189 -10.22 -20.24 2.86
C SER G 189 -9.25 -19.30 3.55
N SER G 190 -9.81 -18.32 4.27
CA SER G 190 -9.02 -17.35 5.02
C SER G 190 -9.56 -17.31 6.44
N VAL G 191 -8.72 -17.61 7.42
CA VAL G 191 -9.15 -17.76 8.80
C VAL G 191 -8.35 -16.81 9.69
N VAL G 192 -8.90 -16.56 10.88
CA VAL G 192 -8.25 -15.70 11.87
C VAL G 192 -8.62 -16.22 13.25
N THR G 193 -7.66 -16.18 14.17
CA THR G 193 -7.87 -16.57 15.55
C THR G 193 -7.89 -15.34 16.44
N VAL G 194 -8.94 -15.21 17.25
CA VAL G 194 -9.11 -14.07 18.15
C VAL G 194 -9.46 -14.61 19.53
N PRO G 195 -9.23 -13.82 20.58
CA PRO G 195 -9.61 -14.27 21.93
C PRO G 195 -11.10 -14.53 22.04
N SER G 196 -11.45 -15.55 22.82
CA SER G 196 -12.84 -15.96 22.93
C SER G 196 -13.72 -14.86 23.53
N SER G 197 -13.14 -13.96 24.31
CA SER G 197 -13.92 -12.92 24.97
C SER G 197 -14.49 -11.93 23.95
N SER G 198 -13.74 -11.62 22.90
CA SER G 198 -14.11 -10.58 21.95
C SER G 198 -15.20 -11.01 20.97
N LEU G 199 -15.74 -12.22 21.10
CA LEU G 199 -16.69 -12.72 20.10
C LEU G 199 -18.00 -11.96 20.12
N GLY G 200 -18.46 -11.52 21.28
CA GLY G 200 -19.70 -10.80 21.37
C GLY G 200 -19.61 -9.29 21.29
N THR G 201 -18.39 -8.74 21.22
CA THR G 201 -18.22 -7.28 21.23
C THR G 201 -17.21 -6.83 20.17
N GLN G 202 -17.11 -7.54 19.05
CA GLN G 202 -16.21 -7.15 17.97
C GLN G 202 -16.69 -7.79 16.68
N THR G 203 -17.18 -6.98 15.75
CA THR G 203 -17.62 -7.48 14.46
C THR G 203 -16.42 -7.77 13.57
N TYR G 204 -16.40 -8.94 12.97
CA TYR G 204 -15.33 -9.37 12.07
C TYR G 204 -15.88 -9.48 10.67
N ILE G 205 -15.30 -8.73 9.74
CA ILE G 205 -15.73 -8.72 8.34
C ILE G 205 -14.52 -9.02 7.48
N CYS G 206 -14.62 -10.04 6.64
CA CYS G 206 -13.58 -10.33 5.65
C CYS G 206 -13.90 -9.60 4.36
N ASN G 207 -12.87 -9.05 3.73
CA ASN G 207 -13.01 -8.25 2.53
C ASN G 207 -12.42 -9.04 1.36
N VAL G 208 -13.30 -9.61 0.55
CA VAL G 208 -12.91 -10.45 -0.58
C VAL G 208 -13.07 -9.62 -1.85
N ASN G 209 -11.97 -9.44 -2.57
CA ASN G 209 -11.98 -8.71 -3.84
C ASN G 209 -11.45 -9.64 -4.94
N HIS G 210 -12.22 -9.74 -6.03
CA HIS G 210 -11.84 -10.54 -7.19
C HIS G 210 -11.83 -9.62 -8.40
N LYS G 211 -10.64 -9.14 -8.76
CA LYS G 211 -10.46 -8.15 -9.82
C LYS G 211 -10.82 -8.67 -11.21
N PRO G 212 -10.46 -9.90 -11.59
CA PRO G 212 -10.82 -10.36 -12.94
C PRO G 212 -12.31 -10.34 -13.24
N SER G 213 -13.15 -10.46 -12.21
CA SER G 213 -14.60 -10.35 -12.37
C SER G 213 -15.15 -9.09 -11.73
N ASN G 214 -14.30 -8.23 -11.17
CA ASN G 214 -14.71 -7.01 -10.48
C ASN G 214 -15.76 -7.30 -9.42
N THR G 215 -15.49 -8.31 -8.59
CA THR G 215 -16.39 -8.72 -7.53
C THR G 215 -15.79 -8.31 -6.19
N LYS G 216 -16.57 -7.59 -5.39
CA LYS G 216 -16.13 -7.09 -4.10
C LYS G 216 -17.18 -7.45 -3.06
N VAL G 217 -16.88 -8.42 -2.21
CA VAL G 217 -17.82 -8.95 -1.23
C VAL G 217 -17.24 -8.70 0.16
N ASP G 218 -18.02 -8.03 1.00
CA ASP G 218 -17.70 -7.85 2.42
C ASP G 218 -18.70 -8.69 3.22
N LYS G 219 -18.21 -9.78 3.80
CA LYS G 219 -19.05 -10.73 4.52
C LYS G 219 -18.70 -10.68 6.01
N LYS G 220 -19.70 -10.44 6.84
CA LYS G 220 -19.51 -10.35 8.28
C LYS G 220 -19.69 -11.73 8.91
N VAL G 221 -18.68 -12.18 9.64
CA VAL G 221 -18.71 -13.50 10.29
C VAL G 221 -19.16 -13.32 11.73
N GLU G 222 -20.26 -13.99 12.09
CA GLU G 222 -20.81 -13.94 13.43
C GLU G 222 -20.98 -15.36 13.98
N PRO G 223 -20.80 -15.54 15.28
CA PRO G 223 -21.11 -16.85 15.89
C PRO G 223 -22.61 -17.11 15.91
N LYS G 224 -23.01 -18.26 15.39
CA LYS G 224 -24.41 -18.64 15.26
C LYS G 224 -25.12 -18.64 16.61
N ASP H 1 21.67 -34.05 -22.03
CA ASP H 1 21.84 -32.80 -21.30
C ASP H 1 22.42 -33.02 -19.90
N ILE H 2 22.93 -31.95 -19.31
CA ILE H 2 23.58 -32.01 -18.00
C ILE H 2 22.51 -31.97 -16.92
N GLN H 3 22.48 -32.97 -16.04
CA GLN H 3 21.55 -33.02 -14.93
C GLN H 3 22.14 -32.29 -13.72
N MET H 4 21.36 -31.37 -13.16
CA MET H 4 21.74 -30.66 -11.94
C MET H 4 20.86 -31.16 -10.80
N THR H 5 21.49 -31.66 -9.75
CA THR H 5 20.80 -32.11 -8.55
C THR H 5 21.29 -31.30 -7.35
N GLN H 6 20.35 -30.94 -6.47
CA GLN H 6 20.66 -30.16 -5.28
C GLN H 6 20.33 -30.93 -4.01
N SER H 7 21.08 -30.64 -2.96
CA SER H 7 20.89 -31.24 -1.64
C SER H 7 21.24 -30.19 -0.59
N PRO H 8 20.51 -30.15 0.53
CA PRO H 8 19.37 -31.03 0.82
C PRO H 8 18.07 -30.53 0.21
N GLY H 9 17.01 -31.33 0.33
CA GLY H 9 15.70 -30.89 -0.11
C GLY H 9 15.21 -29.74 0.73
N THR H 10 15.11 -29.97 2.03
CA THR H 10 14.76 -28.95 3.00
C THR H 10 15.88 -28.85 4.01
N LEU H 11 16.34 -27.62 4.26
CA LEU H 11 17.40 -27.35 5.22
C LEU H 11 16.76 -26.63 6.40
N SER H 12 16.61 -27.34 7.51
CA SER H 12 15.99 -26.80 8.72
C SER H 12 17.10 -26.32 9.64
N LEU H 13 17.27 -25.01 9.72
CA LEU H 13 18.40 -24.42 10.43
C LEU H 13 17.91 -23.23 11.24
N SER H 14 18.65 -22.92 12.34
CA SER H 14 18.27 -21.81 13.19
C SER H 14 18.84 -20.50 12.65
N PRO H 15 18.15 -19.39 12.88
CA PRO H 15 18.68 -18.08 12.47
C PRO H 15 19.96 -17.75 13.24
N GLY H 16 21.05 -17.52 12.51
CA GLY H 16 22.35 -17.28 13.09
C GLY H 16 23.34 -18.39 12.86
N GLU H 17 22.91 -19.55 12.39
CA GLU H 17 23.82 -20.64 12.09
C GLU H 17 24.46 -20.45 10.72
N GLY H 18 25.29 -21.42 10.33
CA GLY H 18 25.88 -21.43 9.01
C GLY H 18 25.21 -22.48 8.15
N ALA H 19 24.78 -22.06 6.96
CA ALA H 19 24.13 -22.94 6.01
C ALA H 19 25.11 -23.38 4.94
N THR H 20 24.92 -24.59 4.43
CA THR H 20 25.75 -25.15 3.37
C THR H 20 24.86 -25.90 2.40
N LEU H 21 24.84 -25.46 1.15
CA LEU H 21 23.99 -26.05 0.13
C LEU H 21 24.86 -26.68 -0.94
N SER H 22 24.37 -27.77 -1.52
CA SER H 22 25.13 -28.53 -2.52
C SER H 22 24.46 -28.45 -3.89
N CYS H 23 25.28 -28.45 -4.93
CA CYS H 23 24.83 -28.50 -6.31
C CYS H 23 25.70 -29.51 -7.04
N ARG H 24 25.08 -30.52 -7.64
CA ARG H 24 25.78 -31.59 -8.35
C ARG H 24 25.43 -31.58 -9.82
N ALA H 25 26.46 -31.64 -10.66
CA ALA H 25 26.27 -31.79 -12.10
C ALA H 25 26.51 -33.24 -12.49
N SER H 26 25.81 -33.71 -13.51
CA SER H 26 25.98 -35.09 -13.96
C SER H 26 27.29 -35.27 -14.72
N GLN H 27 27.94 -34.18 -15.09
CA GLN H 27 29.24 -34.21 -15.74
C GLN H 27 29.93 -32.88 -15.45
N SER H 28 31.24 -32.86 -15.60
CA SER H 28 32.01 -31.68 -15.22
C SER H 28 31.55 -30.45 -16.00
N VAL H 29 31.27 -29.37 -15.29
CA VAL H 29 30.86 -28.11 -15.90
C VAL H 29 31.86 -27.03 -15.53
N SER H 30 32.04 -26.07 -16.43
CA SER H 30 32.96 -24.97 -16.18
C SER H 30 32.48 -24.14 -15.00
N SER H 31 33.42 -23.78 -14.12
CA SER H 31 33.06 -22.99 -12.95
C SER H 31 32.57 -21.60 -13.33
N SER H 32 33.03 -21.08 -14.47
CA SER H 32 32.64 -19.74 -14.92
C SER H 32 31.20 -19.68 -15.42
N TYR H 33 30.48 -20.81 -15.47
CA TYR H 33 29.12 -20.82 -15.99
C TYR H 33 28.15 -21.48 -15.02
N LEU H 34 28.41 -21.37 -13.72
CA LEU H 34 27.46 -21.81 -12.70
C LEU H 34 27.00 -20.62 -11.87
N ALA H 35 25.71 -20.58 -11.57
CA ALA H 35 25.13 -19.50 -10.80
C ALA H 35 24.26 -20.06 -9.69
N TRP H 36 24.04 -19.23 -8.67
CA TRP H 36 23.13 -19.51 -7.56
C TRP H 36 22.06 -18.44 -7.51
N TYR H 37 20.82 -18.87 -7.31
CA TYR H 37 19.68 -17.97 -7.28
C TYR H 37 18.89 -18.18 -5.99
N GLN H 38 18.36 -17.08 -5.48
CA GLN H 38 17.46 -17.10 -4.33
C GLN H 38 16.07 -16.66 -4.78
N GLN H 39 15.04 -17.38 -4.33
CA GLN H 39 13.66 -17.05 -4.68
C GLN H 39 12.81 -17.09 -3.42
N LYS H 40 12.02 -16.03 -3.21
CA LYS H 40 11.07 -15.90 -2.12
C LYS H 40 9.65 -16.08 -2.65
N PRO H 41 8.71 -16.51 -1.80
CA PRO H 41 7.36 -16.80 -2.28
C PRO H 41 6.73 -15.62 -3.01
N GLY H 42 6.19 -15.89 -4.20
CA GLY H 42 5.55 -14.88 -5.00
C GLY H 42 6.50 -13.92 -5.69
N GLN H 43 7.78 -14.25 -5.79
CA GLN H 43 8.76 -13.37 -6.39
C GLN H 43 9.51 -14.07 -7.51
N ALA H 44 10.29 -13.27 -8.25
CA ALA H 44 11.17 -13.74 -9.29
C ALA H 44 12.53 -14.16 -8.70
N PRO H 45 13.24 -15.06 -9.38
CA PRO H 45 14.58 -15.43 -8.91
C PRO H 45 15.50 -14.22 -8.83
N ARG H 46 16.43 -14.26 -7.86
CA ARG H 46 17.42 -13.22 -7.67
C ARG H 46 18.81 -13.84 -7.70
N LEU H 47 19.70 -13.28 -8.51
CA LEU H 47 21.05 -13.81 -8.64
C LEU H 47 21.86 -13.49 -7.39
N LEU H 48 22.47 -14.53 -6.80
CA LEU H 48 23.33 -14.37 -5.63
C LEU H 48 24.81 -14.50 -5.98
N ILE H 49 25.19 -15.63 -6.58
CA ILE H 49 26.58 -15.94 -6.87
C ILE H 49 26.64 -16.46 -8.30
N TYR H 50 27.63 -16.02 -9.05
CA TYR H 50 27.91 -16.55 -10.37
C TYR H 50 29.38 -16.91 -10.46
N GLY H 51 29.74 -17.55 -11.58
CA GLY H 51 31.12 -17.98 -11.78
C GLY H 51 31.63 -18.85 -10.65
N ALA H 52 30.72 -19.60 -10.03
CA ALA H 52 30.99 -20.48 -8.90
C ALA H 52 31.42 -19.71 -7.65
N SER H 53 32.30 -18.72 -7.81
CA SER H 53 32.89 -18.00 -6.69
C SER H 53 33.03 -16.51 -7.00
N SER H 54 31.91 -15.86 -7.32
CA SER H 54 31.91 -14.45 -7.66
C SER H 54 30.60 -13.84 -7.16
N GLY H 55 30.70 -12.99 -6.15
CA GLY H 55 29.50 -12.39 -5.57
C GLY H 55 28.83 -11.44 -6.54
N ALA H 56 27.53 -11.62 -6.74
CA ALA H 56 26.79 -10.76 -7.65
C ALA H 56 26.68 -9.35 -7.07
N THR H 57 26.17 -8.44 -7.91
CA THR H 57 26.13 -7.02 -7.55
C THR H 57 25.07 -6.78 -6.47
N GLY H 58 25.50 -6.24 -5.33
CA GLY H 58 24.62 -5.93 -4.24
C GLY H 58 24.45 -7.03 -3.20
N ILE H 59 24.84 -8.25 -3.53
CA ILE H 59 24.63 -9.38 -2.62
C ILE H 59 25.54 -9.22 -1.41
N PRO H 60 25.04 -9.47 -0.19
CA PRO H 60 25.89 -9.35 1.00
C PRO H 60 27.05 -10.33 0.96
N ASP H 61 28.12 -9.96 1.67
CA ASP H 61 29.34 -10.75 1.67
C ASP H 61 29.24 -12.03 2.48
N ARG H 62 28.18 -12.20 3.28
CA ARG H 62 28.00 -13.46 3.99
C ARG H 62 27.68 -14.61 3.03
N PHE H 63 27.22 -14.30 1.82
CA PHE H 63 27.05 -15.32 0.80
C PHE H 63 28.40 -15.57 0.13
N SER H 64 28.72 -16.85 -0.03
CA SER H 64 29.99 -17.26 -0.63
C SER H 64 29.74 -18.47 -1.52
N GLY H 65 30.69 -18.71 -2.43
CA GLY H 65 30.56 -19.82 -3.35
C GLY H 65 31.88 -20.53 -3.60
N SER H 66 31.79 -21.86 -3.74
CA SER H 66 32.95 -22.69 -4.02
C SER H 66 32.49 -23.87 -4.85
N GLY H 67 33.46 -24.64 -5.33
CA GLY H 67 33.14 -25.82 -6.12
C GLY H 67 34.02 -25.99 -7.34
N SER H 68 33.96 -27.16 -7.95
CA SER H 68 34.79 -27.47 -9.12
C SER H 68 34.36 -28.77 -9.78
N GLY H 69 33.98 -28.70 -11.05
CA GLY H 69 33.70 -29.91 -11.80
C GLY H 69 32.27 -30.39 -11.72
N THR H 70 32.02 -31.30 -10.78
CA THR H 70 30.69 -31.88 -10.59
C THR H 70 30.03 -31.43 -9.30
N ASP H 71 30.79 -30.88 -8.36
CA ASP H 71 30.29 -30.54 -7.03
C ASP H 71 30.51 -29.07 -6.75
N PHE H 72 29.46 -28.39 -6.30
CA PHE H 72 29.50 -26.97 -5.98
C PHE H 72 28.75 -26.72 -4.69
N THR H 73 29.16 -25.65 -4.01
CA THR H 73 28.70 -25.36 -2.66
C THR H 73 28.34 -23.90 -2.53
N LEU H 74 27.18 -23.63 -1.94
CA LEU H 74 26.80 -22.28 -1.56
C LEU H 74 26.83 -22.22 -0.04
N THR H 75 27.64 -21.31 0.51
CA THR H 75 27.86 -21.24 1.95
C THR H 75 27.36 -19.90 2.45
N ILE H 76 26.54 -19.94 3.48
CA ILE H 76 26.05 -18.76 4.16
C ILE H 76 26.68 -18.74 5.54
N SER H 77 27.54 -17.76 5.78
CA SER H 77 28.33 -17.75 7.01
C SER H 77 27.45 -17.51 8.23
N ARG H 78 26.61 -16.47 8.18
CA ARG H 78 25.71 -16.13 9.28
C ARG H 78 24.30 -15.99 8.70
N LEU H 79 23.43 -16.94 9.02
CA LEU H 79 22.11 -17.00 8.42
C LEU H 79 21.22 -15.92 9.01
N GLU H 80 20.68 -15.06 8.16
CA GLU H 80 19.84 -13.95 8.54
C GLU H 80 18.37 -14.25 8.23
N PRO H 81 17.42 -13.55 8.88
CA PRO H 81 16.01 -13.83 8.63
C PRO H 81 15.58 -13.65 7.18
N GLU H 82 16.18 -12.72 6.44
CA GLU H 82 15.82 -12.56 5.04
C GLU H 82 16.45 -13.60 4.14
N ASP H 83 17.11 -14.61 4.71
CA ASP H 83 17.79 -15.62 3.92
C ASP H 83 17.01 -16.92 3.85
N PHE H 84 15.96 -17.06 4.64
CA PHE H 84 15.13 -18.26 4.60
C PHE H 84 14.22 -18.18 3.39
N ALA H 85 14.64 -18.84 2.32
CA ALA H 85 13.94 -18.84 1.04
C ALA H 85 14.42 -20.06 0.28
N VAL H 86 13.96 -20.20 -0.95
CA VAL H 86 14.39 -21.31 -1.79
C VAL H 86 15.61 -20.87 -2.59
N TYR H 87 16.53 -21.81 -2.83
CA TYR H 87 17.76 -21.53 -3.55
C TYR H 87 17.91 -22.50 -4.72
N TYR H 88 18.28 -21.98 -5.88
CA TYR H 88 18.50 -22.77 -7.09
C TYR H 88 19.91 -22.54 -7.63
N CYS H 89 20.47 -23.58 -8.25
CA CYS H 89 21.69 -23.47 -9.02
C CYS H 89 21.40 -23.77 -10.49
N GLN H 90 22.00 -23.00 -11.39
CA GLN H 90 21.82 -23.19 -12.82
C GLN H 90 23.18 -23.15 -13.52
N GLN H 91 23.44 -24.14 -14.38
CA GLN H 91 24.62 -24.10 -15.24
C GLN H 91 24.19 -23.53 -16.59
N TYR H 92 24.96 -22.56 -17.09
CA TYR H 92 24.62 -21.87 -18.33
C TYR H 92 25.78 -21.90 -19.31
N GLY H 93 26.53 -23.01 -19.32
CA GLY H 93 27.63 -23.18 -20.24
C GLY H 93 27.27 -24.03 -21.45
N SER H 94 26.71 -25.20 -21.20
CA SER H 94 26.31 -26.14 -22.25
C SER H 94 24.80 -26.19 -22.34
N SER H 95 24.28 -26.02 -23.57
CA SER H 95 22.84 -26.01 -23.77
C SER H 95 22.29 -27.44 -23.72
N PRO H 96 21.12 -27.64 -23.09
CA PRO H 96 20.28 -26.64 -22.43
C PRO H 96 20.80 -26.23 -21.04
N TYR H 97 20.43 -25.03 -20.61
CA TYR H 97 20.91 -24.46 -19.34
C TYR H 97 20.01 -24.97 -18.21
N THR H 98 20.34 -26.14 -17.68
CA THR H 98 19.46 -26.85 -16.76
C THR H 98 19.57 -26.30 -15.33
N PHE H 99 18.45 -26.35 -14.63
CA PHE H 99 18.36 -25.95 -13.23
C PHE H 99 18.37 -27.16 -12.30
N GLY H 100 18.66 -26.88 -11.01
CA GLY H 100 18.48 -27.85 -9.96
C GLY H 100 17.04 -27.84 -9.44
N GLN H 101 16.72 -28.82 -8.60
CA GLN H 101 15.35 -28.97 -8.13
C GLN H 101 15.03 -28.10 -6.92
N GLY H 102 16.01 -27.42 -6.36
CA GLY H 102 15.77 -26.43 -5.33
C GLY H 102 16.04 -26.94 -3.92
N THR H 103 16.43 -26.02 -3.04
CA THR H 103 16.63 -26.29 -1.62
C THR H 103 15.94 -25.22 -0.79
N LYS H 104 14.99 -25.63 0.04
CA LYS H 104 14.29 -24.69 0.93
C LYS H 104 15.05 -24.62 2.25
N VAL H 105 15.45 -23.41 2.64
CA VAL H 105 16.08 -23.17 3.93
C VAL H 105 15.01 -22.62 4.86
N GLU H 106 14.56 -23.44 5.79
CA GLU H 106 13.50 -23.06 6.72
C GLU H 106 14.09 -22.81 8.11
N ILE H 107 13.34 -22.05 8.90
CA ILE H 107 13.75 -21.78 10.28
C ILE H 107 13.41 -23.01 11.11
N LYS H 108 14.42 -23.62 11.72
CA LYS H 108 14.17 -24.75 12.60
C LYS H 108 13.52 -24.25 13.88
N ARG H 109 12.62 -25.05 14.43
CA ARG H 109 11.83 -24.59 15.57
C ARG H 109 11.50 -25.76 16.47
N THR H 110 10.87 -25.44 17.61
CA THR H 110 10.48 -26.44 18.57
C THR H 110 9.21 -27.13 18.08
N VAL H 111 9.11 -28.43 18.34
CA VAL H 111 7.93 -29.18 17.90
C VAL H 111 6.69 -28.55 18.52
N ALA H 112 5.80 -28.04 17.68
CA ALA H 112 4.55 -27.43 18.11
C ALA H 112 3.37 -28.18 17.51
N ALA H 113 2.43 -28.59 18.37
CA ALA H 113 1.23 -29.28 17.95
C ALA H 113 0.20 -28.29 17.39
N PRO H 114 -0.63 -28.72 16.45
CA PRO H 114 -1.59 -27.81 15.85
C PRO H 114 -2.82 -27.58 16.72
N SER H 115 -3.33 -26.35 16.68
CA SER H 115 -4.65 -26.04 17.21
C SER H 115 -5.67 -26.38 16.12
N VAL H 116 -6.61 -27.26 16.43
CA VAL H 116 -7.50 -27.85 15.43
C VAL H 116 -8.91 -27.29 15.59
N PHE H 117 -9.48 -26.83 14.49
CA PHE H 117 -10.84 -26.28 14.46
C PHE H 117 -11.59 -26.89 13.28
N ILE H 118 -12.86 -27.25 13.50
CA ILE H 118 -13.73 -27.74 12.45
C ILE H 118 -14.85 -26.75 12.23
N PHE H 119 -15.28 -26.60 10.99
CA PHE H 119 -16.30 -25.63 10.61
C PHE H 119 -17.40 -26.33 9.82
N PRO H 120 -18.63 -26.35 10.31
CA PRO H 120 -19.73 -26.89 9.50
C PRO H 120 -20.05 -25.97 8.34
N PRO H 121 -20.71 -26.47 7.30
CA PRO H 121 -21.12 -25.59 6.20
C PRO H 121 -22.17 -24.58 6.66
N SER H 122 -22.03 -23.36 6.17
CA SER H 122 -22.97 -22.30 6.53
C SER H 122 -24.34 -22.58 5.93
N ASP H 123 -25.37 -22.02 6.55
CA ASP H 123 -26.73 -22.20 6.04
C ASP H 123 -26.89 -21.65 4.62
N GLU H 124 -26.12 -20.61 4.27
CA GLU H 124 -26.22 -20.04 2.93
C GLU H 124 -25.72 -21.02 1.87
N GLN H 125 -24.63 -21.73 2.15
CA GLN H 125 -24.10 -22.66 1.15
C GLN H 125 -25.01 -23.87 0.99
N LEU H 126 -25.62 -24.34 2.08
CA LEU H 126 -26.57 -25.45 2.00
C LEU H 126 -27.72 -25.12 1.05
N LYS H 127 -28.09 -23.84 0.95
CA LYS H 127 -29.09 -23.44 -0.04
C LYS H 127 -28.59 -23.63 -1.47
N SER H 128 -27.28 -23.70 -1.67
CA SER H 128 -26.71 -23.88 -3.01
C SER H 128 -26.64 -25.35 -3.45
N GLY H 129 -27.01 -26.28 -2.57
CA GLY H 129 -26.96 -27.69 -2.88
C GLY H 129 -25.61 -28.35 -2.68
N THR H 130 -24.68 -27.67 -2.02
CA THR H 130 -23.36 -28.21 -1.74
C THR H 130 -23.00 -27.88 -0.30
N ALA H 131 -22.30 -28.80 0.36
CA ALA H 131 -21.85 -28.63 1.73
C ALA H 131 -20.34 -28.66 1.76
N SER H 132 -19.73 -27.72 2.48
CA SER H 132 -18.29 -27.66 2.62
C SER H 132 -17.96 -27.65 4.10
N VAL H 133 -17.31 -28.71 4.56
CA VAL H 133 -16.83 -28.81 5.94
C VAL H 133 -15.34 -28.51 5.92
N VAL H 134 -14.91 -27.62 6.83
CA VAL H 134 -13.55 -27.13 6.83
C VAL H 134 -12.88 -27.51 8.14
N CYS H 135 -11.65 -27.99 8.05
CA CYS H 135 -10.84 -28.38 9.20
C CYS H 135 -9.57 -27.55 9.18
N LEU H 136 -9.33 -26.80 10.24
CA LEU H 136 -8.19 -25.88 10.33
C LEU H 136 -7.17 -26.45 11.31
N LEU H 137 -5.93 -26.61 10.84
CA LEU H 137 -4.79 -26.97 11.68
C LEU H 137 -3.94 -25.72 11.78
N ASN H 138 -3.87 -25.13 12.98
CA ASN H 138 -3.36 -23.78 13.15
C ASN H 138 -2.03 -23.78 13.87
N ASN H 139 -1.02 -23.18 13.24
CA ASN H 139 0.29 -22.87 13.83
C ASN H 139 0.98 -24.08 14.44
N PHE H 140 1.57 -24.92 13.59
CA PHE H 140 2.25 -26.13 14.04
C PHE H 140 3.60 -26.25 13.35
N TYR H 141 4.45 -27.12 13.91
CA TYR H 141 5.78 -27.42 13.40
C TYR H 141 6.17 -28.79 13.95
N PRO H 142 6.76 -29.69 13.14
CA PRO H 142 7.17 -29.46 11.74
C PRO H 142 6.00 -29.42 10.75
N ARG H 143 6.32 -29.23 9.47
CA ARG H 143 5.27 -29.02 8.48
C ARG H 143 4.42 -30.27 8.24
N GLU H 144 5.01 -31.46 8.37
CA GLU H 144 4.29 -32.68 8.06
C GLU H 144 3.11 -32.89 9.00
N ALA H 145 1.92 -33.10 8.42
CA ALA H 145 0.69 -33.29 9.18
C ALA H 145 -0.30 -34.09 8.33
N LYS H 146 -1.20 -34.82 9.01
CA LYS H 146 -2.14 -35.71 8.33
C LYS H 146 -3.56 -35.47 8.83
N VAL H 147 -4.49 -35.28 7.90
CA VAL H 147 -5.91 -35.05 8.19
C VAL H 147 -6.74 -36.14 7.54
N GLN H 148 -7.62 -36.78 8.33
CA GLN H 148 -8.57 -37.77 7.82
C GLN H 148 -9.99 -37.37 8.21
N TRP H 149 -10.90 -37.40 7.23
CA TRP H 149 -12.31 -37.09 7.45
C TRP H 149 -13.10 -38.37 7.74
N LYS H 150 -14.00 -38.28 8.73
CA LYS H 150 -14.88 -39.40 9.09
C LYS H 150 -16.31 -38.90 9.22
N VAL H 151 -17.23 -39.53 8.50
CA VAL H 151 -18.63 -39.14 8.44
C VAL H 151 -19.47 -40.31 8.93
N ASP H 152 -20.02 -40.20 10.15
CA ASP H 152 -20.65 -41.33 10.84
C ASP H 152 -19.69 -42.51 10.93
N ASN H 153 -18.48 -42.21 11.38
CA ASN H 153 -17.38 -43.15 11.57
C ASN H 153 -16.90 -43.77 10.26
N ALA H 154 -17.32 -43.24 9.13
CA ALA H 154 -16.90 -43.74 7.83
C ALA H 154 -15.76 -42.86 7.29
N LEU H 155 -14.60 -43.48 7.11
CA LEU H 155 -13.44 -42.74 6.62
C LEU H 155 -13.68 -42.31 5.18
N GLN H 156 -13.45 -41.03 4.90
CA GLN H 156 -13.68 -40.50 3.57
C GLN H 156 -12.38 -40.57 2.76
N SER H 157 -12.55 -40.61 1.44
CA SER H 157 -11.40 -40.68 0.55
C SER H 157 -11.80 -40.14 -0.81
N GLY H 158 -10.96 -39.29 -1.39
CA GLY H 158 -11.19 -38.76 -2.71
C GLY H 158 -12.11 -37.56 -2.78
N ASN H 159 -12.56 -37.05 -1.64
CA ASN H 159 -13.48 -35.92 -1.61
C ASN H 159 -12.98 -34.79 -0.71
N SER H 160 -11.65 -34.65 -0.60
CA SER H 160 -11.08 -33.60 0.24
C SER H 160 -9.84 -33.04 -0.44
N GLN H 161 -9.54 -31.78 -0.14
CA GLN H 161 -8.37 -31.10 -0.66
C GLN H 161 -7.73 -30.28 0.44
N GLU H 162 -6.40 -30.16 0.39
CA GLU H 162 -5.63 -29.49 1.42
C GLU H 162 -4.90 -28.28 0.86
N SER H 163 -4.43 -27.43 1.78
CA SER H 163 -3.68 -26.23 1.43
C SER H 163 -2.84 -25.84 2.64
N VAL H 164 -1.57 -25.54 2.41
CA VAL H 164 -0.63 -25.21 3.49
CA VAL H 164 -0.63 -25.21 3.49
C VAL H 164 -0.05 -23.83 3.22
N THR H 165 0.08 -23.04 4.29
CA THR H 165 0.67 -21.70 4.22
C THR H 165 2.19 -21.79 4.28
N GLU H 166 2.85 -20.71 3.82
CA GLU H 166 4.28 -20.57 4.02
C GLU H 166 4.62 -20.46 5.50
N GLN H 167 5.89 -20.71 5.80
CA GLN H 167 6.36 -20.63 7.19
C GLN H 167 6.18 -19.22 7.72
N ASP H 168 5.60 -19.10 8.91
CA ASP H 168 5.27 -17.79 9.44
C ASP H 168 6.55 -17.03 9.77
N SER H 169 6.57 -15.74 9.45
CA SER H 169 7.78 -14.94 9.66
C SER H 169 8.02 -14.58 11.12
N LYS H 170 7.02 -14.75 11.99
CA LYS H 170 7.16 -14.44 13.41
C LYS H 170 7.29 -15.66 14.31
N ASP H 171 6.48 -16.70 14.11
CA ASP H 171 6.53 -17.88 14.97
C ASP H 171 6.98 -19.13 14.24
N SER H 172 7.36 -19.03 12.97
CA SER H 172 7.99 -20.11 12.21
C SER H 172 7.12 -21.36 12.11
N THR H 173 5.80 -21.22 12.23
CA THR H 173 4.89 -22.35 12.14
C THR H 173 4.18 -22.38 10.79
N TYR H 174 3.47 -23.48 10.54
CA TYR H 174 2.66 -23.67 9.35
C TYR H 174 1.20 -23.79 9.76
N SER H 175 0.31 -23.52 8.81
CA SER H 175 -1.12 -23.73 9.01
C SER H 175 -1.68 -24.50 7.82
N LEU H 176 -2.67 -25.36 8.10
CA LEU H 176 -3.24 -26.24 7.08
C LEU H 176 -4.75 -26.11 7.07
N SER H 177 -5.33 -26.15 5.87
CA SER H 177 -6.77 -26.07 5.68
C SER H 177 -7.21 -27.24 4.80
N SER H 178 -8.12 -28.06 5.32
CA SER H 178 -8.68 -29.20 4.58
C SER H 178 -10.17 -29.01 4.43
N THR H 179 -10.67 -29.20 3.22
CA THR H 179 -12.08 -28.99 2.89
C THR H 179 -12.69 -30.30 2.42
N LEU H 180 -13.75 -30.74 3.10
CA LEU H 180 -14.54 -31.90 2.70
C LEU H 180 -15.74 -31.41 1.90
N THR H 181 -15.94 -31.98 0.71
CA THR H 181 -16.97 -31.51 -0.20
C THR H 181 -18.00 -32.60 -0.43
N LEU H 182 -19.22 -32.38 0.06
CA LEU H 182 -20.35 -33.27 -0.17
C LEU H 182 -21.49 -32.49 -0.80
N SER H 183 -22.38 -33.21 -1.47
CA SER H 183 -23.63 -32.63 -1.93
C SER H 183 -24.58 -32.45 -0.74
N LYS H 184 -25.57 -31.56 -0.92
CA LYS H 184 -26.57 -31.36 0.12
C LYS H 184 -27.28 -32.66 0.47
N ALA H 185 -27.50 -33.52 -0.53
CA ALA H 185 -28.17 -34.79 -0.28
C ALA H 185 -27.33 -35.69 0.63
N ASP H 186 -26.08 -35.96 0.24
CA ASP H 186 -25.22 -36.80 1.05
C ASP H 186 -24.92 -36.18 2.40
N TYR H 187 -24.83 -34.84 2.46
CA TYR H 187 -24.52 -34.20 3.73
C TYR H 187 -25.61 -34.45 4.76
N GLU H 188 -26.87 -34.46 4.34
CA GLU H 188 -28.01 -34.63 5.25
C GLU H 188 -28.29 -36.09 5.57
N LYS H 189 -27.53 -37.02 5.01
CA LYS H 189 -27.70 -38.44 5.29
C LYS H 189 -26.95 -38.88 6.52
N HIS H 190 -26.11 -38.03 7.10
CA HIS H 190 -25.25 -38.40 8.20
C HIS H 190 -25.34 -37.36 9.30
N LYS H 191 -24.80 -37.70 10.47
CA LYS H 191 -24.98 -36.89 11.66
C LYS H 191 -23.68 -36.30 12.20
N VAL H 192 -22.64 -37.12 12.37
CA VAL H 192 -21.39 -36.69 12.98
C VAL H 192 -20.33 -36.50 11.89
N TYR H 193 -19.70 -35.33 11.88
CA TYR H 193 -18.64 -34.99 10.94
C TYR H 193 -17.40 -34.62 11.75
N ALA H 194 -16.30 -35.31 11.49
CA ALA H 194 -15.09 -35.14 12.28
C ALA H 194 -13.85 -35.25 11.39
N CYS H 195 -12.84 -34.45 11.72
CA CYS H 195 -11.52 -34.59 11.12
CA CYS H 195 -11.52 -34.59 11.12
C CYS H 195 -10.53 -35.00 12.20
N GLU H 196 -9.75 -36.03 11.92
CA GLU H 196 -8.75 -36.55 12.84
C GLU H 196 -7.39 -36.04 12.41
N VAL H 197 -6.65 -35.45 13.35
CA VAL H 197 -5.37 -34.81 13.06
C VAL H 197 -4.27 -35.63 13.72
N THR H 198 -3.33 -36.11 12.92
CA THR H 198 -2.13 -36.78 13.40
C THR H 198 -0.94 -35.85 13.17
N HIS H 199 -0.12 -35.67 14.21
CA HIS H 199 1.03 -34.79 14.09
C HIS H 199 2.07 -35.19 15.13
N GLN H 200 3.32 -34.81 14.84
CA GLN H 200 4.44 -35.17 15.70
C GLN H 200 4.31 -34.56 17.10
N GLY H 201 3.77 -33.35 17.18
CA GLY H 201 3.59 -32.68 18.46
C GLY H 201 2.45 -33.23 19.29
N LEU H 202 1.61 -34.09 18.71
CA LEU H 202 0.48 -34.68 19.42
C LEU H 202 0.87 -36.11 19.80
N SER H 203 0.79 -36.41 21.10
CA SER H 203 1.09 -37.76 21.55
C SER H 203 0.05 -38.77 21.08
N SER H 204 -1.08 -38.32 20.56
CA SER H 204 -2.13 -39.18 20.04
C SER H 204 -3.05 -38.35 19.16
N PRO H 205 -3.68 -38.96 18.15
CA PRO H 205 -4.50 -38.17 17.21
C PRO H 205 -5.64 -37.44 17.90
N VAL H 206 -5.78 -36.16 17.59
CA VAL H 206 -6.83 -35.30 18.12
C VAL H 206 -7.97 -35.25 17.12
N THR H 207 -9.21 -35.35 17.62
CA THR H 207 -10.41 -35.36 16.79
C THR H 207 -11.31 -34.20 17.16
N LYS H 208 -11.71 -33.42 16.15
CA LYS H 208 -12.68 -32.35 16.31
C LYS H 208 -13.90 -32.68 15.46
N SER H 209 -15.08 -32.69 16.07
CA SER H 209 -16.31 -33.11 15.41
C SER H 209 -17.42 -32.13 15.69
N PHE H 210 -18.52 -32.30 14.98
CA PHE H 210 -19.76 -31.59 15.25
C PHE H 210 -20.93 -32.46 14.81
N ASN H 211 -22.09 -32.20 15.38
CA ASN H 211 -23.32 -32.88 15.04
C ASN H 211 -24.13 -32.00 14.08
N ARG H 212 -24.49 -32.59 12.93
CA ARG H 212 -25.15 -31.85 11.85
C ARG H 212 -26.29 -31.03 12.39
N GLY H 213 -26.19 -29.74 12.25
CA GLY H 213 -27.20 -28.83 12.76
C GLY H 213 -26.86 -28.39 14.18
N GLU H 214 -27.77 -28.64 15.11
CA GLU H 214 -27.61 -28.34 16.54
C GLU H 214 -26.85 -27.06 16.83
N GLN I 1 15.51 -44.19 -37.50
CA GLN I 1 15.84 -43.81 -38.86
C GLN I 1 15.08 -42.56 -39.29
N VAL I 2 15.75 -41.68 -40.03
CA VAL I 2 15.06 -40.53 -40.63
C VAL I 2 14.25 -41.05 -41.81
N GLN I 3 12.94 -40.84 -41.76
CA GLN I 3 12.06 -41.58 -42.66
C GLN I 3 10.77 -40.79 -42.93
N LEU I 4 10.32 -40.86 -44.18
CA LEU I 4 9.05 -40.31 -44.60
C LEU I 4 8.25 -41.41 -45.29
N VAL I 5 7.02 -41.64 -44.85
CA VAL I 5 6.16 -42.67 -45.43
C VAL I 5 4.87 -42.03 -45.88
N GLU I 6 4.62 -42.08 -47.19
CA GLU I 6 3.40 -41.53 -47.80
C GLU I 6 2.36 -42.62 -47.96
N SER I 7 1.11 -42.19 -48.10
CA SER I 7 0.00 -43.12 -48.28
C SER I 7 -1.20 -42.35 -48.82
N GLY I 8 -2.24 -43.10 -49.18
CA GLY I 8 -3.50 -42.53 -49.57
C GLY I 8 -3.77 -42.42 -51.06
N GLY I 9 -2.91 -42.97 -51.91
CA GLY I 9 -3.11 -42.90 -53.34
C GLY I 9 -4.00 -43.99 -53.88
N GLY I 10 -4.40 -43.84 -55.13
CA GLY I 10 -5.26 -44.81 -55.77
C GLY I 10 -5.83 -44.24 -57.05
N VAL I 11 -6.83 -44.94 -57.56
CA VAL I 11 -7.51 -44.55 -58.80
C VAL I 11 -8.67 -43.64 -58.45
N VAL I 12 -8.85 -42.59 -59.25
CA VAL I 12 -9.91 -41.61 -59.04
C VAL I 12 -10.37 -41.08 -60.39
N GLN I 13 -11.68 -40.96 -60.57
CA GLN I 13 -12.22 -40.43 -61.79
C GLN I 13 -11.97 -38.91 -61.85
N PRO I 14 -11.86 -38.34 -63.05
CA PRO I 14 -11.57 -36.91 -63.16
C PRO I 14 -12.61 -36.05 -62.46
N GLY I 15 -12.15 -34.91 -61.94
CA GLY I 15 -12.98 -33.97 -61.24
C GLY I 15 -13.23 -34.30 -59.79
N ARG I 16 -12.98 -35.53 -59.36
CA ARG I 16 -13.15 -35.91 -57.97
C ARG I 16 -11.84 -35.68 -57.21
N SER I 17 -11.83 -36.05 -55.94
CA SER I 17 -10.78 -35.60 -55.03
C SER I 17 -10.06 -36.79 -54.40
N LEU I 18 -8.91 -36.49 -53.81
CA LEU I 18 -8.09 -37.46 -53.11
C LEU I 18 -7.21 -36.71 -52.11
N ARG I 19 -6.86 -37.40 -51.02
CA ARG I 19 -6.05 -36.80 -49.96
C ARG I 19 -4.84 -37.68 -49.67
N LEU I 20 -3.64 -37.13 -49.87
CA LEU I 20 -2.40 -37.81 -49.56
C LEU I 20 -1.90 -37.42 -48.17
N SER I 21 -1.27 -38.39 -47.49
CA SER I 21 -0.67 -38.17 -46.19
C SER I 21 0.79 -38.57 -46.22
N CYS I 22 1.55 -38.01 -45.28
CA CYS I 22 2.98 -38.28 -45.18
C CYS I 22 3.34 -38.40 -43.70
N ALA I 23 3.80 -39.57 -43.29
CA ALA I 23 4.17 -39.83 -41.90
C ALA I 23 5.68 -39.73 -41.75
N ALA I 24 6.12 -38.81 -40.90
CA ALA I 24 7.54 -38.55 -40.69
C ALA I 24 7.99 -39.09 -39.33
N SER I 25 9.25 -39.50 -39.27
CA SER I 25 9.87 -39.94 -38.03
C SER I 25 11.38 -39.85 -38.17
N GLY I 26 12.05 -39.73 -37.02
CA GLY I 26 13.49 -39.67 -36.99
C GLY I 26 14.09 -38.28 -36.97
N PHE I 27 13.28 -37.22 -36.97
CA PHE I 27 13.80 -35.86 -36.94
C PHE I 27 12.73 -34.95 -36.36
N THR I 28 13.16 -33.80 -35.86
CA THR I 28 12.26 -32.81 -35.30
C THR I 28 11.39 -32.24 -36.41
N PHE I 29 10.11 -32.62 -36.41
CA PHE I 29 9.22 -32.38 -37.54
C PHE I 29 9.04 -30.89 -37.82
N ASN I 30 8.88 -30.08 -36.78
CA ASN I 30 8.52 -28.68 -36.97
C ASN I 30 9.71 -27.77 -37.27
N ASN I 31 10.92 -28.32 -37.42
CA ASN I 31 12.06 -27.53 -37.81
C ASN I 31 12.29 -27.52 -39.32
N TYR I 32 11.40 -28.15 -40.08
CA TYR I 32 11.65 -28.37 -41.50
C TYR I 32 10.42 -28.03 -42.33
N PRO I 33 10.56 -27.20 -43.36
CA PRO I 33 9.53 -27.16 -44.40
C PRO I 33 9.50 -28.48 -45.15
N LEU I 34 8.38 -28.75 -45.81
CA LEU I 34 8.18 -30.02 -46.47
C LEU I 34 7.60 -29.80 -47.87
N HIS I 35 8.06 -30.60 -48.81
CA HIS I 35 7.67 -30.49 -50.21
C HIS I 35 6.84 -31.70 -50.61
N TRP I 36 6.00 -31.49 -51.63
CA TRP I 36 5.36 -32.57 -52.37
C TRP I 36 5.90 -32.54 -53.79
N VAL I 37 6.49 -33.64 -54.22
CA VAL I 37 7.00 -33.78 -55.58
C VAL I 37 6.34 -35.00 -56.21
N ARG I 38 5.97 -34.87 -57.47
CA ARG I 38 5.36 -35.96 -58.22
C ARG I 38 6.21 -36.28 -59.44
N GLN I 39 6.02 -37.47 -59.98
CA GLN I 39 6.80 -37.92 -61.13
C GLN I 39 5.91 -38.79 -62.00
N ALA I 40 5.52 -38.25 -63.16
CA ALA I 40 4.72 -39.02 -64.11
C ALA I 40 5.57 -40.12 -64.74
N PRO I 41 4.94 -41.19 -65.20
CA PRO I 41 5.70 -42.29 -65.84
C PRO I 41 6.49 -41.78 -67.04
N GLY I 42 7.79 -42.06 -67.02
CA GLY I 42 8.67 -41.68 -68.11
C GLY I 42 9.20 -40.27 -68.06
N LYS I 43 8.70 -39.43 -67.16
CA LYS I 43 9.12 -38.05 -67.04
C LYS I 43 10.00 -37.87 -65.80
N GLY I 44 10.59 -36.68 -65.68
CA GLY I 44 11.39 -36.35 -64.54
C GLY I 44 10.55 -35.82 -63.39
N PRO I 45 11.17 -35.62 -62.24
CA PRO I 45 10.41 -35.12 -61.08
C PRO I 45 9.92 -33.71 -61.30
N GLU I 46 8.72 -33.43 -60.80
CA GLU I 46 8.12 -32.10 -60.87
C GLU I 46 7.71 -31.67 -59.46
N TRP I 47 8.34 -30.63 -58.95
CA TRP I 47 7.97 -30.07 -57.66
C TRP I 47 6.55 -29.51 -57.71
N VAL I 48 5.74 -29.83 -56.70
CA VAL I 48 4.33 -29.44 -56.67
C VAL I 48 4.07 -28.34 -55.65
N ALA I 49 4.49 -28.54 -54.42
CA ALA I 49 4.11 -27.62 -53.35
C ALA I 49 5.08 -27.73 -52.19
N VAL I 50 5.11 -26.68 -51.37
CA VAL I 50 5.91 -26.66 -50.15
C VAL I 50 5.11 -25.91 -49.08
N ILE I 51 5.35 -26.29 -47.82
CA ILE I 51 4.73 -25.64 -46.68
C ILE I 51 5.83 -25.32 -45.66
N SER I 52 5.72 -24.15 -45.02
CA SER I 52 6.72 -23.70 -44.07
C SER I 52 6.69 -24.55 -42.80
N GLN I 53 7.57 -24.20 -41.86
CA GLN I 53 7.69 -24.99 -40.63
C GLN I 53 6.41 -24.93 -39.80
N ASP I 54 5.83 -23.73 -39.66
CA ASP I 54 4.63 -23.55 -38.85
C ASP I 54 3.34 -23.67 -39.65
N GLY I 55 3.44 -23.83 -40.97
CA GLY I 55 2.27 -23.87 -41.83
C GLY I 55 1.81 -22.52 -42.31
N GLY I 56 2.55 -21.45 -42.04
CA GLY I 56 2.12 -20.12 -42.42
C GLY I 56 2.33 -19.77 -43.88
N ASN I 57 3.27 -20.44 -44.54
CA ASN I 57 3.58 -20.16 -45.94
C ASN I 57 3.36 -21.41 -46.78
N LYS I 58 2.70 -21.23 -47.92
CA LYS I 58 2.41 -22.32 -48.85
C LYS I 58 2.62 -21.82 -50.28
N TYR I 59 3.29 -22.63 -51.09
CA TYR I 59 3.53 -22.28 -52.48
C TYR I 59 3.18 -23.47 -53.37
N TYR I 60 2.70 -23.16 -54.57
CA TYR I 60 2.18 -24.18 -55.48
C TYR I 60 2.61 -23.88 -56.90
N VAL I 61 2.74 -24.93 -57.71
CA VAL I 61 2.85 -24.76 -59.15
C VAL I 61 1.50 -24.28 -59.70
N ASP I 62 1.56 -23.46 -60.75
CA ASP I 62 0.34 -22.93 -61.34
C ASP I 62 -0.60 -24.04 -61.80
N SER I 63 -0.05 -25.19 -62.22
CA SER I 63 -0.88 -26.26 -62.74
C SER I 63 -1.86 -26.78 -61.69
N VAL I 64 -1.49 -26.72 -60.41
CA VAL I 64 -2.34 -27.20 -59.32
C VAL I 64 -2.88 -26.07 -58.47
N LYS I 65 -2.56 -24.82 -58.81
CA LYS I 65 -3.01 -23.68 -58.01
C LYS I 65 -4.53 -23.61 -58.00
N GLY I 66 -5.10 -23.55 -56.80
CA GLY I 66 -6.53 -23.49 -56.62
C GLY I 66 -7.21 -24.84 -56.50
N ARG I 67 -6.53 -25.92 -56.88
CA ARG I 67 -7.06 -27.27 -56.73
C ARG I 67 -6.41 -28.06 -55.62
N PHE I 68 -5.11 -27.87 -55.40
CA PHE I 68 -4.37 -28.57 -54.36
C PHE I 68 -4.18 -27.67 -53.14
N THR I 69 -4.13 -28.30 -51.97
CA THR I 69 -3.88 -27.59 -50.72
C THR I 69 -2.96 -28.44 -49.86
N ILE I 70 -1.81 -27.90 -49.51
CA ILE I 70 -0.86 -28.57 -48.64
C ILE I 70 -1.12 -28.12 -47.20
N SER I 71 -0.92 -29.04 -46.26
CA SER I 71 -1.13 -28.75 -44.85
C SER I 71 -0.33 -29.74 -44.02
N ARG I 72 -0.19 -29.45 -42.74
CA ARG I 72 0.62 -30.27 -41.86
C ARG I 72 0.06 -30.24 -40.45
N ASP I 73 0.23 -31.36 -39.75
CA ASP I 73 -0.17 -31.49 -38.35
C ASP I 73 1.11 -31.75 -37.56
N ASN I 74 1.69 -30.70 -36.98
CA ASN I 74 2.93 -30.86 -36.25
C ASN I 74 2.76 -31.71 -35.00
N SER I 75 1.55 -31.76 -34.43
CA SER I 75 1.31 -32.62 -33.29
C SER I 75 1.27 -34.09 -33.67
N LYS I 76 0.99 -34.40 -34.94
CA LYS I 76 0.96 -35.77 -35.41
C LYS I 76 2.14 -36.12 -36.31
N ASN I 77 3.08 -35.19 -36.51
CA ASN I 77 4.22 -35.40 -37.41
C ASN I 77 3.77 -35.86 -38.79
N THR I 78 2.72 -35.24 -39.30
CA THR I 78 2.10 -35.67 -40.55
C THR I 78 1.93 -34.50 -41.50
N LEU I 79 2.28 -34.72 -42.75
CA LEU I 79 2.08 -33.74 -43.83
C LEU I 79 0.97 -34.24 -44.75
N TYR I 80 0.16 -33.31 -45.26
CA TYR I 80 -0.97 -33.65 -46.09
C TYR I 80 -0.92 -32.88 -47.41
N LEU I 81 -1.46 -33.51 -48.46
CA LEU I 81 -1.74 -32.83 -49.72
C LEU I 81 -3.18 -33.15 -50.11
N GLN I 82 -4.02 -32.13 -50.18
CA GLN I 82 -5.43 -32.28 -50.51
C GLN I 82 -5.62 -31.94 -51.99
N MET I 83 -5.98 -32.95 -52.78
CA MET I 83 -6.08 -32.81 -54.23
C MET I 83 -7.55 -32.84 -54.62
N ASN I 84 -8.03 -31.73 -55.18
CA ASN I 84 -9.41 -31.61 -55.63
C ASN I 84 -9.44 -31.32 -57.12
N ASN I 85 -10.56 -31.66 -57.75
CA ASN I 85 -10.78 -31.43 -59.18
C ASN I 85 -9.63 -32.00 -60.01
N LEU I 86 -9.39 -33.30 -59.83
CA LEU I 86 -8.24 -33.95 -60.41
C LEU I 86 -8.38 -34.09 -61.92
N ARG I 87 -7.25 -33.95 -62.62
CA ARG I 87 -7.19 -34.08 -64.07
C ARG I 87 -6.30 -35.27 -64.43
N ALA I 88 -6.39 -35.68 -65.70
CA ALA I 88 -5.60 -36.83 -66.15
C ALA I 88 -4.11 -36.56 -66.00
N GLU I 89 -3.66 -35.36 -66.31
CA GLU I 89 -2.25 -35.00 -66.19
C GLU I 89 -1.78 -34.90 -64.75
N ASP I 90 -2.64 -35.19 -63.77
CA ASP I 90 -2.21 -35.31 -62.38
C ASP I 90 -1.72 -36.72 -62.06
N THR I 91 -1.85 -37.66 -63.00
CA THR I 91 -1.37 -39.03 -62.78
C THR I 91 0.15 -39.03 -62.63
N ALA I 92 0.62 -39.46 -61.47
CA ALA I 92 2.05 -39.50 -61.16
C ALA I 92 2.25 -40.23 -59.85
N LEU I 93 3.51 -40.53 -59.55
CA LEU I 93 3.91 -41.02 -58.23
C LEU I 93 4.27 -39.83 -57.37
N TYR I 94 3.63 -39.73 -56.20
CA TYR I 94 3.75 -38.55 -55.34
C TYR I 94 4.67 -38.83 -54.17
N TYR I 95 5.74 -38.05 -54.04
CA TYR I 95 6.65 -38.11 -52.91
C TYR I 95 6.42 -36.92 -51.98
N CYS I 96 6.60 -37.15 -50.69
CA CYS I 96 6.87 -36.04 -49.78
C CYS I 96 8.37 -36.01 -49.52
N ALA I 97 8.90 -34.80 -49.34
CA ALA I 97 10.33 -34.62 -49.18
C ALA I 97 10.60 -33.54 -48.15
N ARG I 98 11.74 -33.67 -47.47
CA ARG I 98 12.12 -32.73 -46.42
C ARG I 98 13.05 -31.67 -46.99
N ASP I 99 12.83 -30.43 -46.59
CA ASP I 99 13.60 -29.30 -47.11
C ASP I 99 15.06 -29.38 -46.65
N VAL I 100 15.96 -28.93 -47.53
CA VAL I 100 17.37 -28.79 -47.20
C VAL I 100 17.58 -27.43 -46.56
N VAL I 101 18.01 -27.41 -45.31
CA VAL I 101 18.20 -26.19 -44.55
C VAL I 101 19.69 -25.91 -44.45
N VAL I 102 20.14 -24.84 -45.09
CA VAL I 102 21.55 -24.47 -45.08
C VAL I 102 21.80 -23.57 -43.88
N VAL I 103 22.78 -23.95 -43.06
CA VAL I 103 23.13 -23.23 -41.84
C VAL I 103 24.43 -22.49 -42.09
N VAL I 104 24.40 -21.16 -41.94
CA VAL I 104 25.58 -20.32 -42.08
C VAL I 104 25.58 -19.33 -40.93
N ALA I 105 26.67 -19.33 -40.15
CA ALA I 105 26.80 -18.45 -38.99
C ALA I 105 25.64 -18.66 -38.02
N ALA I 106 25.28 -19.92 -37.79
CA ALA I 106 24.24 -20.36 -36.87
C ALA I 106 22.84 -19.89 -37.26
N ARG I 107 22.66 -19.39 -38.48
CA ARG I 107 21.35 -19.00 -38.97
C ARG I 107 20.87 -19.99 -40.02
N ASN I 108 19.59 -20.34 -39.94
CA ASN I 108 19.01 -21.32 -40.84
C ASN I 108 18.45 -20.65 -42.09
N HIS I 109 18.74 -21.25 -43.25
CA HIS I 109 18.24 -20.79 -44.54
C HIS I 109 17.49 -21.94 -45.19
N TYR I 110 16.28 -21.68 -45.64
CA TYR I 110 15.36 -22.73 -46.07
C TYR I 110 15.20 -22.71 -47.59
N TYR I 111 14.56 -23.77 -48.10
CA TYR I 111 14.28 -23.94 -49.53
C TYR I 111 15.56 -23.99 -50.36
N ASN I 112 16.35 -25.03 -50.10
CA ASN I 112 17.60 -25.26 -50.80
C ASN I 112 17.66 -26.63 -51.47
N GLY I 113 16.54 -27.35 -51.53
CA GLY I 113 16.45 -28.65 -52.14
C GLY I 113 15.73 -29.63 -51.23
N MET I 114 15.79 -30.90 -51.60
CA MET I 114 15.10 -31.96 -50.87
C MET I 114 16.07 -33.10 -50.61
N ASP I 115 16.28 -33.45 -49.34
CA ASP I 115 17.28 -34.44 -48.96
C ASP I 115 16.71 -35.77 -48.48
N VAL I 116 15.50 -35.78 -47.90
CA VAL I 116 14.89 -37.00 -47.39
C VAL I 116 13.60 -37.21 -48.17
N TRP I 117 13.54 -38.30 -48.94
CA TRP I 117 12.40 -38.60 -49.77
C TRP I 117 11.68 -39.85 -49.28
N GLY I 118 10.37 -39.91 -49.53
CA GLY I 118 9.60 -41.10 -49.26
C GLY I 118 9.62 -42.07 -50.43
N GLN I 119 8.91 -43.18 -50.26
CA GLN I 119 8.86 -44.19 -51.31
C GLN I 119 7.91 -43.81 -52.44
N GLY I 120 7.03 -42.85 -52.22
CA GLY I 120 6.10 -42.45 -53.24
C GLY I 120 4.74 -43.13 -53.08
N THR I 121 3.70 -42.44 -53.54
CA THR I 121 2.37 -42.99 -53.59
C THR I 121 1.78 -42.68 -54.96
N THR I 122 1.14 -43.68 -55.58
CA THR I 122 0.67 -43.55 -56.95
C THR I 122 -0.77 -43.06 -56.96
N VAL I 123 -1.05 -42.05 -57.77
CA VAL I 123 -2.40 -41.64 -58.08
C VAL I 123 -2.61 -41.83 -59.58
N THR I 124 -3.80 -42.29 -59.95
CA THR I 124 -4.14 -42.57 -61.34
C THR I 124 -5.51 -41.96 -61.61
N VAL I 125 -5.55 -40.91 -62.42
CA VAL I 125 -6.77 -40.19 -62.71
C VAL I 125 -7.29 -40.69 -64.05
N SER I 126 -8.39 -41.46 -64.01
CA SER I 126 -8.93 -42.06 -65.21
C SER I 126 -10.41 -42.34 -64.99
N SER I 127 -11.19 -42.23 -66.07
CA SER I 127 -12.58 -42.62 -66.06
C SER I 127 -12.77 -44.08 -66.45
N ALA I 128 -11.69 -44.83 -66.58
CA ALA I 128 -11.77 -46.21 -67.05
C ALA I 128 -12.20 -47.13 -65.92
N SER I 129 -13.03 -48.11 -66.26
CA SER I 129 -13.47 -49.09 -65.28
C SER I 129 -12.41 -50.17 -65.10
N THR I 130 -12.32 -50.68 -63.86
CA THR I 130 -11.38 -51.75 -63.57
C THR I 130 -11.64 -52.96 -64.45
N LYS I 131 -10.59 -53.48 -65.06
CA LYS I 131 -10.73 -54.61 -65.97
C LYS I 131 -9.46 -55.43 -65.96
N GLY I 132 -9.60 -56.75 -65.81
CA GLY I 132 -8.50 -57.66 -65.93
C GLY I 132 -8.10 -57.86 -67.38
N PRO I 133 -6.88 -58.33 -67.61
CA PRO I 133 -6.36 -58.40 -68.97
C PRO I 133 -6.73 -59.68 -69.70
N SER I 134 -6.85 -59.54 -71.02
CA SER I 134 -6.81 -60.70 -71.90
C SER I 134 -5.36 -61.07 -72.16
N VAL I 135 -5.06 -62.37 -72.09
CA VAL I 135 -3.70 -62.88 -72.22
C VAL I 135 -3.61 -63.66 -73.52
N PHE I 136 -2.88 -63.12 -74.50
CA PHE I 136 -2.81 -63.80 -75.78
C PHE I 136 -1.40 -64.35 -76.04
N PRO I 137 -1.30 -65.53 -76.64
CA PRO I 137 0.02 -66.13 -76.86
C PRO I 137 0.74 -65.50 -78.04
N LEU I 138 2.04 -65.26 -77.86
CA LEU I 138 2.95 -64.93 -78.95
C LEU I 138 3.68 -66.23 -79.28
N ALA I 139 3.10 -67.01 -80.18
CA ALA I 139 3.59 -68.36 -80.42
C ALA I 139 4.93 -68.31 -81.16
N PRO I 140 5.85 -69.21 -80.83
CA PRO I 140 7.12 -69.23 -81.57
C PRO I 140 6.92 -69.71 -82.99
N SER I 141 7.58 -69.04 -83.92
CA SER I 141 7.44 -69.39 -85.33
C SER I 141 8.30 -70.59 -85.70
N SER I 142 7.94 -71.23 -86.81
CA SER I 142 8.62 -72.42 -87.31
C SER I 142 9.93 -72.01 -87.99
N LYS I 143 10.95 -71.72 -87.17
CA LYS I 143 12.25 -71.30 -87.68
C LYS I 143 13.36 -72.05 -86.95
N SER I 144 14.60 -71.75 -87.34
CA SER I 144 15.80 -72.35 -86.76
C SER I 144 15.75 -73.87 -86.70
N THR I 149 18.03 -70.17 -81.33
CA THR I 149 17.16 -69.64 -80.28
C THR I 149 15.89 -69.03 -80.87
N ALA I 150 14.75 -69.37 -80.28
CA ALA I 150 13.45 -68.88 -80.72
C ALA I 150 12.89 -67.93 -79.66
N ALA I 151 11.83 -67.22 -80.05
CA ALA I 151 11.18 -66.26 -79.18
C ALA I 151 9.70 -66.58 -79.07
N LEU I 152 9.17 -66.57 -77.86
CA LEU I 152 7.75 -66.71 -77.59
C LEU I 152 7.40 -65.77 -76.45
N GLY I 153 6.10 -65.58 -76.24
CA GLY I 153 5.69 -64.68 -75.18
C GLY I 153 4.19 -64.61 -75.04
N CYS I 154 3.75 -63.65 -74.22
CA CYS I 154 2.35 -63.41 -73.94
C CYS I 154 2.03 -61.93 -74.12
N LEU I 155 0.91 -61.66 -74.77
CA LEU I 155 0.39 -60.30 -74.91
C LEU I 155 -0.65 -60.08 -73.82
N VAL I 156 -0.35 -59.17 -72.90
CA VAL I 156 -1.24 -58.86 -71.78
C VAL I 156 -1.92 -57.54 -72.13
N LYS I 157 -3.13 -57.64 -72.69
CA LYS I 157 -3.77 -56.52 -73.36
C LYS I 157 -5.03 -56.08 -72.65
N ASP I 158 -5.25 -54.76 -72.60
CA ASP I 158 -6.51 -54.14 -72.20
C ASP I 158 -6.86 -54.47 -70.74
N TYR I 159 -6.09 -53.86 -69.85
CA TYR I 159 -6.34 -53.97 -68.42
C TYR I 159 -6.24 -52.60 -67.77
N PHE I 160 -6.90 -52.46 -66.62
CA PHE I 160 -6.85 -51.23 -65.85
C PHE I 160 -7.17 -51.52 -64.40
N PRO I 161 -6.43 -50.96 -63.43
CA PRO I 161 -5.25 -50.12 -63.65
C PRO I 161 -3.95 -50.90 -63.53
N GLU I 162 -2.82 -50.19 -63.54
CA GLU I 162 -1.55 -50.79 -63.19
C GLU I 162 -1.59 -51.31 -61.75
N PRO I 163 -0.78 -52.33 -61.42
CA PRO I 163 0.05 -53.08 -62.36
C PRO I 163 -0.41 -54.52 -62.54
N VAL I 164 0.21 -55.20 -63.49
CA VAL I 164 0.14 -56.65 -63.59
C VAL I 164 1.49 -57.21 -63.17
N THR I 165 1.49 -58.50 -62.83
CA THR I 165 2.72 -59.23 -62.57
C THR I 165 2.73 -60.46 -63.45
N VAL I 166 3.84 -60.69 -64.15
CA VAL I 166 3.96 -61.78 -65.11
C VAL I 166 5.12 -62.66 -64.67
N SER I 167 4.83 -63.94 -64.50
CA SER I 167 5.86 -64.95 -64.25
C SER I 167 5.76 -66.01 -65.33
N TRP I 168 6.81 -66.83 -65.43
CA TRP I 168 6.86 -67.90 -66.41
C TRP I 168 7.09 -69.22 -65.69
N ASN I 169 6.22 -70.20 -65.98
CA ASN I 169 6.23 -71.50 -65.31
C ASN I 169 6.24 -71.33 -63.79
N SER I 170 5.39 -70.41 -63.30
CA SER I 170 5.24 -70.13 -61.88
C SER I 170 6.54 -69.63 -61.26
N GLY I 171 7.35 -68.92 -62.05
CA GLY I 171 8.60 -68.37 -61.58
C GLY I 171 9.80 -69.26 -61.81
N ALA I 172 9.59 -70.50 -62.27
CA ALA I 172 10.72 -71.40 -62.52
C ALA I 172 11.59 -70.90 -63.67
N LEU I 173 10.96 -70.35 -64.71
CA LEU I 173 11.68 -69.82 -65.87
C LEU I 173 11.90 -68.32 -65.69
N THR I 174 13.15 -67.92 -65.46
CA THR I 174 13.52 -66.52 -65.39
C THR I 174 14.59 -66.12 -66.41
N SER I 175 15.44 -67.06 -66.83
CA SER I 175 16.51 -66.74 -67.77
C SER I 175 15.94 -66.33 -69.13
N GLY I 176 16.37 -65.16 -69.61
CA GLY I 176 15.98 -64.70 -70.93
C GLY I 176 14.60 -64.13 -71.01
N VAL I 177 13.99 -63.77 -69.90
CA VAL I 177 12.64 -63.22 -69.87
C VAL I 177 12.73 -61.71 -69.98
N HIS I 178 11.84 -61.12 -70.80
CA HIS I 178 11.71 -59.67 -70.91
C HIS I 178 10.24 -59.32 -70.81
N THR I 179 9.86 -58.72 -69.67
CA THR I 179 8.52 -58.17 -69.50
C THR I 179 8.62 -56.67 -69.69
N PHE I 180 7.99 -56.16 -70.73
CA PHE I 180 8.15 -54.77 -71.08
C PHE I 180 7.23 -53.88 -70.25
N PRO I 181 7.62 -52.64 -69.99
CA PRO I 181 6.68 -51.68 -69.39
C PRO I 181 5.45 -51.54 -70.27
N ALA I 182 4.31 -51.31 -69.63
CA ALA I 182 3.06 -51.24 -70.35
C ALA I 182 2.89 -49.91 -71.04
N VAL I 183 2.18 -49.92 -72.16
CA VAL I 183 1.78 -48.70 -72.84
C VAL I 183 0.34 -48.40 -72.46
N LEU I 184 0.02 -47.11 -72.36
CA LEU I 184 -1.36 -46.68 -72.14
C LEU I 184 -1.98 -46.38 -73.50
N GLN I 185 -3.02 -47.14 -73.84
CA GLN I 185 -3.67 -46.98 -75.12
C GLN I 185 -4.69 -45.85 -75.08
N SER I 186 -5.11 -45.41 -76.27
CA SER I 186 -6.08 -44.32 -76.37
C SER I 186 -7.42 -44.69 -75.74
N SER I 187 -7.72 -45.98 -75.61
CA SER I 187 -8.94 -46.40 -74.95
C SER I 187 -8.92 -46.19 -73.45
N GLY I 188 -7.74 -45.94 -72.87
CA GLY I 188 -7.59 -45.85 -71.44
C GLY I 188 -7.18 -47.14 -70.76
N LEU I 189 -6.97 -48.20 -71.53
CA LEU I 189 -6.53 -49.49 -71.01
C LEU I 189 -5.06 -49.71 -71.34
N TYR I 190 -4.39 -50.51 -70.51
CA TYR I 190 -2.97 -50.77 -70.67
C TYR I 190 -2.73 -52.06 -71.45
N SER I 191 -1.62 -52.11 -72.16
CA SER I 191 -1.17 -53.30 -72.88
C SER I 191 0.30 -53.53 -72.60
N LEU I 192 0.68 -54.80 -72.59
CA LEU I 192 2.00 -55.20 -72.12
C LEU I 192 2.36 -56.53 -72.76
N SER I 193 3.62 -56.69 -73.12
CA SER I 193 4.13 -57.94 -73.66
C SER I 193 5.22 -58.47 -72.74
N SER I 194 5.27 -59.78 -72.60
CA SER I 194 6.31 -60.46 -71.84
C SER I 194 6.85 -61.58 -72.72
N VAL I 195 8.15 -61.55 -73.00
CA VAL I 195 8.75 -62.48 -73.95
C VAL I 195 9.87 -63.23 -73.27
N VAL I 196 10.30 -64.32 -73.91
CA VAL I 196 11.42 -65.12 -73.45
C VAL I 196 12.08 -65.76 -74.66
N THR I 197 13.40 -65.84 -74.63
CA THR I 197 14.16 -66.50 -75.69
C THR I 197 14.64 -67.86 -75.19
N VAL I 198 14.37 -68.89 -75.99
CA VAL I 198 14.63 -70.28 -75.61
C VAL I 198 15.29 -71.00 -76.78
N PRO I 199 15.99 -72.10 -76.49
CA PRO I 199 16.52 -72.91 -77.59
C PRO I 199 15.41 -73.50 -78.45
N SER I 200 15.62 -73.46 -79.77
CA SER I 200 14.61 -73.95 -80.70
C SER I 200 14.32 -75.44 -80.50
N SER I 201 15.31 -76.21 -80.03
CA SER I 201 15.12 -77.64 -79.85
C SER I 201 14.11 -77.96 -78.78
N SER I 202 14.00 -77.13 -77.75
CA SER I 202 13.12 -77.38 -76.62
C SER I 202 11.64 -77.11 -76.93
N LEU I 203 11.32 -76.63 -78.14
CA LEU I 203 9.96 -76.20 -78.43
C LEU I 203 8.97 -77.37 -78.46
N GLY I 204 9.41 -78.55 -78.87
CA GLY I 204 8.51 -79.68 -78.90
C GLY I 204 8.50 -80.56 -77.66
N THR I 205 9.30 -80.23 -76.64
CA THR I 205 9.41 -81.08 -75.46
C THR I 205 9.49 -80.25 -74.18
N GLN I 206 8.85 -79.08 -74.17
CA GLN I 206 8.92 -78.19 -73.01
C GLN I 206 7.80 -77.18 -73.10
N THR I 207 6.96 -77.12 -72.07
CA THR I 207 5.91 -76.13 -71.99
C THR I 207 6.44 -74.79 -71.49
N TYR I 208 5.85 -73.72 -72.00
CA TYR I 208 6.11 -72.37 -71.51
C TYR I 208 4.76 -71.76 -71.17
N ILE I 209 4.54 -71.53 -69.88
CA ILE I 209 3.28 -71.02 -69.36
C ILE I 209 3.54 -69.66 -68.72
N CYS I 210 2.86 -68.63 -69.22
CA CYS I 210 2.92 -67.32 -68.59
C CYS I 210 1.78 -67.17 -67.59
N ASN I 211 2.09 -66.58 -66.44
CA ASN I 211 1.13 -66.40 -65.35
C ASN I 211 0.95 -64.90 -65.14
N VAL I 212 -0.24 -64.40 -65.46
CA VAL I 212 -0.55 -62.98 -65.36
C VAL I 212 -1.50 -62.80 -64.18
N ASN I 213 -1.08 -61.99 -63.21
CA ASN I 213 -1.86 -61.71 -62.01
C ASN I 213 -2.22 -60.24 -61.98
N HIS I 214 -3.51 -59.94 -61.83
CA HIS I 214 -4.01 -58.56 -61.80
C HIS I 214 -4.90 -58.42 -60.56
N LYS I 215 -4.30 -58.00 -59.46
CA LYS I 215 -5.05 -57.86 -58.20
C LYS I 215 -6.27 -56.96 -58.30
N PRO I 216 -6.23 -55.78 -58.93
CA PRO I 216 -7.42 -54.91 -58.91
C PRO I 216 -8.69 -55.58 -59.41
N SER I 217 -8.59 -56.49 -60.36
CA SER I 217 -9.75 -57.20 -60.88
C SER I 217 -9.92 -58.58 -60.28
N ASN I 218 -9.04 -58.98 -59.35
CA ASN I 218 -9.08 -60.30 -58.71
C ASN I 218 -9.04 -61.41 -59.75
N THR I 219 -8.07 -61.33 -60.66
CA THR I 219 -7.97 -62.27 -61.76
C THR I 219 -6.57 -62.86 -61.83
N LYS I 220 -6.51 -64.16 -62.10
CA LYS I 220 -5.26 -64.85 -62.39
C LYS I 220 -5.46 -65.65 -63.68
N VAL I 221 -4.68 -65.33 -64.71
CA VAL I 221 -4.78 -66.01 -66.00
C VAL I 221 -3.44 -66.68 -66.30
N ASP I 222 -3.51 -67.96 -66.67
CA ASP I 222 -2.34 -68.73 -67.06
C ASP I 222 -2.55 -69.20 -68.49
N LYS I 223 -1.61 -68.86 -69.38
CA LYS I 223 -1.74 -69.16 -70.80
C LYS I 223 -0.60 -70.08 -71.22
N LYS I 224 -0.96 -71.18 -71.86
CA LYS I 224 0.03 -72.12 -72.39
C LYS I 224 0.41 -71.68 -73.79
N VAL I 225 1.69 -71.38 -74.00
CA VAL I 225 2.21 -70.91 -75.28
C VAL I 225 2.80 -72.11 -76.01
N GLU I 226 2.24 -72.43 -77.17
CA GLU I 226 2.62 -73.62 -77.92
C GLU I 226 2.86 -73.25 -79.38
N PRO I 227 3.73 -73.99 -80.07
CA PRO I 227 4.01 -73.69 -81.48
C PRO I 227 2.80 -73.93 -82.37
N LYS I 228 2.81 -73.24 -83.51
CA LYS I 228 1.74 -73.36 -84.49
C LYS I 228 1.99 -74.56 -85.41
N ASP J 1 9.63 -17.92 -63.77
CA ASP J 1 9.53 -19.37 -63.90
C ASP J 1 10.82 -19.86 -64.57
N ILE J 2 11.80 -20.23 -63.74
CA ILE J 2 13.16 -20.50 -64.22
C ILE J 2 13.21 -21.87 -64.86
N GLN J 3 13.56 -21.91 -66.15
CA GLN J 3 13.79 -23.16 -66.86
C GLN J 3 15.21 -23.65 -66.65
N LEU J 4 15.40 -24.96 -66.86
CA LEU J 4 16.71 -25.59 -66.72
C LEU J 4 16.91 -26.56 -67.86
N THR J 5 18.07 -26.51 -68.50
CA THR J 5 18.44 -27.43 -69.56
C THR J 5 19.70 -28.17 -69.14
N GLN J 6 19.76 -29.46 -69.48
CA GLN J 6 20.92 -30.29 -69.22
C GLN J 6 21.52 -30.79 -70.53
N SER J 7 22.84 -30.93 -70.53
CA SER J 7 23.54 -31.46 -71.68
C SER J 7 24.71 -32.28 -71.17
N PRO J 8 24.95 -33.47 -71.74
CA PRO J 8 24.09 -34.07 -72.77
C PRO J 8 22.90 -34.79 -72.15
N SER J 9 22.04 -35.36 -72.99
CA SER J 9 20.88 -36.09 -72.46
C SER J 9 21.27 -37.49 -71.99
N SER J 10 22.31 -38.08 -72.58
CA SER J 10 22.75 -39.41 -72.19
C SER J 10 24.25 -39.51 -72.37
N VAL J 11 24.87 -40.40 -71.60
CA VAL J 11 26.31 -40.63 -71.63
C VAL J 11 26.55 -42.13 -71.53
N SER J 12 27.36 -42.66 -72.46
CA SER J 12 27.77 -44.06 -72.44
C SER J 12 29.18 -44.14 -71.90
N ALA J 13 29.33 -44.56 -70.65
CA ALA J 13 30.60 -44.56 -69.95
C ALA J 13 30.92 -45.94 -69.41
N SER J 14 32.15 -46.09 -68.95
CA SER J 14 32.66 -47.33 -68.36
C SER J 14 33.17 -47.05 -66.95
N VAL J 15 33.40 -48.13 -66.20
CA VAL J 15 33.89 -47.99 -64.83
C VAL J 15 35.30 -47.41 -64.86
N GLY J 16 35.50 -46.33 -64.13
CA GLY J 16 36.77 -45.63 -64.08
C GLY J 16 36.77 -44.32 -64.83
N ASP J 17 35.82 -44.12 -65.75
CA ASP J 17 35.79 -42.90 -66.55
C ASP J 17 35.53 -41.67 -65.69
N ARG J 18 35.84 -40.52 -66.26
CA ARG J 18 35.54 -39.23 -65.65
C ARG J 18 34.36 -38.62 -66.41
N VAL J 19 33.25 -38.40 -65.71
CA VAL J 19 32.00 -38.00 -66.33
C VAL J 19 31.63 -36.60 -65.84
N THR J 20 31.25 -35.74 -66.78
CA THR J 20 30.86 -34.36 -66.49
C THR J 20 29.49 -34.10 -67.10
N ILE J 21 28.57 -33.58 -66.28
CA ILE J 21 27.23 -33.20 -66.71
C ILE J 21 27.04 -31.72 -66.44
N THR J 22 26.44 -31.02 -67.40
CA THR J 22 26.25 -29.58 -67.31
C THR J 22 24.77 -29.24 -67.25
N CYS J 23 24.48 -28.10 -66.61
CA CYS J 23 23.11 -27.62 -66.41
C CYS J 23 23.11 -26.12 -66.63
N ARG J 24 22.27 -25.65 -67.54
CA ARG J 24 22.19 -24.21 -67.84
C ARG J 24 20.80 -23.70 -67.47
N ALA J 25 20.77 -22.61 -66.73
CA ALA J 25 19.53 -21.96 -66.30
C ALA J 25 19.22 -20.76 -67.18
N SER J 26 17.91 -20.48 -67.32
CA SER J 26 17.45 -19.37 -68.15
C SER J 26 17.72 -18.01 -67.50
N GLN J 27 18.12 -17.98 -66.23
CA GLN J 27 18.57 -16.74 -65.60
C GLN J 27 19.52 -17.12 -64.48
N GLY J 28 20.26 -16.12 -63.99
CA GLY J 28 21.18 -16.32 -62.90
C GLY J 28 20.51 -16.82 -61.63
N ILE J 29 21.06 -17.87 -61.03
CA ILE J 29 20.52 -18.42 -59.79
C ILE J 29 21.63 -18.52 -58.76
N SER J 30 22.67 -17.68 -58.91
CA SER J 30 23.78 -17.59 -57.98
C SER J 30 24.38 -18.95 -57.65
N SER J 31 24.35 -19.33 -56.38
CA SER J 31 24.87 -20.62 -55.91
C SER J 31 23.76 -21.59 -55.57
N TRP J 32 22.54 -21.34 -56.05
CA TRP J 32 21.37 -22.05 -55.54
C TRP J 32 20.93 -23.13 -56.52
N LEU J 33 21.76 -24.16 -56.60
CA LEU J 33 21.51 -25.30 -57.49
C LEU J 33 21.89 -26.58 -56.77
N ALA J 34 21.12 -27.64 -57.03
CA ALA J 34 21.34 -28.94 -56.41
C ALA J 34 21.39 -30.01 -57.49
N TRP J 35 21.99 -31.15 -57.16
CA TRP J 35 22.07 -32.28 -58.07
C TRP J 35 21.44 -33.51 -57.40
N TYR J 36 20.67 -34.27 -58.19
CA TYR J 36 19.98 -35.45 -57.68
C TYR J 36 20.34 -36.67 -58.54
N GLN J 37 20.43 -37.82 -57.88
CA GLN J 37 20.65 -39.10 -58.53
C GLN J 37 19.40 -39.96 -58.37
N GLN J 38 18.97 -40.57 -59.48
CA GLN J 38 17.78 -41.41 -59.45
C GLN J 38 18.02 -42.70 -60.22
N LYS J 39 17.69 -43.82 -59.59
CA LYS J 39 17.73 -45.14 -60.18
C LYS J 39 16.30 -45.66 -60.41
N PRO J 40 16.10 -46.55 -61.37
CA PRO J 40 14.75 -47.01 -61.69
C PRO J 40 14.03 -47.58 -60.47
N GLY J 41 12.78 -47.15 -60.28
CA GLY J 41 11.97 -47.62 -59.19
C GLY J 41 12.33 -47.06 -57.83
N LYS J 42 13.15 -46.01 -57.78
CA LYS J 42 13.59 -45.42 -56.53
C LYS J 42 13.35 -43.93 -56.55
N ALA J 43 13.17 -43.35 -55.36
CA ALA J 43 13.04 -41.91 -55.24
C ALA J 43 14.37 -41.25 -55.60
N PRO J 44 14.34 -40.01 -56.10
CA PRO J 44 15.59 -39.28 -56.34
C PRO J 44 16.40 -39.14 -55.06
N LYS J 45 17.72 -39.15 -55.20
CA LYS J 45 18.64 -39.04 -54.08
C LYS J 45 19.47 -37.78 -54.23
N LEU J 46 19.53 -36.99 -53.16
CA LEU J 46 20.30 -35.76 -53.17
C LEU J 46 21.79 -36.07 -53.05
N LEU J 47 22.57 -35.54 -53.98
CA LEU J 47 24.03 -35.66 -53.97
C LEU J 47 24.70 -34.36 -53.53
N ILE J 48 24.34 -33.25 -54.19
CA ILE J 48 25.00 -31.97 -54.00
C ILE J 48 23.93 -30.90 -53.81
N TYR J 49 24.17 -30.01 -52.86
CA TYR J 49 23.37 -28.80 -52.70
C TYR J 49 24.32 -27.62 -52.65
N ALA J 50 23.80 -26.42 -52.92
CA ALA J 50 24.59 -25.21 -52.95
C ALA J 50 25.80 -25.35 -53.88
N VAL J 51 25.53 -25.87 -55.08
CA VAL J 51 26.49 -25.99 -56.17
C VAL J 51 27.57 -27.02 -55.87
N SER J 52 28.15 -26.99 -54.66
CA SER J 52 29.32 -27.82 -54.43
C SER J 52 29.39 -28.43 -53.03
N SER J 53 28.27 -28.72 -52.40
CA SER J 53 28.28 -29.20 -51.02
C SER J 53 27.75 -30.62 -51.04
N LEU J 54 28.66 -31.57 -50.83
CA LEU J 54 28.31 -32.97 -50.85
C LEU J 54 27.39 -33.28 -49.67
N GLN J 55 26.22 -33.81 -49.97
CA GLN J 55 25.35 -34.32 -48.93
C GLN J 55 26.05 -35.44 -48.18
N SER J 56 25.76 -35.54 -46.88
CA SER J 56 26.40 -36.54 -46.04
C SER J 56 26.23 -37.93 -46.62
N GLY J 57 27.33 -38.69 -46.67
CA GLY J 57 27.32 -40.03 -47.20
C GLY J 57 27.65 -40.15 -48.66
N VAL J 58 27.59 -39.05 -49.41
CA VAL J 58 27.92 -39.09 -50.84
C VAL J 58 29.43 -39.20 -50.99
N PRO J 59 29.94 -40.16 -51.78
CA PRO J 59 31.38 -40.30 -51.96
C PRO J 59 31.99 -39.05 -52.58
N SER J 60 33.25 -38.79 -52.21
CA SER J 60 33.93 -37.57 -52.64
C SER J 60 34.28 -37.56 -54.13
N ARG J 61 34.15 -38.70 -54.82
CA ARG J 61 34.34 -38.69 -56.27
C ARG J 61 33.30 -37.83 -56.97
N PHE J 62 32.19 -37.55 -56.31
CA PHE J 62 31.20 -36.60 -56.82
C PHE J 62 31.62 -35.17 -56.44
N SER J 63 31.60 -34.26 -57.40
CA SER J 63 31.90 -32.86 -57.13
C SER J 63 31.02 -32.00 -58.03
N GLY J 64 30.87 -30.74 -57.63
CA GLY J 64 30.02 -29.82 -58.36
C GLY J 64 30.62 -28.43 -58.37
N SER J 65 30.41 -27.73 -59.48
CA SER J 65 30.89 -26.35 -59.61
C SER J 65 29.91 -25.57 -60.46
N GLY J 66 30.10 -24.25 -60.49
CA GLY J 66 29.24 -23.38 -61.26
C GLY J 66 28.80 -22.14 -60.53
N SER J 67 28.23 -21.18 -61.26
CA SER J 67 27.78 -19.92 -60.69
C SER J 67 26.96 -19.15 -61.71
N GLY J 68 25.71 -18.84 -61.38
CA GLY J 68 24.88 -18.03 -62.24
C GLY J 68 24.02 -18.84 -63.19
N THR J 69 24.51 -19.05 -64.42
CA THR J 69 23.75 -19.77 -65.42
C THR J 69 24.33 -21.14 -65.79
N ASP J 70 25.60 -21.40 -65.49
CA ASP J 70 26.25 -22.64 -65.89
C ASP J 70 26.76 -23.38 -64.66
N PHE J 71 26.46 -24.67 -64.59
CA PHE J 71 26.84 -25.50 -63.46
C PHE J 71 27.30 -26.87 -63.96
N THR J 72 28.16 -27.52 -63.19
CA THR J 72 28.81 -28.75 -63.64
C THR J 72 28.82 -29.79 -62.54
N LEU J 73 28.44 -31.02 -62.88
CA LEU J 73 28.54 -32.17 -62.01
C LEU J 73 29.60 -33.11 -62.54
N THR J 74 30.59 -33.43 -61.72
CA THR J 74 31.73 -34.25 -62.13
C THR J 74 31.84 -35.50 -61.27
N ILE J 75 31.96 -36.66 -61.91
CA ILE J 75 32.28 -37.91 -61.26
C ILE J 75 33.68 -38.29 -61.73
N SER J 76 34.64 -38.30 -60.80
CA SER J 76 36.04 -38.45 -61.18
C SER J 76 36.32 -39.86 -61.71
N SER J 77 35.94 -40.89 -60.96
CA SER J 77 36.16 -42.28 -61.35
C SER J 77 34.84 -43.03 -61.16
N LEU J 78 34.13 -43.27 -62.26
CA LEU J 78 32.79 -43.83 -62.19
C LEU J 78 32.83 -45.25 -61.62
N GLN J 79 31.98 -45.50 -60.62
CA GLN J 79 31.81 -46.78 -59.98
C GLN J 79 30.49 -47.43 -60.38
N PRO J 80 30.39 -48.76 -60.29
CA PRO J 80 29.19 -49.44 -60.82
C PRO J 80 27.87 -48.90 -60.32
N GLU J 81 27.80 -48.42 -59.08
CA GLU J 81 26.58 -47.85 -58.51
C GLU J 81 26.33 -46.41 -58.95
N ASP J 82 27.06 -45.90 -59.94
CA ASP J 82 26.85 -44.54 -60.42
C ASP J 82 26.05 -44.46 -61.70
N PHE J 83 25.75 -45.60 -62.33
CA PHE J 83 24.95 -45.60 -63.57
C PHE J 83 23.50 -45.31 -63.22
N ALA J 84 23.08 -44.08 -63.45
CA ALA J 84 21.72 -43.67 -63.11
C ALA J 84 21.37 -42.45 -63.95
N THR J 85 20.21 -41.84 -63.65
CA THR J 85 19.81 -40.58 -64.25
C THR J 85 20.06 -39.46 -63.24
N TYR J 86 20.65 -38.37 -63.70
CA TYR J 86 21.04 -37.25 -62.85
C TYR J 86 20.24 -36.01 -63.22
N TYR J 87 19.74 -35.31 -62.21
CA TYR J 87 18.93 -34.12 -62.41
C TYR J 87 19.57 -32.93 -61.70
N CYS J 88 19.37 -31.75 -62.27
CA CYS J 88 19.74 -30.51 -61.63
C CYS J 88 18.47 -29.73 -61.27
N GLN J 89 18.48 -29.14 -60.08
CA GLN J 89 17.32 -28.41 -59.56
C GLN J 89 17.78 -27.06 -59.03
N GLN J 90 17.07 -26.00 -59.44
CA GLN J 90 17.33 -24.66 -58.95
C GLN J 90 16.45 -24.35 -57.75
N ALA J 91 16.93 -23.43 -56.90
CA ALA J 91 16.23 -23.08 -55.68
C ALA J 91 16.09 -21.57 -55.49
N LYS J 92 16.26 -20.78 -56.57
CA LYS J 92 16.18 -19.34 -56.42
C LYS J 92 14.75 -18.89 -56.13
N SER J 93 13.77 -19.43 -56.85
CA SER J 93 12.39 -19.02 -56.69
C SER J 93 11.47 -20.19 -57.03
N PHE J 94 10.24 -20.12 -56.51
CA PHE J 94 9.24 -21.13 -56.82
C PHE J 94 8.54 -20.79 -58.14
N PRO J 95 8.17 -21.79 -58.94
CA PRO J 95 8.29 -23.22 -58.64
C PRO J 95 9.71 -23.78 -58.79
N PHE J 96 10.10 -24.65 -57.86
CA PHE J 96 11.36 -25.39 -57.98
C PHE J 96 11.33 -26.24 -59.23
N THR J 97 12.13 -25.89 -60.23
CA THR J 97 12.14 -26.62 -61.48
C THR J 97 13.35 -27.54 -61.53
N PHE J 98 13.15 -28.71 -62.13
CA PHE J 98 14.21 -29.69 -62.36
C PHE J 98 14.67 -29.61 -63.81
N GLY J 99 15.82 -30.19 -64.06
CA GLY J 99 16.28 -30.36 -65.42
C GLY J 99 15.70 -31.61 -66.04
N PRO J 100 15.85 -31.72 -67.36
CA PRO J 100 15.34 -32.92 -68.05
C PRO J 100 16.08 -34.19 -67.69
N GLY J 101 17.26 -34.11 -67.11
CA GLY J 101 17.97 -35.30 -66.70
C GLY J 101 19.04 -35.71 -67.68
N THR J 102 20.08 -36.36 -67.17
CA THR J 102 21.12 -36.96 -67.99
C THR J 102 21.30 -38.40 -67.52
N LYS J 103 21.09 -39.35 -68.42
CA LYS J 103 21.23 -40.75 -68.09
C LYS J 103 22.66 -41.22 -68.33
N VAL J 104 23.26 -41.80 -67.30
CA VAL J 104 24.60 -42.39 -67.40
C VAL J 104 24.43 -43.87 -67.65
N GLU J 105 24.74 -44.29 -68.88
CA GLU J 105 24.53 -45.65 -69.35
C GLU J 105 25.86 -46.41 -69.39
N ILE J 106 25.75 -47.74 -69.33
CA ILE J 106 26.93 -48.60 -69.42
C ILE J 106 27.33 -48.74 -70.89
N LYS J 107 28.54 -48.30 -71.21
CA LYS J 107 29.06 -48.50 -72.56
C LYS J 107 29.48 -49.95 -72.76
N ARG J 108 29.15 -50.49 -73.93
CA ARG J 108 29.46 -51.88 -74.25
C ARG J 108 29.59 -51.99 -75.77
N THR J 109 29.83 -53.21 -76.24
CA THR J 109 30.01 -53.44 -77.67
C THR J 109 28.68 -53.39 -78.41
N VAL J 110 28.73 -52.85 -79.63
CA VAL J 110 27.56 -52.74 -80.49
C VAL J 110 27.02 -54.14 -80.76
N ALA J 111 25.79 -54.39 -80.34
CA ALA J 111 25.13 -55.67 -80.55
C ALA J 111 23.87 -55.45 -81.37
N ALA J 112 23.73 -56.18 -82.47
CA ALA J 112 22.55 -56.06 -83.30
C ALA J 112 21.37 -56.79 -82.65
N PRO J 113 20.15 -56.31 -82.87
CA PRO J 113 18.98 -56.96 -82.27
C PRO J 113 18.56 -58.21 -83.02
N SER J 114 18.14 -59.21 -82.25
CA SER J 114 17.43 -60.36 -82.81
C SER J 114 15.97 -59.96 -82.97
N VAL J 115 15.45 -60.07 -84.19
CA VAL J 115 14.14 -59.53 -84.55
C VAL J 115 13.15 -60.68 -84.76
N PHE J 116 12.01 -60.59 -84.09
CA PHE J 116 10.95 -61.58 -84.22
C PHE J 116 9.62 -60.86 -84.43
N ILE J 117 8.79 -61.39 -85.33
CA ILE J 117 7.47 -60.87 -85.59
C ILE J 117 6.45 -61.92 -85.15
N PHE J 118 5.32 -61.45 -84.62
CA PHE J 118 4.29 -62.33 -84.07
C PHE J 118 2.95 -61.93 -84.67
N PRO J 119 2.27 -62.81 -85.39
CA PRO J 119 0.92 -62.52 -85.89
C PRO J 119 -0.07 -62.48 -84.75
N PRO J 120 -1.25 -61.87 -84.95
CA PRO J 120 -2.29 -61.92 -83.92
C PRO J 120 -2.78 -63.34 -83.71
N SER J 121 -3.01 -63.68 -82.44
CA SER J 121 -3.45 -65.03 -82.08
C SER J 121 -4.88 -65.28 -82.56
N ASP J 122 -5.20 -66.56 -82.76
CA ASP J 122 -6.56 -66.92 -83.14
C ASP J 122 -7.57 -66.53 -82.07
N GLU J 123 -7.16 -66.57 -80.80
CA GLU J 123 -8.06 -66.17 -79.73
C GLU J 123 -8.39 -64.69 -79.78
N GLN J 124 -7.39 -63.87 -80.10
CA GLN J 124 -7.62 -62.42 -80.14
C GLN J 124 -8.47 -62.04 -81.34
N LEU J 125 -8.25 -62.67 -82.49
CA LEU J 125 -9.06 -62.37 -83.67
C LEU J 125 -10.53 -62.66 -83.42
N LYS J 126 -10.82 -63.67 -82.58
CA LYS J 126 -12.20 -63.95 -82.20
C LYS J 126 -12.83 -62.77 -81.47
N SER J 127 -12.02 -61.95 -80.80
CA SER J 127 -12.50 -60.81 -80.04
C SER J 127 -12.68 -59.56 -80.90
N GLY J 128 -12.33 -59.60 -82.18
CA GLY J 128 -12.50 -58.45 -83.04
C GLY J 128 -11.35 -57.46 -83.04
N THR J 129 -10.19 -57.83 -82.49
CA THR J 129 -9.03 -56.95 -82.44
C THR J 129 -7.81 -57.73 -82.91
N ALA J 130 -6.94 -57.06 -83.65
CA ALA J 130 -5.70 -57.66 -84.15
C ALA J 130 -4.51 -56.87 -83.63
N SER J 131 -3.53 -57.58 -83.07
CA SER J 131 -2.29 -56.99 -82.59
C SER J 131 -1.11 -57.77 -83.15
N VAL J 132 -0.29 -57.10 -83.95
CA VAL J 132 0.95 -57.69 -84.45
C VAL J 132 2.10 -57.11 -83.62
N VAL J 133 2.96 -57.98 -83.12
CA VAL J 133 4.02 -57.58 -82.20
C VAL J 133 5.38 -57.89 -82.83
N CYS J 134 6.30 -56.94 -82.72
CA CYS J 134 7.67 -57.06 -83.24
C CYS J 134 8.62 -56.92 -82.07
N LEU J 135 9.47 -57.93 -81.87
CA LEU J 135 10.39 -57.99 -80.74
C LEU J 135 11.83 -57.77 -81.22
N LEU J 136 12.49 -56.77 -80.64
CA LEU J 136 13.93 -56.54 -80.82
C LEU J 136 14.60 -56.92 -79.52
N ASN J 137 15.41 -57.98 -79.56
CA ASN J 137 15.90 -58.62 -78.34
C ASN J 137 17.41 -58.38 -78.19
N ASN J 138 17.79 -57.83 -77.03
CA ASN J 138 19.18 -57.75 -76.61
C ASN J 138 20.06 -57.03 -77.63
N PHE J 139 19.96 -55.71 -77.69
CA PHE J 139 20.74 -54.92 -78.63
C PHE J 139 21.36 -53.74 -77.91
N TYR J 140 22.35 -53.12 -78.58
CA TYR J 140 23.03 -51.95 -78.06
C TYR J 140 23.66 -51.23 -79.24
N PRO J 141 23.60 -49.88 -79.30
CA PRO J 141 23.00 -48.98 -78.31
C PRO J 141 21.47 -48.96 -78.34
N ARG J 142 20.88 -48.13 -77.48
CA ARG J 142 19.43 -48.13 -77.33
C ARG J 142 18.72 -47.64 -78.58
N GLU J 143 19.36 -46.76 -79.35
CA GLU J 143 18.71 -46.15 -80.50
C GLU J 143 18.31 -47.21 -81.51
N ALA J 144 17.04 -47.21 -81.87
CA ALA J 144 16.51 -48.21 -82.79
C ALA J 144 15.28 -47.65 -83.48
N LYS J 145 15.02 -48.13 -84.69
CA LYS J 145 13.92 -47.66 -85.51
C LYS J 145 13.13 -48.86 -86.00
N VAL J 146 11.82 -48.84 -85.76
CA VAL J 146 10.91 -49.89 -86.19
C VAL J 146 9.90 -49.26 -87.13
N GLN J 147 9.74 -49.86 -88.31
CA GLN J 147 8.74 -49.43 -89.27
C GLN J 147 7.82 -50.60 -89.59
N TRP J 148 6.52 -50.37 -89.47
CA TRP J 148 5.54 -51.39 -89.83
C TRP J 148 5.10 -51.17 -91.26
N LYS J 149 4.98 -52.26 -92.00
CA LYS J 149 4.55 -52.23 -93.39
C LYS J 149 3.47 -53.27 -93.62
N VAL J 150 2.34 -52.81 -94.15
CA VAL J 150 1.18 -53.67 -94.40
C VAL J 150 1.00 -53.70 -95.91
N ASP J 151 1.40 -54.81 -96.53
CA ASP J 151 1.47 -54.93 -97.99
C ASP J 151 2.35 -53.82 -98.57
N ASN J 152 3.54 -53.64 -97.99
CA ASN J 152 4.54 -52.66 -98.39
C ASN J 152 4.07 -51.23 -98.22
N ALA J 153 2.97 -50.99 -97.50
CA ALA J 153 2.49 -49.65 -97.21
C ALA J 153 2.97 -49.27 -95.81
N LEU J 154 3.81 -48.25 -95.72
CA LEU J 154 4.38 -47.86 -94.44
C LEU J 154 3.30 -47.27 -93.52
N GLN J 155 3.26 -47.77 -92.29
CA GLN J 155 2.25 -47.39 -91.31
C GLN J 155 2.75 -46.25 -90.42
N SER J 156 1.80 -45.50 -89.87
CA SER J 156 2.11 -44.40 -88.95
C SER J 156 0.88 -44.11 -88.11
N GLY J 157 1.09 -43.95 -86.80
CA GLY J 157 0.02 -43.59 -85.89
C GLY J 157 -0.79 -44.74 -85.35
N ASN J 158 -0.46 -45.98 -85.69
CA ASN J 158 -1.21 -47.14 -85.21
C ASN J 158 -0.28 -48.16 -84.56
N SER J 159 0.82 -47.70 -83.97
CA SER J 159 1.78 -48.57 -83.33
C SER J 159 2.32 -47.92 -82.06
N GLN J 160 2.74 -48.75 -81.11
CA GLN J 160 3.31 -48.29 -79.86
C GLN J 160 4.52 -49.14 -79.50
N GLU J 161 5.50 -48.49 -78.87
CA GLU J 161 6.76 -49.13 -78.52
C GLU J 161 6.96 -49.11 -77.01
N SER J 162 7.89 -49.95 -76.56
CA SER J 162 8.25 -50.05 -75.15
C SER J 162 9.65 -50.64 -75.05
N VAL J 163 10.51 -50.01 -74.26
CA VAL J 163 11.91 -50.41 -74.15
CA VAL J 163 11.91 -50.41 -74.15
C VAL J 163 12.17 -50.85 -72.71
N THR J 164 12.87 -51.97 -72.56
CA THR J 164 13.30 -52.41 -71.25
C THR J 164 14.47 -51.57 -70.78
N GLU J 165 14.68 -51.54 -69.46
CA GLU J 165 15.89 -50.94 -68.92
C GLU J 165 17.12 -51.74 -69.36
N GLN J 166 18.28 -51.10 -69.26
CA GLN J 166 19.51 -51.77 -69.65
C GLN J 166 19.72 -53.02 -68.80
N ASP J 167 20.03 -54.13 -69.45
CA ASP J 167 20.09 -55.41 -68.76
C ASP J 167 21.26 -55.45 -67.79
N SER J 168 21.02 -56.03 -66.61
CA SER J 168 22.03 -56.10 -65.58
C SER J 168 23.12 -57.12 -65.88
N LYS J 169 22.93 -57.98 -66.88
CA LYS J 169 23.88 -59.04 -67.19
C LYS J 169 24.71 -58.73 -68.42
N ASP J 170 24.07 -58.33 -69.53
CA ASP J 170 24.76 -58.07 -70.78
C ASP J 170 24.64 -56.62 -71.24
N SER J 171 24.04 -55.75 -70.43
CA SER J 171 23.98 -54.31 -70.71
C SER J 171 23.29 -53.98 -72.01
N THR J 172 22.40 -54.84 -72.49
CA THR J 172 21.66 -54.60 -73.72
C THR J 172 20.25 -54.10 -73.41
N TYR J 173 19.56 -53.65 -74.45
CA TYR J 173 18.17 -53.24 -74.37
C TYR J 173 17.31 -54.17 -75.22
N SER J 174 16.04 -54.23 -74.87
CA SER J 174 15.06 -54.96 -75.66
C SER J 174 13.87 -54.05 -75.94
N LEU J 175 13.30 -54.18 -77.13
CA LEU J 175 12.22 -53.32 -77.57
C LEU J 175 11.08 -54.18 -78.09
N SER J 176 9.86 -53.75 -77.79
CA SER J 176 8.65 -54.41 -78.27
C SER J 176 7.76 -53.35 -78.90
N SER J 177 7.44 -53.52 -80.16
CA SER J 177 6.56 -52.61 -80.89
C SER J 177 5.32 -53.37 -81.32
N THR J 178 4.15 -52.80 -81.07
CA THR J 178 2.88 -53.46 -81.33
C THR J 178 2.09 -52.65 -82.34
N LEU J 179 1.71 -53.30 -83.45
CA LEU J 179 0.81 -52.73 -84.43
C LEU J 179 -0.61 -53.21 -84.15
N THR J 180 -1.54 -52.26 -84.06
CA THR J 180 -2.92 -52.57 -83.67
C THR J 180 -3.85 -52.18 -84.81
N LEU J 181 -4.49 -53.19 -85.40
CA LEU J 181 -5.49 -52.99 -86.44
C LEU J 181 -6.79 -53.64 -86.01
N SER J 182 -7.89 -53.17 -86.61
CA SER J 182 -9.14 -53.88 -86.46
C SER J 182 -9.10 -55.17 -87.28
N LYS J 183 -9.92 -56.14 -86.88
CA LYS J 183 -9.98 -57.39 -87.62
C LYS J 183 -10.41 -57.16 -89.07
N ALA J 184 -11.23 -56.14 -89.31
CA ALA J 184 -11.61 -55.81 -90.68
C ALA J 184 -10.41 -55.40 -91.51
N ASP J 185 -9.65 -54.42 -91.02
CA ASP J 185 -8.46 -53.97 -91.74
C ASP J 185 -7.40 -55.05 -91.82
N TYR J 186 -7.26 -55.85 -90.76
CA TYR J 186 -6.24 -56.90 -90.75
C TYR J 186 -6.52 -57.94 -91.83
N GLU J 187 -7.78 -58.28 -92.05
CA GLU J 187 -8.12 -59.30 -93.02
C GLU J 187 -8.20 -58.76 -94.44
N LYS J 188 -7.98 -57.46 -94.65
CA LYS J 188 -7.92 -56.90 -95.99
C LYS J 188 -6.52 -56.97 -96.61
N HIS J 189 -5.51 -57.37 -95.84
CA HIS J 189 -4.14 -57.40 -96.34
C HIS J 189 -3.50 -58.74 -96.00
N LYS J 190 -2.36 -59.00 -96.65
CA LYS J 190 -1.70 -60.30 -96.59
C LYS J 190 -0.31 -60.23 -95.98
N VAL J 191 0.52 -59.27 -96.40
CA VAL J 191 1.92 -59.21 -96.00
C VAL J 191 2.06 -58.22 -94.85
N TYR J 192 2.59 -58.69 -93.73
CA TYR J 192 2.82 -57.87 -92.55
C TYR J 192 4.29 -58.00 -92.15
N ALA J 193 4.98 -56.87 -92.04
CA ALA J 193 6.41 -56.88 -91.76
C ALA J 193 6.77 -55.72 -90.85
N CYS J 194 7.82 -55.91 -90.06
CA CYS J 194 8.45 -54.83 -89.30
C CYS J 194 9.90 -54.71 -89.74
N GLU J 195 10.27 -53.54 -90.22
CA GLU J 195 11.63 -53.26 -90.68
C GLU J 195 12.42 -52.63 -89.54
N VAL J 196 13.58 -53.21 -89.24
CA VAL J 196 14.42 -52.78 -88.13
C VAL J 196 15.73 -52.21 -88.67
N THR J 197 15.99 -50.94 -88.38
CA THR J 197 17.28 -50.32 -88.65
C THR J 197 17.97 -50.06 -87.31
N HIS J 198 19.25 -50.44 -87.22
CA HIS J 198 20.00 -50.31 -85.99
C HIS J 198 21.48 -50.18 -86.32
N GLN J 199 22.23 -49.64 -85.36
CA GLN J 199 23.66 -49.41 -85.57
C GLN J 199 24.39 -50.72 -85.84
N GLY J 200 23.97 -51.81 -85.21
CA GLY J 200 24.57 -53.10 -85.45
C GLY J 200 24.20 -53.73 -86.77
N LEU J 201 23.23 -53.17 -87.48
CA LEU J 201 22.80 -53.70 -88.77
C LEU J 201 23.35 -52.81 -89.90
N SER J 202 24.11 -53.42 -90.81
CA SER J 202 24.62 -52.67 -91.95
C SER J 202 23.51 -52.31 -92.93
N SER J 203 22.31 -52.87 -92.76
CA SER J 203 21.18 -52.61 -93.63
C SER J 203 19.92 -53.03 -92.89
N PRO J 204 18.77 -52.41 -93.18
CA PRO J 204 17.56 -52.71 -92.40
C PRO J 204 17.18 -54.18 -92.49
N VAL J 205 16.89 -54.77 -91.33
CA VAL J 205 16.46 -56.17 -91.24
C VAL J 205 14.94 -56.19 -91.19
N THR J 206 14.34 -57.06 -92.00
CA THR J 206 12.89 -57.16 -92.10
C THR J 206 12.45 -58.58 -91.75
N LYS J 207 11.49 -58.68 -90.83
CA LYS J 207 10.83 -59.94 -90.50
C LYS J 207 9.37 -59.80 -90.88
N SER J 208 8.88 -60.73 -91.69
CA SER J 208 7.55 -60.65 -92.25
C SER J 208 6.82 -61.98 -92.10
N PHE J 209 5.52 -61.95 -92.36
CA PHE J 209 4.72 -63.16 -92.47
C PHE J 209 3.55 -62.88 -93.39
N ASN J 210 3.01 -63.96 -93.97
CA ASN J 210 1.84 -63.88 -94.83
C ASN J 210 0.63 -64.34 -94.03
N ARG J 211 -0.39 -63.48 -93.94
CA ARG J 211 -1.57 -63.77 -93.14
C ARG J 211 -2.15 -65.15 -93.46
N GLY J 212 -2.24 -65.99 -92.43
CA GLY J 212 -2.74 -67.35 -92.58
C GLY J 212 -1.69 -68.44 -92.65
N GLU J 213 -0.60 -68.18 -93.36
CA GLU J 213 0.47 -69.17 -93.50
C GLU J 213 1.33 -69.27 -92.23
C1 NAG K . -11.96 5.01 7.86
C2 NAG K . -11.44 4.10 6.75
C3 NAG K . -11.14 4.91 5.48
C4 NAG K . -12.32 5.78 5.09
C5 NAG K . -12.80 6.61 6.29
C6 NAG K . -14.05 7.40 6.01
C7 NAG K . -10.27 2.07 7.49
C8 NAG K . -8.95 1.50 7.92
N2 NAG K . -10.26 3.38 7.18
O3 NAG K . -10.82 4.02 4.42
O4 NAG K . -11.91 6.68 4.07
O5 NAG K . -13.09 5.74 7.40
O6 NAG K . -15.22 6.65 6.33
O7 NAG K . -11.28 1.40 7.42
C1 NAG K . -12.67 6.55 2.86
C2 NAG K . -12.55 7.86 2.10
C3 NAG K . -13.27 7.78 0.75
C4 NAG K . -12.79 6.57 -0.03
C5 NAG K . -12.93 5.31 0.82
C6 NAG K . -12.38 4.08 0.15
C7 NAG K . -12.36 9.60 3.83
C8 NAG K . -13.06 10.72 4.54
N2 NAG K . -13.07 8.97 2.88
O3 NAG K . -13.01 8.97 0.01
O4 NAG K . -13.55 6.42 -1.22
O5 NAG K . -12.20 5.47 2.05
O6 NAG K . -12.49 4.16 -1.26
O7 NAG K . -11.22 9.28 4.10
C1 FUC K . -16.37 7.49 6.09
C2 FUC K . -17.25 6.76 5.05
C3 FUC K . -17.88 5.48 5.64
C4 FUC K . -18.55 5.77 7.01
C5 FUC K . -17.55 6.49 7.91
C6 FUC K . -18.14 6.93 9.23
O2 FUC K . -16.55 6.48 3.84
O3 FUC K . -18.88 4.98 4.77
O4 FUC K . -19.70 6.57 6.81
O5 FUC K . -17.06 7.69 7.30
C1 NAG L . 31.67 -1.95 -20.85
C2 NAG L . 32.77 -0.89 -20.75
C3 NAG L . 34.13 -1.53 -20.56
C4 NAG L . 34.10 -2.52 -19.40
C5 NAG L . 32.93 -3.50 -19.53
C6 NAG L . 32.75 -4.37 -18.31
C7 NAG L . 31.97 1.04 -22.06
C8 NAG L . 32.11 1.81 -23.34
N2 NAG L . 32.77 -0.02 -21.92
O3 NAG L . 35.10 -0.53 -20.31
O4 NAG L . 35.31 -3.28 -19.38
O5 NAG L . 31.71 -2.76 -19.70
O6 NAG L . 32.21 -3.62 -17.24
O7 NAG L . 31.16 1.36 -21.19
C1 NAG L . 36.12 -2.91 -18.25
C2 NAG L . 37.40 -3.74 -18.26
C3 NAG L . 38.32 -3.34 -17.12
C4 NAG L . 38.57 -1.84 -17.13
C5 NAG L . 37.23 -1.09 -17.14
C6 NAG L . 37.39 0.41 -17.27
C7 NAG L . 36.90 -5.92 -19.30
C8 NAG L . 36.60 -7.37 -19.05
N2 NAG L . 37.10 -5.17 -18.20
O3 NAG L . 39.55 -4.04 -17.22
O4 NAG L . 39.32 -1.45 -15.99
O5 NAG L . 36.45 -1.51 -18.27
O6 NAG L . 38.75 0.81 -17.04
O7 NAG L . 36.96 -5.45 -20.42
C1 FUC L . 32.28 -4.44 -16.05
C2 FUC L . 32.07 -3.54 -14.80
C3 FUC L . 30.62 -3.04 -14.68
C4 FUC L . 29.62 -4.19 -14.84
C5 FUC L . 29.93 -4.96 -16.12
C6 FUC L . 29.06 -6.18 -16.32
O2 FUC L . 32.98 -2.45 -14.77
O3 FUC L . 30.40 -2.44 -13.40
O4 FUC L . 29.70 -5.06 -13.71
O5 FUC L . 31.29 -5.44 -16.12
N1 IMD M . 22.31 12.77 9.94
C2 IMD M . 21.11 12.34 9.47
N3 IMD M . 21.31 11.22 8.74
C4 IMD M . 22.63 10.93 8.75
C5 IMD M . 23.26 11.91 9.51
C1 GOL N . 19.29 15.52 13.09
O1 GOL N . 20.10 16.50 13.66
C2 GOL N . 17.95 16.21 12.74
O2 GOL N . 18.14 17.42 12.08
C3 GOL N . 17.19 15.18 11.86
O3 GOL N . 16.91 14.10 12.70
C1 GOL O . -15.20 24.78 12.59
O1 GOL O . -15.77 25.65 11.66
C2 GOL O . -14.24 23.84 11.82
O2 GOL O . -13.43 23.09 12.66
C3 GOL O . -13.43 24.77 10.89
O3 GOL O . -12.29 24.08 10.53
BR BR P . -8.26 21.03 29.16
BR BR Q . -27.53 25.45 24.06
C1 PG6 R . -45.11 22.49 23.98
O1 PG6 R . -44.77 22.60 22.62
C2 PG6 R . -43.61 23.32 22.37
C3 PG6 R . -42.45 22.36 22.10
O2 PG6 R . -41.30 23.09 21.80
C4 PG6 R . -40.10 22.45 22.13
C5 PG6 R . -40.05 22.17 23.63
O3 PG6 R . -39.61 20.86 23.86
C6 PG6 R . -39.85 20.39 25.17
C7 PG6 R . -40.80 19.20 25.12
O4 PG6 R . -40.11 18.05 24.70
C8 PG6 R . -40.78 16.86 24.97
C9 PG6 R . -40.47 15.82 23.90
O5 PG6 R . -39.32 15.11 24.23
C10 PG6 R . -39.39 14.48 25.48
C11 PG6 R . -37.99 14.13 25.99
O6 PG6 R . -38.00 14.09 27.39
C12 PG6 R . -38.90 13.18 27.95
BR BR S . -3.45 21.51 39.03
BR BR T . -9.92 23.65 49.98
C1 GOL U . 6.26 28.79 26.50
O1 GOL U . 6.18 30.19 26.41
C2 GOL U . 7.15 28.32 25.33
O2 GOL U . 8.50 28.50 25.60
C3 GOL U . 6.77 26.83 25.12
O3 GOL U . 7.87 26.21 24.54
N1 IMD V . -0.42 34.67 30.77
C2 IMD V . 0.41 34.69 29.69
N3 IMD V . 0.81 33.42 29.44
C4 IMD V . 0.23 32.60 30.34
C5 IMD V . -0.54 33.38 31.18
C1 GOL W . 15.28 57.15 61.98
O1 GOL W . 14.62 56.36 61.04
C2 GOL W . 16.39 56.29 62.62
O2 GOL W . 16.29 54.97 62.25
C3 GOL W . 17.70 56.91 62.11
O3 GOL W . 18.69 55.96 62.29
BR BR X . 31.93 64.96 81.12
BR BR Y . 17.75 20.81 32.92
BR BR Z . 15.64 -27.29 -16.30
C1 GOL AA . 31.71 -23.95 -22.76
O1 GOL AA . 32.05 -23.66 -21.44
C2 GOL AA . 30.94 -22.73 -23.32
O2 GOL AA . 30.16 -22.11 -22.35
C3 GOL AA . 32.03 -21.79 -23.89
O3 GOL AA . 31.42 -20.54 -24.08
C1 PG6 BA . 7.62 -27.68 0.21
O1 PG6 BA . 8.99 -27.78 0.49
C2 PG6 BA . 9.76 -28.14 -0.63
C3 PG6 BA . 11.25 -27.95 -0.31
O2 PG6 BA . 12.03 -28.30 -1.42
C4 PG6 BA . 12.30 -27.26 -2.30
C5 PG6 BA . 11.53 -27.47 -3.60
O3 PG6 BA . 11.64 -26.34 -4.42
C6 PG6 BA . 10.41 -25.78 -4.80
C7 PG6 BA . 9.79 -25.05 -3.62
O4 PG6 BA . 8.60 -24.43 -4.02
C8 PG6 BA . 8.79 -23.16 -4.57
C9 PG6 BA . 8.43 -22.11 -3.54
O5 PG6 BA . 9.15 -20.94 -3.79
C10 PG6 BA . 8.36 -19.79 -3.96
C11 PG6 BA . 8.03 -19.59 -5.44
O6 PG6 BA . 7.23 -18.45 -5.61
C12 PG6 BA . 5.86 -18.74 -5.78
N1 IMD CA . 12.57 -31.30 19.91
C2 IMD CA . 11.42 -31.64 20.55
N3 IMD CA . 10.68 -30.52 20.74
C4 IMD CA . 11.36 -29.48 20.22
C5 IMD CA . 12.55 -29.96 19.69
C1 PEG DA . 1.00 -69.87 -60.81
O1 PEG DA . 0.29 -68.73 -61.21
C2 PEG DA . 0.14 -71.11 -61.05
O2 PEG DA . 0.13 -71.91 -59.91
C3 PEG DA . -0.87 -71.57 -59.00
C4 PEG DA . -0.39 -71.87 -57.57
O4 PEG DA . -0.51 -70.71 -56.80
C1 PEG EA . -14.97 -32.56 -52.22
O1 PEG EA . -16.03 -31.66 -52.41
C2 PEG EA . -15.31 -33.48 -51.04
O2 PEG EA . -14.12 -34.01 -50.51
C3 PEG EA . -13.21 -33.06 -50.07
C4 PEG EA . -12.68 -33.45 -48.69
O4 PEG EA . -12.32 -32.29 -47.98
BR BR FA . 9.99 -20.26 -43.48
BR BR GA . -1.53 -26.52 -41.84
BR BR HA . -7.60 -65.73 -71.70
BR BR IA . 4.41 -53.75 -74.44
BR BR JA . 17.45 -19.73 -36.52
I IOD KA . 15.37 -56.77 -68.55
N1 IMD LA . 31.03 -36.84 -70.43
C2 IMD LA . 32.08 -36.27 -69.80
N3 IMD LA . 32.96 -37.24 -69.46
C4 IMD LA . 32.47 -38.42 -69.89
C5 IMD LA . 31.25 -38.17 -70.50
BR BR MA . 23.37 -14.61 -60.38
BR BR NA . -5.82 -60.69 -98.77
#